data_7QYI
#
_entry.id   7QYI
#
_cell.length_a   1.000
_cell.length_b   1.000
_cell.length_c   1.000
_cell.angle_alpha   90.00
_cell.angle_beta   90.00
_cell.angle_gamma   90.00
#
_symmetry.space_group_name_H-M   'P 1'
#
_entity_poly.entity_id   1
_entity_poly.type   'polypeptide(L)'
_entity_poly.pdbx_seq_one_letter_code
;IQNNERETLVNSIKTAIQYSKIQAIHLGHPIYLLPFGSNENWSRGMVLAKLNQTTNKTELIHQWQWSSNSWNINWKGVDS
NHRIIISNIPNRAMSNGKFILNNKRTNEKVVVTLNRLGRVRVGGN
;
_entity_poly.pdbx_strand_id   A
#
# COMPACT_ATOMS: atom_id res chain seq x y z
N ILE A 1 -3.00 -19.51 22.16
CA ILE A 1 -2.41 -18.17 22.16
C ILE A 1 -1.50 -17.99 20.94
N GLN A 2 -1.98 -17.25 19.94
CA GLN A 2 -1.25 -16.98 18.71
C GLN A 2 -1.37 -15.50 18.35
N ASN A 3 -0.98 -14.63 19.29
CA ASN A 3 -1.02 -13.19 19.09
C ASN A 3 0.20 -12.73 18.29
N ASN A 4 0.39 -13.31 17.11
CA ASN A 4 1.53 -13.01 16.26
C ASN A 4 1.29 -11.71 15.49
N GLU A 5 1.95 -10.63 15.93
CA GLU A 5 1.82 -9.33 15.29
C GLU A 5 2.64 -9.24 14.01
N ARG A 6 2.93 -10.38 13.39
CA ARG A 6 3.72 -10.41 12.17
C ARG A 6 2.82 -10.35 10.95
N GLU A 7 1.82 -11.23 10.91
CA GLU A 7 0.92 -11.33 9.78
C GLU A 7 -0.18 -10.26 9.83
N THR A 8 -0.16 -9.40 10.86
CA THR A 8 -1.10 -8.30 10.91
C THR A 8 -0.51 -7.06 10.23
N LEU A 9 0.75 -7.16 9.83
CA LEU A 9 1.40 -6.15 9.00
C LEU A 9 1.59 -6.67 7.58
N VAL A 10 0.92 -7.76 7.26
CA VAL A 10 0.90 -8.32 5.91
C VAL A 10 -0.53 -8.31 5.43
N ASN A 11 -1.43 -8.85 6.27
CA ASN A 11 -2.85 -8.87 5.96
C ASN A 11 -3.49 -7.50 6.19
N SER A 12 -2.67 -6.49 6.52
CA SER A 12 -3.14 -5.12 6.58
C SER A 12 -2.32 -4.19 5.68
N ILE A 13 -1.46 -4.76 4.82
CA ILE A 13 -0.82 -3.99 3.76
C ILE A 13 -1.22 -4.56 2.40
N LYS A 14 -1.69 -5.81 2.37
CA LYS A 14 -2.29 -6.38 1.18
C LYS A 14 -3.80 -6.14 1.19
N THR A 15 -4.28 -5.45 2.23
CA THR A 15 -5.68 -5.09 2.39
C THR A 15 -5.83 -3.59 2.70
N ALA A 16 -4.82 -2.83 2.29
CA ALA A 16 -4.86 -1.37 2.33
C ALA A 16 -4.47 -0.81 0.97
N ILE A 17 -4.44 -1.67 -0.05
CA ILE A 17 -4.30 -1.30 -1.44
C ILE A 17 -5.46 -1.91 -2.24
N GLN A 18 -6.19 -2.84 -1.61
CA GLN A 18 -7.36 -3.45 -2.22
C GLN A 18 -8.63 -2.69 -1.85
N TYR A 19 -8.57 -1.86 -0.81
CA TYR A 19 -9.69 -1.00 -0.50
C TYR A 19 -9.55 0.33 -1.22
N SER A 20 -8.38 0.59 -1.81
CA SER A 20 -8.14 1.85 -2.50
C SER A 20 -8.32 1.70 -4.00
N LYS A 21 -8.30 0.47 -4.53
CA LYS A 21 -8.56 0.27 -5.94
C LYS A 21 -10.05 0.34 -6.24
N ILE A 22 -10.84 0.73 -5.25
CA ILE A 22 -12.25 1.04 -5.42
C ILE A 22 -12.52 2.53 -5.14
N GLN A 23 -11.62 3.21 -4.43
CA GLN A 23 -11.72 4.66 -4.23
C GLN A 23 -11.16 5.44 -5.42
N ALA A 24 -10.67 4.74 -6.42
CA ALA A 24 -10.30 5.32 -7.71
C ALA A 24 -11.39 5.08 -8.75
N ILE A 25 -11.79 3.81 -8.93
CA ILE A 25 -12.72 3.43 -9.99
C ILE A 25 -14.12 3.98 -9.67
N HIS A 26 -14.32 4.49 -8.45
CA HIS A 26 -15.60 5.05 -8.06
C HIS A 26 -15.58 6.59 -8.06
N LEU A 27 -14.47 7.20 -8.49
CA LEU A 27 -14.41 8.65 -8.65
C LEU A 27 -13.97 9.03 -10.05
N GLY A 28 -13.74 8.04 -10.93
CA GLY A 28 -13.40 8.29 -12.32
C GLY A 28 -12.04 8.96 -12.47
N HIS A 29 -11.20 8.91 -11.43
CA HIS A 29 -9.88 9.52 -11.44
C HIS A 29 -8.98 8.83 -10.42
N PRO A 30 -7.65 8.84 -10.62
CA PRO A 30 -6.71 8.17 -9.76
C PRO A 30 -6.59 8.85 -8.39
N ILE A 31 -6.05 8.09 -7.43
CA ILE A 31 -5.83 8.53 -6.05
C ILE A 31 -4.39 8.23 -5.65
N TYR A 32 -3.95 8.84 -4.55
CA TYR A 32 -2.56 8.76 -4.14
C TYR A 32 -2.40 8.13 -2.76
N LEU A 33 -1.95 6.86 -2.75
CA LEU A 33 -1.68 6.17 -1.51
C LEU A 33 -0.28 6.55 -1.04
N LEU A 34 -0.20 7.41 -0.03
CA LEU A 34 1.06 7.92 0.51
C LEU A 34 1.36 7.27 1.85
N PRO A 35 2.62 7.24 2.29
CA PRO A 35 2.98 6.83 3.63
C PRO A 35 2.53 7.90 4.62
N PHE A 36 2.23 7.50 5.86
CA PHE A 36 1.82 8.43 6.91
C PHE A 36 3.00 9.29 7.33
N GLY A 37 3.02 10.55 6.91
CA GLY A 37 4.14 11.45 7.12
C GLY A 37 5.22 11.15 6.10
N SER A 38 4.95 11.51 4.84
CA SER A 38 5.80 11.16 3.70
C SER A 38 7.05 12.03 3.59
N ASN A 39 7.85 12.06 4.67
CA ASN A 39 9.15 12.70 4.63
C ASN A 39 10.20 11.86 5.37
N GLU A 40 9.96 10.55 5.53
CA GLU A 40 10.92 9.65 6.16
C GLU A 40 10.88 8.27 5.53
N ASN A 41 9.87 7.46 5.89
CA ASN A 41 9.71 6.08 5.42
C ASN A 41 8.28 5.62 5.63
N TRP A 42 7.87 4.55 4.94
CA TRP A 42 6.53 3.97 5.09
C TRP A 42 6.35 3.23 6.42
N SER A 43 7.14 3.58 7.45
CA SER A 43 7.17 2.78 8.67
C SER A 43 6.38 3.42 9.82
N ARG A 44 5.39 4.26 9.49
CA ARG A 44 4.47 4.82 10.48
C ARG A 44 3.03 4.78 9.96
N GLY A 45 2.75 3.85 9.05
CA GLY A 45 1.42 3.70 8.48
C GLY A 45 1.32 4.24 7.05
N MET A 46 0.14 4.13 6.46
CA MET A 46 -0.16 4.62 5.12
C MET A 46 -1.51 5.33 5.10
N VAL A 47 -1.65 6.29 4.19
CA VAL A 47 -2.82 7.15 4.08
C VAL A 47 -3.27 7.29 2.64
N LEU A 48 -4.51 6.86 2.37
CA LEU A 48 -5.15 6.99 1.08
C LEU A 48 -5.67 8.41 0.93
N ALA A 49 -5.12 9.19 0.00
CA ALA A 49 -5.52 10.57 -0.20
C ALA A 49 -5.86 10.87 -1.66
N LYS A 50 -6.99 11.55 -1.89
CA LYS A 50 -7.42 11.95 -3.22
C LYS A 50 -7.32 13.46 -3.40
N LEU A 51 -7.03 13.88 -4.63
CA LEU A 51 -6.98 15.30 -4.96
C LEU A 51 -8.32 15.74 -5.54
N ASN A 52 -8.89 16.80 -4.98
CA ASN A 52 -10.18 17.31 -5.41
C ASN A 52 -9.95 18.37 -6.50
N GLN A 53 -10.22 18.00 -7.75
CA GLN A 53 -9.90 18.85 -8.89
C GLN A 53 -10.84 20.07 -9.02
N THR A 54 -11.44 20.53 -7.92
CA THR A 54 -12.23 21.76 -7.94
C THR A 54 -11.94 22.64 -6.73
N THR A 55 -11.04 22.20 -5.83
CA THR A 55 -10.60 23.00 -4.69
C THR A 55 -9.14 22.71 -4.36
N ASN A 56 -8.38 22.25 -5.36
CA ASN A 56 -6.96 21.89 -5.28
C ASN A 56 -6.47 21.56 -3.86
N LYS A 57 -7.12 20.61 -3.20
CA LYS A 57 -6.73 20.17 -1.86
C LYS A 57 -6.74 18.66 -1.72
N THR A 58 -5.71 18.13 -1.07
CA THR A 58 -5.53 16.69 -0.83
C THR A 58 -6.44 16.22 0.31
N GLU A 59 -7.53 15.53 -0.04
CA GLU A 59 -8.50 15.03 0.92
C GLU A 59 -8.12 13.64 1.42
N LEU A 60 -7.96 13.49 2.74
CA LEU A 60 -7.57 12.24 3.38
C LEU A 60 -8.79 11.33 3.48
N ILE A 61 -8.72 10.11 2.93
CA ILE A 61 -9.86 9.21 2.92
C ILE A 61 -9.75 8.17 4.05
N HIS A 62 -8.59 7.51 4.16
CA HIS A 62 -8.35 6.45 5.13
C HIS A 62 -6.93 6.51 5.70
N GLN A 63 -6.77 6.10 6.96
CA GLN A 63 -5.50 6.13 7.66
C GLN A 63 -5.21 4.80 8.36
N TRP A 64 -4.25 4.03 7.84
CA TRP A 64 -3.78 2.81 8.51
C TRP A 64 -2.49 3.12 9.26
N GLN A 65 -2.56 3.24 10.58
CA GLN A 65 -1.40 3.54 11.41
C GLN A 65 -0.98 2.32 12.21
N TRP A 66 0.27 1.86 11.98
CA TRP A 66 0.81 0.68 12.64
C TRP A 66 1.03 0.93 14.13
N SER A 67 0.16 0.39 14.98
CA SER A 67 0.28 0.54 16.43
C SER A 67 1.28 -0.46 17.01
N SER A 68 2.23 -0.92 16.19
CA SER A 68 3.31 -1.79 16.62
C SER A 68 4.61 -1.33 15.97
N ASN A 69 5.47 -0.66 16.74
CA ASN A 69 6.71 -0.09 16.22
C ASN A 69 7.83 -1.14 16.22
N SER A 70 7.60 -2.29 15.58
CA SER A 70 8.62 -3.32 15.45
C SER A 70 8.69 -3.89 14.04
N TRP A 71 8.23 -3.13 13.04
CA TRP A 71 8.32 -3.54 11.65
C TRP A 71 8.78 -2.38 10.78
N ASN A 72 10.06 -2.40 10.37
CA ASN A 72 10.58 -1.40 9.47
C ASN A 72 10.07 -1.68 8.06
N ILE A 73 9.09 -0.90 7.61
CA ILE A 73 8.48 -1.05 6.30
C ILE A 73 9.39 -0.44 5.24
N ASN A 74 10.11 -1.27 4.47
CA ASN A 74 11.03 -0.78 3.47
C ASN A 74 10.54 -1.13 2.07
N TRP A 75 10.00 -0.13 1.37
CA TRP A 75 9.41 -0.24 0.05
C TRP A 75 10.47 -0.36 -1.06
N LYS A 76 10.66 -1.58 -1.58
CA LYS A 76 11.52 -1.84 -2.73
C LYS A 76 10.78 -1.54 -4.04
N GLY A 77 10.28 -0.31 -4.17
CA GLY A 77 9.64 0.13 -5.41
C GLY A 77 10.69 0.56 -6.43
N VAL A 78 10.38 0.41 -7.73
CA VAL A 78 11.30 0.81 -8.79
C VAL A 78 11.09 2.29 -9.15
N ASP A 79 10.56 3.05 -8.19
CA ASP A 79 10.23 4.46 -8.33
C ASP A 79 10.71 5.23 -7.10
N SER A 80 11.57 6.24 -7.30
CA SER A 80 12.06 7.06 -6.19
C SER A 80 10.99 8.08 -5.76
N ASN A 81 9.73 7.64 -5.78
CA ASN A 81 8.56 8.45 -5.45
C ASN A 81 7.63 7.62 -4.55
N HIS A 82 7.61 7.90 -3.26
CA HIS A 82 6.78 7.17 -2.30
C HIS A 82 5.31 7.57 -2.41
N ARG A 83 4.73 7.44 -3.62
CA ARG A 83 3.35 7.72 -3.91
C ARG A 83 2.81 6.66 -4.87
N ILE A 84 2.01 5.71 -4.35
CA ILE A 84 1.45 4.66 -5.17
C ILE A 84 0.21 5.20 -5.86
N ILE A 85 0.32 5.50 -7.16
CA ILE A 85 -0.78 6.04 -7.96
C ILE A 85 -1.72 4.91 -8.33
N ILE A 86 -2.88 4.84 -7.66
CA ILE A 86 -3.88 3.84 -7.96
C ILE A 86 -4.75 4.32 -9.12
N SER A 87 -4.52 3.75 -10.32
CA SER A 87 -5.30 4.08 -11.50
C SER A 87 -6.75 3.61 -11.32
N ASN A 88 -7.70 4.43 -11.76
CA ASN A 88 -9.13 4.15 -11.59
C ASN A 88 -9.65 3.11 -12.58
N ILE A 89 -8.83 2.11 -12.91
CA ILE A 89 -9.21 1.01 -13.79
C ILE A 89 -8.54 -0.28 -13.31
N PRO A 90 -9.24 -1.42 -13.42
CA PRO A 90 -8.83 -2.68 -12.86
C PRO A 90 -7.66 -3.35 -13.59
N ASN A 91 -7.20 -2.80 -14.72
CA ASN A 91 -6.14 -3.42 -15.50
C ASN A 91 -4.97 -2.46 -15.80
N ARG A 92 -4.78 -1.43 -14.96
CA ARG A 92 -3.66 -0.52 -15.11
C ARG A 92 -3.24 0.05 -13.75
N ALA A 93 -3.29 -0.77 -12.69
CA ALA A 93 -3.13 -0.28 -11.33
C ALA A 93 -2.18 -1.16 -10.52
N MET A 94 -0.95 -1.37 -11.01
CA MET A 94 0.04 -2.15 -10.29
C MET A 94 1.40 -1.45 -10.31
N SER A 95 1.76 -0.85 -9.18
CA SER A 95 3.04 -0.20 -8.98
C SER A 95 4.08 -1.25 -8.59
N ASN A 96 4.97 -1.59 -9.54
CA ASN A 96 5.99 -2.61 -9.33
C ASN A 96 6.86 -2.29 -8.11
N GLY A 97 6.63 -3.01 -7.02
CA GLY A 97 7.37 -2.86 -5.78
C GLY A 97 6.86 -3.82 -4.72
N LYS A 98 7.67 -4.05 -3.68
CA LYS A 98 7.33 -4.96 -2.59
C LYS A 98 7.80 -4.39 -1.25
N PHE A 99 6.94 -4.45 -0.22
CA PHE A 99 7.29 -3.99 1.11
C PHE A 99 8.07 -5.06 1.87
N ILE A 100 9.35 -4.80 2.15
CA ILE A 100 10.17 -5.67 2.97
C ILE A 100 10.03 -5.23 4.43
N LEU A 101 9.27 -6.00 5.23
CA LEU A 101 9.15 -5.75 6.65
C LEU A 101 10.31 -6.39 7.39
N ASN A 102 10.95 -5.65 8.29
CA ASN A 102 12.10 -6.14 9.04
C ASN A 102 12.01 -5.79 10.52
N ASN A 103 11.98 -6.81 11.39
CA ASN A 103 12.00 -6.62 12.83
C ASN A 103 13.44 -6.73 13.33
N LYS A 104 14.06 -5.59 13.65
CA LYS A 104 15.49 -5.52 13.93
C LYS A 104 15.89 -5.81 15.38
N ARG A 105 15.06 -6.57 16.11
CA ARG A 105 15.43 -7.07 17.44
C ARG A 105 15.05 -8.53 17.63
N THR A 106 14.52 -9.13 16.56
CA THR A 106 14.23 -10.55 16.48
C THR A 106 14.34 -10.97 15.02
N ASN A 107 15.52 -10.69 14.45
CA ASN A 107 15.85 -10.77 13.03
C ASN A 107 14.87 -11.60 12.21
N GLU A 108 13.76 -10.97 11.82
CA GLU A 108 12.74 -11.55 10.96
C GLU A 108 12.46 -10.62 9.78
N LYS A 109 12.27 -11.19 8.59
CA LYS A 109 12.06 -10.42 7.37
C LYS A 109 10.90 -10.99 6.58
N VAL A 110 9.91 -10.15 6.29
CA VAL A 110 8.66 -10.56 5.66
C VAL A 110 8.43 -9.78 4.37
N VAL A 111 8.58 -10.45 3.22
CA VAL A 111 8.45 -9.82 1.91
C VAL A 111 7.00 -9.83 1.44
N VAL A 112 6.33 -8.69 1.49
CA VAL A 112 4.97 -8.56 0.99
C VAL A 112 4.99 -8.38 -0.53
N THR A 113 4.65 -9.44 -1.25
CA THR A 113 4.56 -9.42 -2.70
C THR A 113 3.19 -8.94 -3.14
N LEU A 114 3.15 -7.82 -3.87
CA LEU A 114 1.90 -7.29 -4.43
C LEU A 114 1.54 -8.05 -5.70
N ASN A 115 1.42 -9.39 -5.60
CA ASN A 115 1.07 -10.23 -6.73
C ASN A 115 -0.44 -10.22 -6.97
N ARG A 116 -1.01 -9.02 -7.14
CA ARG A 116 -2.44 -8.83 -7.34
C ARG A 116 -2.80 -9.02 -8.82
N LEU A 117 -2.45 -10.18 -9.38
CA LEU A 117 -2.68 -10.49 -10.78
C LEU A 117 -3.24 -11.91 -10.91
N GLY A 118 -4.55 -12.01 -11.16
CA GLY A 118 -5.23 -13.30 -11.27
C GLY A 118 -5.07 -13.94 -12.64
N ARG A 119 -4.47 -13.22 -13.60
CA ARG A 119 -4.27 -13.75 -14.95
C ARG A 119 -3.21 -14.83 -14.94
N VAL A 120 -3.64 -16.10 -15.05
CA VAL A 120 -2.77 -17.25 -15.08
C VAL A 120 -1.92 -17.25 -16.34
N ARG A 121 -0.63 -17.59 -16.21
CA ARG A 121 0.32 -17.67 -17.30
C ARG A 121 0.12 -18.93 -18.15
N VAL A 122 -1.10 -19.13 -18.65
CA VAL A 122 -1.45 -20.29 -19.47
C VAL A 122 -0.73 -20.24 -20.82
N GLY A 123 0.31 -21.07 -20.96
CA GLY A 123 1.09 -21.14 -22.19
C GLY A 123 2.20 -22.18 -22.07
N GLY A 124 2.96 -22.35 -23.15
CA GLY A 124 4.06 -23.31 -23.20
C GLY A 124 3.55 -24.74 -23.31
N ASN A 125 4.46 -25.71 -23.17
CA ASN A 125 4.14 -27.13 -23.25
C ASN A 125 3.30 -27.56 -22.05
N ILE A 1 0.61 -16.63 24.92
CA ILE A 1 1.36 -15.49 24.34
C ILE A 1 1.26 -15.47 22.81
N GLN A 2 0.02 -15.38 22.30
CA GLN A 2 -0.24 -15.38 20.86
C GLN A 2 0.04 -14.00 20.25
N ASN A 3 1.25 -13.48 20.45
CA ASN A 3 1.68 -12.17 19.94
C ASN A 3 1.99 -12.26 18.44
N ASN A 4 1.02 -12.71 17.64
CA ASN A 4 1.19 -12.83 16.20
C ASN A 4 1.02 -11.46 15.53
N GLU A 5 1.80 -10.46 15.95
CA GLU A 5 1.73 -9.12 15.40
C GLU A 5 2.55 -9.01 14.11
N ARG A 6 2.77 -10.13 13.43
CA ARG A 6 3.52 -10.13 12.19
C ARG A 6 2.58 -10.10 11.00
N GLU A 7 1.61 -11.01 10.98
CA GLU A 7 0.67 -11.09 9.88
C GLU A 7 -0.30 -9.92 9.90
N THR A 8 -0.30 -9.12 10.97
CA THR A 8 -1.20 -7.97 11.03
C THR A 8 -0.58 -6.78 10.28
N LEU A 9 0.68 -6.93 9.85
CA LEU A 9 1.34 -5.96 9.01
C LEU A 9 1.53 -6.52 7.59
N VAL A 10 0.85 -7.62 7.29
CA VAL A 10 0.80 -8.17 5.95
C VAL A 10 -0.64 -8.21 5.49
N ASN A 11 -1.53 -8.66 6.37
CA ASN A 11 -2.96 -8.64 6.12
C ASN A 11 -3.54 -7.25 6.32
N SER A 12 -2.69 -6.26 6.57
CA SER A 12 -3.11 -4.86 6.57
C SER A 12 -2.22 -3.99 5.67
N ILE A 13 -1.44 -4.60 4.78
CA ILE A 13 -0.74 -3.87 3.72
C ILE A 13 -1.08 -4.48 2.36
N LYS A 14 -1.55 -5.74 2.33
CA LYS A 14 -2.11 -6.31 1.11
C LYS A 14 -3.61 -6.11 1.10
N THR A 15 -4.14 -5.40 2.10
CA THR A 15 -5.54 -5.02 2.15
C THR A 15 -5.69 -3.56 2.55
N ALA A 16 -4.64 -2.79 2.28
CA ALA A 16 -4.66 -1.34 2.37
C ALA A 16 -4.36 -0.74 1.00
N ILE A 17 -4.35 -1.62 -0.01
CA ILE A 17 -4.31 -1.24 -1.41
C ILE A 17 -5.52 -1.83 -2.12
N GLN A 18 -6.17 -2.81 -1.49
CA GLN A 18 -7.40 -3.39 -2.00
C GLN A 18 -8.61 -2.60 -1.53
N TYR A 19 -8.35 -1.51 -0.82
CA TYR A 19 -9.36 -0.52 -0.50
C TYR A 19 -8.85 0.85 -0.94
N SER A 20 -7.72 0.86 -1.65
CA SER A 20 -7.16 2.08 -2.20
C SER A 20 -7.29 2.10 -3.71
N LYS A 21 -8.01 1.12 -4.28
CA LYS A 21 -8.38 1.14 -5.69
C LYS A 21 -9.89 1.08 -5.87
N ILE A 22 -10.63 0.97 -4.76
CA ILE A 22 -12.09 1.04 -4.76
C ILE A 22 -12.53 2.48 -4.51
N GLN A 23 -11.63 3.30 -3.97
CA GLN A 23 -11.84 4.74 -3.84
C GLN A 23 -11.28 5.48 -5.06
N ALA A 24 -10.81 4.72 -6.04
CA ALA A 24 -10.42 5.21 -7.35
C ALA A 24 -11.51 4.95 -8.37
N ILE A 25 -11.97 3.69 -8.46
CA ILE A 25 -12.95 3.28 -9.46
C ILE A 25 -14.32 3.86 -9.12
N HIS A 26 -14.44 4.48 -7.95
CA HIS A 26 -15.68 5.10 -7.52
C HIS A 26 -15.62 6.63 -7.60
N LEU A 27 -14.51 7.18 -8.09
CA LEU A 27 -14.39 8.61 -8.33
C LEU A 27 -13.96 8.88 -9.78
N GLY A 28 -13.80 7.82 -10.58
CA GLY A 28 -13.49 7.95 -12.00
C GLY A 28 -12.10 8.53 -12.26
N HIS A 29 -11.23 8.58 -11.25
CA HIS A 29 -9.89 9.13 -11.40
C HIS A 29 -8.93 8.55 -10.37
N PRO A 30 -7.62 8.58 -10.64
CA PRO A 30 -6.60 8.03 -9.76
C PRO A 30 -6.56 8.69 -8.39
N ILE A 31 -6.03 7.96 -7.41
CA ILE A 31 -5.87 8.41 -6.04
C ILE A 31 -4.49 8.02 -5.54
N TYR A 32 -4.01 8.72 -4.52
CA TYR A 32 -2.64 8.62 -4.06
C TYR A 32 -2.54 7.97 -2.68
N LEU A 33 -1.89 6.81 -2.60
CA LEU A 33 -1.61 6.15 -1.34
C LEU A 33 -0.24 6.61 -0.84
N LEU A 34 -0.23 7.50 0.15
CA LEU A 34 1.00 8.04 0.73
C LEU A 34 1.29 7.35 2.07
N PRO A 35 2.53 7.44 2.57
CA PRO A 35 2.87 7.03 3.91
C PRO A 35 2.23 8.02 4.90
N PHE A 36 2.03 7.61 6.15
CA PHE A 36 1.39 8.47 7.14
C PHE A 36 2.27 9.67 7.48
N GLY A 37 1.79 10.88 7.16
CA GLY A 37 2.49 12.12 7.43
C GLY A 37 3.59 12.40 6.40
N SER A 38 4.25 13.55 6.54
CA SER A 38 5.33 13.98 5.67
C SER A 38 6.61 13.22 6.00
N ASN A 39 6.59 11.90 5.81
CA ASN A 39 7.70 11.01 6.12
C ASN A 39 7.94 10.04 4.97
N GLU A 40 9.14 10.08 4.39
CA GLU A 40 9.53 9.17 3.31
C GLU A 40 9.80 7.76 3.86
N ASN A 41 9.12 7.39 4.94
CA ASN A 41 9.25 6.10 5.61
C ASN A 41 7.87 5.57 5.94
N TRP A 42 7.46 4.47 5.29
CA TRP A 42 6.14 3.89 5.50
C TRP A 42 6.03 3.19 6.85
N SER A 43 6.85 3.57 7.83
CA SER A 43 6.92 2.88 9.11
C SER A 43 6.16 3.62 10.21
N ARG A 44 5.16 4.44 9.82
CA ARG A 44 4.28 5.10 10.76
C ARG A 44 2.83 5.00 10.29
N GLY A 45 2.53 4.00 9.47
CA GLY A 45 1.23 3.82 8.87
C GLY A 45 1.20 4.37 7.44
N MET A 46 0.05 4.24 6.77
CA MET A 46 -0.17 4.75 5.42
C MET A 46 -1.54 5.44 5.34
N VAL A 47 -1.66 6.41 4.43
CA VAL A 47 -2.87 7.21 4.28
C VAL A 47 -3.28 7.35 2.82
N LEU A 48 -4.54 7.06 2.54
CA LEU A 48 -5.15 7.25 1.24
C LEU A 48 -5.52 8.72 1.10
N ALA A 49 -5.06 9.41 0.05
CA ALA A 49 -5.38 10.81 -0.18
C ALA A 49 -5.74 11.07 -1.63
N LYS A 50 -6.86 11.77 -1.85
CA LYS A 50 -7.31 12.17 -3.18
C LYS A 50 -7.17 13.68 -3.35
N LEU A 51 -6.84 14.10 -4.57
CA LEU A 51 -6.72 15.51 -4.90
C LEU A 51 -8.04 16.01 -5.48
N ASN A 52 -8.57 17.11 -4.93
CA ASN A 52 -9.81 17.69 -5.42
C ASN A 52 -9.46 18.81 -6.39
N GLN A 53 -9.64 18.56 -7.69
CA GLN A 53 -9.19 19.47 -8.73
C GLN A 53 -10.12 20.69 -8.89
N THR A 54 -10.86 21.07 -7.84
CA THR A 54 -11.67 22.28 -7.88
C THR A 54 -11.53 23.09 -6.59
N THR A 55 -10.70 22.61 -5.66
CA THR A 55 -10.35 23.35 -4.44
C THR A 55 -8.89 23.07 -4.05
N ASN A 56 -8.07 22.69 -5.03
CA ASN A 56 -6.65 22.36 -4.90
C ASN A 56 -6.22 21.96 -3.48
N LYS A 57 -6.87 20.95 -2.90
CA LYS A 57 -6.54 20.46 -1.57
C LYS A 57 -6.50 18.94 -1.50
N THR A 58 -5.54 18.41 -0.76
CA THR A 58 -5.35 16.98 -0.57
C THR A 58 -6.34 16.46 0.48
N GLU A 59 -7.39 15.77 0.02
CA GLU A 59 -8.45 15.25 0.87
C GLU A 59 -8.10 13.85 1.36
N LEU A 60 -7.71 13.75 2.64
CA LEU A 60 -7.38 12.49 3.29
C LEU A 60 -8.62 11.61 3.42
N ILE A 61 -8.56 10.37 2.93
CA ILE A 61 -9.71 9.48 2.93
C ILE A 61 -9.64 8.44 4.05
N HIS A 62 -8.48 7.78 4.21
CA HIS A 62 -8.34 6.67 5.16
C HIS A 62 -6.96 6.66 5.80
N GLN A 63 -6.85 6.19 7.05
CA GLN A 63 -5.59 6.08 7.76
C GLN A 63 -5.38 4.68 8.34
N TRP A 64 -4.37 3.96 7.84
CA TRP A 64 -3.97 2.68 8.43
C TRP A 64 -2.77 2.92 9.34
N GLN A 65 -3.00 2.91 10.66
CA GLN A 65 -1.96 3.11 11.66
C GLN A 65 -1.42 1.77 12.16
N TRP A 66 -0.12 1.57 12.00
CA TRP A 66 0.55 0.35 12.46
C TRP A 66 0.59 0.30 13.98
N SER A 67 -0.26 -0.53 14.60
CA SER A 67 -0.27 -0.70 16.05
C SER A 67 0.84 -1.63 16.53
N SER A 68 1.92 -1.74 15.75
CA SER A 68 3.11 -2.51 16.12
C SER A 68 4.35 -1.75 15.68
N ASN A 69 5.04 -1.12 16.63
CA ASN A 69 6.22 -0.32 16.33
C ASN A 69 7.48 -1.17 16.27
N SER A 70 7.43 -2.30 15.56
CA SER A 70 8.58 -3.17 15.37
C SER A 70 8.70 -3.65 13.93
N TRP A 71 8.18 -2.87 12.97
CA TRP A 71 8.25 -3.25 11.56
C TRP A 71 8.65 -2.04 10.70
N ASN A 72 9.90 -2.03 10.26
CA ASN A 72 10.38 -0.99 9.35
C ASN A 72 9.90 -1.35 7.94
N ILE A 73 8.87 -0.63 7.47
CA ILE A 73 8.26 -0.89 6.17
C ILE A 73 9.09 -0.26 5.06
N ASN A 74 9.84 -1.08 4.32
CA ASN A 74 10.67 -0.59 3.22
C ASN A 74 10.06 -0.98 1.87
N TRP A 75 9.45 0.00 1.19
CA TRP A 75 8.89 -0.19 -0.14
C TRP A 75 10.01 -0.13 -1.17
N LYS A 76 10.40 -1.30 -1.71
CA LYS A 76 11.44 -1.38 -2.73
C LYS A 76 10.82 -1.54 -4.10
N GLY A 77 9.95 -0.60 -4.47
CA GLY A 77 9.30 -0.57 -5.78
C GLY A 77 10.25 -0.02 -6.85
N VAL A 78 9.84 -0.13 -8.11
CA VAL A 78 10.65 0.36 -9.23
C VAL A 78 10.48 1.88 -9.41
N ASP A 79 10.12 2.57 -8.32
CA ASP A 79 9.90 4.01 -8.32
C ASP A 79 10.30 4.58 -6.96
N SER A 80 11.41 5.32 -6.90
CA SER A 80 11.89 5.94 -5.67
C SER A 80 11.05 7.18 -5.31
N ASN A 81 9.73 6.99 -5.22
CA ASN A 81 8.77 8.01 -4.85
C ASN A 81 7.75 7.41 -3.89
N HIS A 82 7.68 7.93 -2.65
CA HIS A 82 6.78 7.40 -1.64
C HIS A 82 5.33 7.84 -1.88
N ARG A 83 4.84 7.63 -3.10
CA ARG A 83 3.45 7.89 -3.47
C ARG A 83 3.00 6.84 -4.50
N ILE A 84 2.21 5.86 -4.06
CA ILE A 84 1.71 4.83 -4.95
C ILE A 84 0.46 5.35 -5.67
N ILE A 85 0.61 5.70 -6.95
CA ILE A 85 -0.48 6.19 -7.77
C ILE A 85 -1.40 5.03 -8.16
N ILE A 86 -2.56 4.92 -7.53
CA ILE A 86 -3.51 3.86 -7.82
C ILE A 86 -4.48 4.29 -8.91
N SER A 87 -4.29 3.79 -10.13
CA SER A 87 -5.15 4.07 -11.27
C SER A 87 -6.56 3.52 -11.02
N ASN A 88 -7.59 4.28 -11.43
CA ASN A 88 -8.98 3.92 -11.19
C ASN A 88 -9.49 2.82 -12.12
N ILE A 89 -8.63 1.86 -12.48
CA ILE A 89 -8.97 0.76 -13.38
C ILE A 89 -8.17 -0.49 -13.00
N PRO A 90 -8.77 -1.68 -13.14
CA PRO A 90 -8.24 -2.93 -12.63
C PRO A 90 -7.03 -3.48 -13.39
N ASN A 91 -6.69 -2.96 -14.58
CA ASN A 91 -5.59 -3.53 -15.35
C ASN A 91 -4.65 -2.48 -15.93
N ARG A 92 -4.57 -1.30 -15.30
CA ARG A 92 -3.57 -0.29 -15.65
C ARG A 92 -2.98 0.34 -14.38
N ALA A 93 -2.67 -0.51 -13.40
CA ALA A 93 -2.08 -0.08 -12.13
C ALA A 93 -0.91 -1.01 -11.79
N MET A 94 0.05 -1.12 -12.70
CA MET A 94 1.18 -2.03 -12.58
C MET A 94 2.29 -1.45 -11.71
N SER A 95 1.96 -1.05 -10.48
CA SER A 95 2.92 -0.54 -9.51
C SER A 95 3.71 -1.70 -8.92
N ASN A 96 4.60 -2.29 -9.72
CA ASN A 96 5.40 -3.44 -9.32
C ASN A 96 6.41 -3.08 -8.24
N GLY A 97 6.12 -3.50 -7.00
CA GLY A 97 7.02 -3.25 -5.88
C GLY A 97 6.69 -4.18 -4.71
N LYS A 98 7.59 -4.22 -3.73
CA LYS A 98 7.46 -5.11 -2.58
C LYS A 98 7.79 -4.40 -1.27
N PHE A 99 6.93 -4.59 -0.26
CA PHE A 99 7.15 -4.07 1.08
C PHE A 99 7.99 -5.05 1.88
N ILE A 100 9.25 -4.70 2.17
CA ILE A 100 10.12 -5.50 3.02
C ILE A 100 9.94 -5.03 4.47
N LEU A 101 9.23 -5.82 5.27
CA LEU A 101 9.05 -5.53 6.69
C LEU A 101 10.22 -6.11 7.48
N ASN A 102 11.13 -5.24 7.91
CA ASN A 102 12.34 -5.62 8.62
C ASN A 102 12.23 -5.33 10.11
N ASN A 103 12.17 -6.40 10.93
CA ASN A 103 12.12 -6.26 12.37
C ASN A 103 13.52 -6.40 12.96
N LYS A 104 14.12 -5.27 13.37
CA LYS A 104 15.51 -5.22 13.81
C LYS A 104 15.69 -5.58 15.28
N ARG A 105 14.78 -6.38 15.86
CA ARG A 105 14.94 -6.86 17.23
C ARG A 105 14.64 -8.35 17.37
N THR A 106 14.39 -9.00 16.23
CA THR A 106 14.23 -10.45 16.16
C THR A 106 14.70 -10.98 14.80
N ASN A 107 15.59 -10.21 14.16
CA ASN A 107 16.16 -10.49 12.84
C ASN A 107 15.15 -11.17 11.90
N GLU A 108 13.99 -10.53 11.69
CA GLU A 108 12.94 -11.06 10.84
C GLU A 108 12.70 -10.13 9.65
N LYS A 109 12.50 -10.73 8.47
CA LYS A 109 12.29 -9.98 7.24
C LYS A 109 11.15 -10.57 6.43
N VAL A 110 10.02 -9.86 6.40
CA VAL A 110 8.80 -10.31 5.73
C VAL A 110 8.63 -9.56 4.41
N VAL A 111 8.89 -10.24 3.29
CA VAL A 111 8.81 -9.62 1.97
C VAL A 111 7.42 -9.82 1.35
N VAL A 112 6.61 -8.75 1.35
CA VAL A 112 5.30 -8.75 0.70
C VAL A 112 5.50 -8.53 -0.79
N THR A 113 5.37 -9.60 -1.58
CA THR A 113 5.59 -9.56 -3.03
C THR A 113 4.34 -9.09 -3.78
N LEU A 114 4.36 -7.85 -4.26
CA LEU A 114 3.30 -7.29 -5.09
C LEU A 114 3.89 -6.72 -6.37
N ASN A 115 4.74 -7.52 -7.05
CA ASN A 115 5.42 -7.11 -8.26
C ASN A 115 4.51 -7.28 -9.48
N ARG A 116 3.32 -6.66 -9.45
CA ARG A 116 2.37 -6.75 -10.55
C ARG A 116 2.87 -5.94 -11.73
N LEU A 117 3.37 -6.63 -12.77
CA LEU A 117 3.90 -5.99 -13.96
C LEU A 117 3.16 -6.52 -15.20
N GLY A 118 2.18 -5.76 -15.68
CA GLY A 118 1.42 -6.08 -16.89
C GLY A 118 0.50 -7.29 -16.72
N ARG A 119 0.42 -7.86 -15.50
CA ARG A 119 -0.40 -9.04 -15.25
C ARG A 119 -1.89 -8.68 -15.22
N VAL A 120 -2.59 -9.04 -16.29
CA VAL A 120 -4.04 -8.86 -16.40
C VAL A 120 -4.75 -9.77 -15.41
N ARG A 121 -5.85 -9.29 -14.81
CA ARG A 121 -6.62 -10.05 -13.84
C ARG A 121 -7.02 -11.42 -14.39
N VAL A 122 -6.75 -12.48 -13.64
CA VAL A 122 -7.06 -13.85 -14.04
C VAL A 122 -8.57 -14.07 -14.09
N GLY A 123 -9.13 -14.09 -15.30
CA GLY A 123 -10.56 -14.30 -15.50
C GLY A 123 -11.36 -13.04 -15.14
N GLY A 124 -12.66 -13.05 -15.44
CA GLY A 124 -13.54 -11.92 -15.13
C GLY A 124 -13.20 -10.70 -15.97
N ASN A 125 -12.47 -10.88 -17.08
CA ASN A 125 -12.02 -9.79 -17.94
C ASN A 125 -13.20 -9.00 -18.48
N ILE A 1 -1.40 -16.23 25.14
CA ILE A 1 -1.87 -15.36 24.06
C ILE A 1 -0.75 -15.16 23.03
N GLN A 2 -0.86 -15.83 21.88
CA GLN A 2 0.12 -15.74 20.80
C GLN A 2 0.04 -14.37 20.14
N ASN A 3 1.01 -13.51 20.44
CA ASN A 3 1.09 -12.16 19.87
C ASN A 3 1.56 -12.23 18.41
N ASN A 4 0.66 -12.60 17.50
CA ASN A 4 0.94 -12.69 16.08
C ASN A 4 0.94 -11.31 15.43
N GLU A 5 1.76 -10.39 15.95
CA GLU A 5 1.85 -9.03 15.41
C GLU A 5 2.64 -9.00 14.10
N ARG A 6 2.71 -10.14 13.41
CA ARG A 6 3.43 -10.25 12.15
C ARG A 6 2.45 -10.33 11.00
N GLU A 7 1.49 -11.25 11.13
CA GLU A 7 0.46 -11.45 10.12
C GLU A 7 -0.67 -10.44 10.26
N THR A 8 -0.38 -9.35 10.95
CA THR A 8 -1.27 -8.20 11.01
C THR A 8 -0.56 -6.98 10.43
N LEU A 9 0.56 -7.23 9.77
CA LEU A 9 1.28 -6.26 8.98
C LEU A 9 1.59 -6.83 7.59
N VAL A 10 0.79 -7.81 7.20
CA VAL A 10 0.79 -8.39 5.88
C VAL A 10 -0.65 -8.49 5.40
N ASN A 11 -1.52 -8.96 6.30
CA ASN A 11 -2.95 -8.99 6.06
C ASN A 11 -3.61 -7.64 6.32
N SER A 12 -2.79 -6.64 6.66
CA SER A 12 -3.25 -5.26 6.77
C SER A 12 -2.44 -4.32 5.87
N ILE A 13 -1.71 -4.90 4.91
CA ILE A 13 -1.08 -4.16 3.83
C ILE A 13 -1.64 -4.64 2.50
N LYS A 14 -1.74 -5.95 2.29
CA LYS A 14 -2.23 -6.48 1.01
C LYS A 14 -3.75 -6.37 0.95
N THR A 15 -4.36 -5.69 1.92
CA THR A 15 -5.76 -5.32 1.86
C THR A 15 -5.91 -3.81 2.09
N ALA A 16 -4.78 -3.11 2.19
CA ALA A 16 -4.79 -1.66 2.21
C ALA A 16 -4.55 -1.14 0.80
N ILE A 17 -4.36 -2.05 -0.17
CA ILE A 17 -4.34 -1.73 -1.58
C ILE A 17 -5.68 -2.13 -2.22
N GLN A 18 -6.42 -3.01 -1.53
CA GLN A 18 -7.69 -3.52 -2.01
C GLN A 18 -8.85 -2.66 -1.55
N TYR A 19 -8.52 -1.53 -0.93
CA TYR A 19 -9.48 -0.49 -0.62
C TYR A 19 -8.92 0.84 -1.09
N SER A 20 -7.78 0.79 -1.78
CA SER A 20 -7.20 1.98 -2.39
C SER A 20 -7.30 1.94 -3.91
N LYS A 21 -8.02 0.95 -4.45
CA LYS A 21 -8.38 0.94 -5.87
C LYS A 21 -9.90 0.94 -6.05
N ILE A 22 -10.63 0.92 -4.94
CA ILE A 22 -12.08 1.02 -4.94
C ILE A 22 -12.45 2.50 -4.86
N GLN A 23 -11.74 3.25 -4.01
CA GLN A 23 -11.91 4.69 -3.91
C GLN A 23 -11.34 5.42 -5.13
N ALA A 24 -10.88 4.66 -6.13
CA ALA A 24 -10.51 5.17 -7.43
C ALA A 24 -11.64 4.93 -8.43
N ILE A 25 -12.05 3.68 -8.58
CA ILE A 25 -13.05 3.29 -9.57
C ILE A 25 -14.43 3.84 -9.19
N HIS A 26 -14.56 4.40 -7.98
CA HIS A 26 -15.81 4.98 -7.53
C HIS A 26 -15.76 6.51 -7.54
N LEU A 27 -14.66 7.11 -8.01
CA LEU A 27 -14.59 8.55 -8.20
C LEU A 27 -14.16 8.89 -9.63
N GLY A 28 -14.00 7.87 -10.48
CA GLY A 28 -13.69 8.05 -11.89
C GLY A 28 -12.32 8.67 -12.13
N HIS A 29 -11.44 8.67 -11.13
CA HIS A 29 -10.11 9.27 -11.27
C HIS A 29 -9.12 8.63 -10.28
N PRO A 30 -7.81 8.71 -10.58
CA PRO A 30 -6.76 8.14 -9.75
C PRO A 30 -6.71 8.73 -8.35
N ILE A 31 -6.15 7.95 -7.41
CA ILE A 31 -5.96 8.34 -6.02
C ILE A 31 -4.56 7.93 -5.58
N TYR A 32 -4.07 8.57 -4.51
CA TYR A 32 -2.68 8.43 -4.11
C TYR A 32 -2.54 7.78 -2.73
N LEU A 33 -1.88 6.62 -2.68
CA LEU A 33 -1.60 5.93 -1.43
C LEU A 33 -0.19 6.31 -0.96
N LEU A 34 -0.11 7.20 0.05
CA LEU A 34 1.13 7.70 0.60
C LEU A 34 1.48 7.00 1.91
N PRO A 35 2.74 7.05 2.35
CA PRO A 35 3.15 6.62 3.66
C PRO A 35 2.61 7.62 4.68
N PHE A 36 2.35 7.18 5.91
CA PHE A 36 1.78 8.06 6.92
C PHE A 36 2.89 8.85 7.63
N GLY A 37 3.71 9.56 6.84
CA GLY A 37 4.79 10.39 7.34
C GLY A 37 5.74 10.77 6.21
N SER A 38 6.42 11.91 6.34
CA SER A 38 7.34 12.41 5.33
C SER A 38 8.72 11.77 5.47
N ASN A 39 8.76 10.44 5.46
CA ASN A 39 10.00 9.68 5.56
C ASN A 39 9.99 8.52 4.57
N GLU A 40 11.18 8.15 4.06
CA GLU A 40 11.35 7.04 3.13
C GLU A 40 11.20 5.69 3.84
N ASN A 41 10.45 5.66 4.94
CA ASN A 41 10.15 4.47 5.72
C ASN A 41 8.68 4.49 6.07
N TRP A 42 7.90 3.57 5.48
CA TRP A 42 6.46 3.47 5.71
C TRP A 42 6.17 2.87 7.08
N SER A 43 7.05 3.09 8.06
CA SER A 43 6.98 2.42 9.36
C SER A 43 6.07 3.16 10.35
N ARG A 44 5.11 3.94 9.85
CA ARG A 44 4.09 4.56 10.69
C ARG A 44 2.71 4.41 10.05
N GLY A 45 2.54 3.40 9.19
CA GLY A 45 1.29 3.15 8.50
C GLY A 45 1.25 3.82 7.13
N MET A 46 0.09 3.73 6.46
CA MET A 46 -0.14 4.30 5.15
C MET A 46 -1.48 5.01 5.10
N VAL A 47 -1.59 6.04 4.25
CA VAL A 47 -2.76 6.91 4.18
C VAL A 47 -3.20 7.13 2.73
N LEU A 48 -4.47 6.85 2.47
CA LEU A 48 -5.09 7.08 1.17
C LEU A 48 -5.47 8.56 1.06
N ALA A 49 -5.00 9.25 0.01
CA ALA A 49 -5.28 10.65 -0.20
C ALA A 49 -5.68 10.93 -1.65
N LYS A 50 -6.90 11.44 -1.86
CA LYS A 50 -7.38 11.84 -3.17
C LYS A 50 -7.19 13.33 -3.37
N LEU A 51 -6.89 13.74 -4.60
CA LEU A 51 -6.72 15.15 -4.90
C LEU A 51 -8.02 15.73 -5.45
N ASN A 52 -8.51 16.78 -4.78
CA ASN A 52 -9.73 17.44 -5.19
C ASN A 52 -9.41 18.38 -6.34
N GLN A 53 -9.79 17.98 -7.57
CA GLN A 53 -9.41 18.69 -8.79
C GLN A 53 -10.13 20.03 -8.96
N THR A 54 -10.59 20.66 -7.87
CA THR A 54 -11.16 22.00 -7.92
C THR A 54 -10.65 22.88 -6.80
N THR A 55 -9.79 22.34 -5.92
CA THR A 55 -9.13 23.12 -4.88
C THR A 55 -7.71 22.59 -4.63
N ASN A 56 -7.11 21.94 -5.63
CA ASN A 56 -5.79 21.34 -5.59
C ASN A 56 -5.30 20.97 -4.19
N LYS A 57 -6.07 20.15 -3.46
CA LYS A 57 -5.71 19.72 -2.11
C LYS A 57 -5.92 18.22 -1.91
N THR A 58 -5.03 17.60 -1.14
CA THR A 58 -5.08 16.17 -0.81
C THR A 58 -6.09 15.91 0.31
N GLU A 59 -7.25 15.37 -0.05
CA GLU A 59 -8.30 15.01 0.87
C GLU A 59 -8.05 13.59 1.39
N LEU A 60 -7.59 13.50 2.65
CA LEU A 60 -7.29 12.23 3.31
C LEU A 60 -8.54 11.38 3.45
N ILE A 61 -8.50 10.12 2.97
CA ILE A 61 -9.68 9.25 2.98
C ILE A 61 -9.60 8.22 4.12
N HIS A 62 -8.47 7.53 4.24
CA HIS A 62 -8.32 6.43 5.19
C HIS A 62 -6.91 6.38 5.78
N GLN A 63 -6.79 5.97 7.05
CA GLN A 63 -5.51 5.85 7.73
C GLN A 63 -5.30 4.45 8.30
N TRP A 64 -4.43 3.66 7.66
CA TRP A 64 -4.03 2.37 8.19
C TRP A 64 -2.77 2.54 9.04
N GLN A 65 -2.91 2.50 10.37
CA GLN A 65 -1.78 2.73 11.26
C GLN A 65 -1.60 1.57 12.24
N TRP A 66 -0.58 0.73 11.98
CA TRP A 66 -0.16 -0.31 12.89
C TRP A 66 0.74 0.30 13.98
N SER A 67 0.17 0.47 15.18
CA SER A 67 0.88 1.04 16.32
C SER A 67 1.83 0.02 16.97
N SER A 68 2.73 -0.54 16.16
CA SER A 68 3.72 -1.51 16.61
C SER A 68 5.07 -1.15 16.02
N ASN A 69 5.96 -0.57 16.83
CA ASN A 69 7.27 -0.12 16.37
C ASN A 69 8.29 -1.25 16.36
N SER A 70 7.98 -2.35 15.67
CA SER A 70 8.91 -3.45 15.48
C SER A 70 8.91 -3.94 14.04
N TRP A 71 8.49 -3.09 13.11
CA TRP A 71 8.47 -3.44 11.71
C TRP A 71 8.90 -2.27 10.83
N ASN A 72 10.14 -2.34 10.32
CA ASN A 72 10.64 -1.36 9.38
C ASN A 72 10.04 -1.66 8.00
N ILE A 73 9.06 -0.88 7.57
CA ILE A 73 8.36 -1.10 6.31
C ILE A 73 9.13 -0.44 5.17
N ASN A 74 9.84 -1.24 4.38
CA ASN A 74 10.63 -0.73 3.28
C ASN A 74 9.98 -1.06 1.93
N TRP A 75 9.35 -0.07 1.30
CA TRP A 75 8.77 -0.21 -0.03
C TRP A 75 9.88 -0.24 -1.08
N LYS A 76 10.24 -1.43 -1.56
CA LYS A 76 11.25 -1.60 -2.59
C LYS A 76 10.65 -1.40 -3.97
N GLY A 77 10.15 -0.19 -4.24
CA GLY A 77 9.61 0.17 -5.54
C GLY A 77 10.70 0.19 -6.61
N VAL A 78 10.30 0.29 -7.88
CA VAL A 78 11.22 0.30 -9.02
C VAL A 78 11.88 1.68 -9.18
N ASP A 79 12.53 2.15 -8.12
CA ASP A 79 13.21 3.44 -8.10
C ASP A 79 12.23 4.57 -8.38
N SER A 80 11.16 4.63 -7.58
CA SER A 80 10.08 5.58 -7.76
C SER A 80 9.68 6.20 -6.41
N ASN A 81 9.26 7.48 -6.45
CA ASN A 81 8.81 8.19 -5.26
C ASN A 81 7.73 7.39 -4.54
N HIS A 82 7.72 7.47 -3.20
CA HIS A 82 6.81 6.71 -2.34
C HIS A 82 5.38 7.26 -2.39
N ARG A 83 4.81 7.33 -3.59
CA ARG A 83 3.40 7.66 -3.81
C ARG A 83 2.85 6.69 -4.84
N ILE A 84 2.06 5.71 -4.39
CA ILE A 84 1.50 4.71 -5.27
C ILE A 84 0.26 5.28 -5.96
N ILE A 85 0.41 5.63 -7.24
CA ILE A 85 -0.69 6.17 -8.04
C ILE A 85 -1.60 5.01 -8.45
N ILE A 86 -2.77 4.90 -7.80
CA ILE A 86 -3.72 3.85 -8.12
C ILE A 86 -4.72 4.36 -9.15
N SER A 87 -4.55 3.93 -10.41
CA SER A 87 -5.46 4.25 -11.50
C SER A 87 -6.83 3.63 -11.24
N ASN A 88 -7.90 4.38 -11.58
CA ASN A 88 -9.26 3.96 -11.31
C ASN A 88 -9.77 2.87 -12.28
N ILE A 89 -8.93 1.87 -12.56
CA ILE A 89 -9.26 0.77 -13.47
C ILE A 89 -8.46 -0.48 -13.09
N PRO A 90 -9.07 -1.67 -13.18
CA PRO A 90 -8.46 -2.92 -12.76
C PRO A 90 -7.16 -3.23 -13.50
N ASN A 91 -6.07 -3.42 -12.73
CA ASN A 91 -4.77 -3.81 -13.23
C ASN A 91 -4.25 -2.88 -14.33
N ARG A 92 -4.40 -1.57 -14.13
CA ARG A 92 -3.89 -0.55 -15.03
C ARG A 92 -3.22 0.56 -14.23
N ALA A 93 -2.51 0.17 -13.17
CA ALA A 93 -1.86 1.07 -12.23
C ALA A 93 -0.45 0.55 -11.94
N MET A 94 0.56 1.20 -12.54
CA MET A 94 1.95 0.78 -12.39
C MET A 94 2.44 1.02 -10.96
N SER A 95 2.54 -0.07 -10.19
CA SER A 95 3.04 -0.04 -8.84
C SER A 95 4.00 -1.21 -8.63
N ASN A 96 5.04 -1.29 -9.48
CA ASN A 96 6.02 -2.35 -9.39
C ASN A 96 6.88 -2.16 -8.15
N GLY A 97 6.63 -2.96 -7.11
CA GLY A 97 7.36 -2.90 -5.86
C GLY A 97 6.80 -3.88 -4.84
N LYS A 98 7.56 -4.09 -3.75
CA LYS A 98 7.18 -4.99 -2.68
C LYS A 98 7.56 -4.41 -1.32
N PHE A 99 6.65 -4.49 -0.34
CA PHE A 99 6.90 -4.04 1.02
C PHE A 99 7.69 -5.09 1.80
N ILE A 100 8.99 -4.85 2.01
CA ILE A 100 9.83 -5.72 2.82
C ILE A 100 9.78 -5.25 4.27
N LEU A 101 9.05 -5.98 5.12
CA LEU A 101 9.05 -5.72 6.56
C LEU A 101 10.31 -6.31 7.16
N ASN A 102 10.95 -5.58 8.07
CA ASN A 102 12.16 -6.04 8.72
C ASN A 102 12.09 -5.77 10.22
N ASN A 103 11.87 -6.82 11.00
CA ASN A 103 11.76 -6.70 12.44
C ASN A 103 13.13 -6.49 13.08
N LYS A 104 13.41 -5.26 13.50
CA LYS A 104 14.71 -4.88 14.03
C LYS A 104 14.89 -5.20 15.51
N ARG A 105 14.14 -6.16 16.06
CA ARG A 105 14.39 -6.65 17.42
C ARG A 105 14.34 -8.17 17.53
N THR A 106 14.04 -8.85 16.43
CA THR A 106 14.16 -10.30 16.32
C THR A 106 14.56 -10.73 14.91
N ASN A 107 15.31 -9.86 14.22
CA ASN A 107 15.82 -10.06 12.88
C ASN A 107 14.93 -10.98 12.02
N GLU A 108 13.73 -10.49 11.68
CA GLU A 108 12.76 -11.25 10.91
C GLU A 108 12.28 -10.48 9.70
N LYS A 109 12.79 -10.87 8.52
CA LYS A 109 12.40 -10.28 7.24
C LYS A 109 11.11 -10.93 6.71
N VAL A 110 10.15 -10.10 6.28
CA VAL A 110 8.87 -10.57 5.76
C VAL A 110 8.53 -9.83 4.48
N VAL A 111 8.68 -10.50 3.34
CA VAL A 111 8.44 -9.92 2.02
C VAL A 111 6.97 -10.04 1.62
N VAL A 112 6.29 -8.90 1.45
CA VAL A 112 4.92 -8.84 0.98
C VAL A 112 4.86 -9.14 -0.52
N THR A 113 4.41 -10.34 -0.87
CA THR A 113 4.21 -10.74 -2.25
C THR A 113 3.00 -10.00 -2.83
N LEU A 114 3.24 -9.02 -3.68
CA LEU A 114 2.19 -8.23 -4.31
C LEU A 114 1.28 -9.12 -5.15
N ASN A 115 0.08 -9.39 -4.64
CA ASN A 115 -0.92 -10.23 -5.29
C ASN A 115 -1.64 -9.48 -6.42
N ARG A 116 -0.89 -8.95 -7.38
CA ARG A 116 -1.44 -8.24 -8.52
C ARG A 116 -2.31 -9.17 -9.36
N LEU A 117 -3.64 -9.01 -9.24
CA LEU A 117 -4.62 -9.79 -9.98
C LEU A 117 -4.53 -9.43 -11.46
N GLY A 118 -3.92 -10.33 -12.26
CA GLY A 118 -3.71 -10.10 -13.68
C GLY A 118 -5.00 -10.15 -14.49
N ARG A 119 -4.89 -9.81 -15.79
CA ARG A 119 -6.03 -9.79 -16.70
C ARG A 119 -5.63 -10.45 -18.02
N VAL A 120 -6.11 -11.67 -18.23
CA VAL A 120 -5.79 -12.47 -19.40
C VAL A 120 -7.04 -13.13 -19.98
N ARG A 121 -7.11 -13.19 -21.31
CA ARG A 121 -8.25 -13.69 -22.07
C ARG A 121 -8.34 -15.23 -22.07
N VAL A 122 -8.37 -15.85 -20.89
CA VAL A 122 -8.53 -17.30 -20.76
C VAL A 122 -10.02 -17.67 -20.89
N GLY A 123 -10.63 -17.27 -22.01
CA GLY A 123 -12.05 -17.52 -22.27
C GLY A 123 -12.93 -16.56 -21.48
N GLY A 124 -14.25 -16.78 -21.56
CA GLY A 124 -15.22 -15.94 -20.87
C GLY A 124 -16.66 -16.38 -21.18
N ASN A 125 -17.63 -15.63 -20.69
CA ASN A 125 -19.04 -15.91 -20.91
C ASN A 125 -19.42 -15.70 -22.37
N ILE A 1 -5.38 -18.02 21.87
CA ILE A 1 -5.31 -17.07 20.74
C ILE A 1 -3.90 -16.49 20.63
N GLN A 2 -3.13 -16.96 19.64
CA GLN A 2 -1.78 -16.49 19.41
C GLN A 2 -1.80 -15.07 18.85
N ASN A 3 -1.48 -14.08 19.71
CA ASN A 3 -1.45 -12.68 19.33
C ASN A 3 -0.18 -12.33 18.56
N ASN A 4 0.09 -13.06 17.46
CA ASN A 4 1.26 -12.83 16.63
C ASN A 4 1.13 -11.51 15.86
N GLU A 5 1.86 -10.48 16.30
CA GLU A 5 1.84 -9.16 15.68
C GLU A 5 2.55 -9.13 14.33
N ARG A 6 2.66 -10.28 13.66
CA ARG A 6 3.31 -10.35 12.36
C ARG A 6 2.28 -10.38 11.25
N GLU A 7 1.30 -11.27 11.36
CA GLU A 7 0.24 -11.37 10.37
C GLU A 7 -0.72 -10.19 10.45
N THR A 8 -0.50 -9.25 11.35
CA THR A 8 -1.32 -8.05 11.41
C THR A 8 -0.73 -6.96 10.53
N LEU A 9 0.47 -7.20 9.99
CA LEU A 9 1.06 -6.30 9.02
C LEU A 9 0.73 -6.80 7.63
N VAL A 10 0.84 -8.11 7.40
CA VAL A 10 0.59 -8.64 6.07
C VAL A 10 -0.88 -8.60 5.73
N ASN A 11 -1.75 -8.57 6.75
CA ASN A 11 -3.18 -8.43 6.52
C ASN A 11 -3.59 -6.96 6.53
N SER A 12 -2.64 -6.06 6.81
CA SER A 12 -2.89 -4.64 6.71
C SER A 12 -1.97 -3.95 5.70
N ILE A 13 -1.33 -4.72 4.81
CA ILE A 13 -0.61 -4.16 3.68
C ILE A 13 -1.04 -4.84 2.38
N LYS A 14 -1.72 -6.00 2.47
CA LYS A 14 -2.34 -6.59 1.28
C LYS A 14 -3.84 -6.32 1.29
N THR A 15 -4.31 -5.52 2.25
CA THR A 15 -5.70 -5.10 2.34
C THR A 15 -5.78 -3.60 2.63
N ALA A 16 -4.72 -2.89 2.26
CA ALA A 16 -4.68 -1.43 2.29
C ALA A 16 -4.33 -0.90 0.90
N ILE A 17 -4.35 -1.81 -0.09
CA ILE A 17 -4.20 -1.49 -1.50
C ILE A 17 -5.34 -2.13 -2.29
N GLN A 18 -6.04 -3.10 -1.68
CA GLN A 18 -7.18 -3.75 -2.31
C GLN A 18 -8.49 -3.14 -1.85
N TYR A 19 -8.39 -2.09 -1.04
CA TYR A 19 -9.52 -1.25 -0.69
C TYR A 19 -9.25 0.15 -1.23
N SER A 20 -8.11 0.30 -1.90
CA SER A 20 -7.68 1.58 -2.44
C SER A 20 -8.24 1.77 -3.84
N LYS A 21 -8.12 0.76 -4.71
CA LYS A 21 -8.59 0.86 -6.07
C LYS A 21 -10.11 0.95 -6.16
N ILE A 22 -10.79 0.68 -5.05
CA ILE A 22 -12.24 0.77 -4.98
C ILE A 22 -12.67 2.19 -4.64
N GLN A 23 -11.74 3.02 -4.12
CA GLN A 23 -11.99 4.43 -3.90
C GLN A 23 -11.48 5.27 -5.07
N ALA A 24 -10.94 4.61 -6.09
CA ALA A 24 -10.61 5.24 -7.36
C ALA A 24 -11.75 5.01 -8.35
N ILE A 25 -12.23 3.76 -8.43
CA ILE A 25 -13.29 3.39 -9.38
C ILE A 25 -14.62 3.98 -8.92
N HIS A 26 -14.68 4.52 -7.70
CA HIS A 26 -15.88 5.15 -7.18
C HIS A 26 -15.81 6.66 -7.27
N LEU A 27 -14.74 7.21 -7.86
CA LEU A 27 -14.62 8.65 -8.09
C LEU A 27 -14.21 8.94 -9.53
N GLY A 28 -14.11 7.90 -10.37
CA GLY A 28 -13.81 8.06 -11.78
C GLY A 28 -12.41 8.60 -12.04
N HIS A 29 -11.52 8.58 -11.05
CA HIS A 29 -10.18 9.12 -11.21
C HIS A 29 -9.20 8.50 -10.20
N PRO A 30 -7.89 8.53 -10.51
CA PRO A 30 -6.85 7.98 -9.66
C PRO A 30 -6.74 8.65 -8.30
N ILE A 31 -6.17 7.93 -7.33
CA ILE A 31 -5.93 8.44 -5.98
C ILE A 31 -4.53 8.05 -5.52
N TYR A 32 -4.00 8.82 -4.56
CA TYR A 32 -2.60 8.72 -4.15
C TYR A 32 -2.44 8.06 -2.79
N LEU A 33 -1.98 6.80 -2.79
CA LEU A 33 -1.67 6.08 -1.57
C LEU A 33 -0.27 6.47 -1.10
N LEU A 34 -0.21 7.24 -0.01
CA LEU A 34 1.04 7.80 0.52
C LEU A 34 1.40 7.20 1.88
N PRO A 35 2.67 7.26 2.29
CA PRO A 35 3.10 6.93 3.64
C PRO A 35 2.55 7.96 4.62
N PHE A 36 2.30 7.57 5.87
CA PHE A 36 1.68 8.46 6.83
C PHE A 36 2.69 9.37 7.53
N GLY A 37 2.73 10.64 7.14
CA GLY A 37 3.53 11.66 7.81
C GLY A 37 5.04 11.40 7.75
N SER A 38 5.47 10.56 6.80
CA SER A 38 6.87 10.14 6.71
C SER A 38 7.35 10.20 5.26
N ASN A 39 8.15 11.23 4.93
CA ASN A 39 8.65 11.46 3.59
C ASN A 39 9.58 10.34 3.11
N GLU A 40 9.05 9.49 2.24
CA GLU A 40 9.77 8.38 1.61
C GLU A 40 10.24 7.31 2.61
N ASN A 41 9.46 7.09 3.67
CA ASN A 41 9.66 5.98 4.59
C ASN A 41 8.32 5.54 5.17
N TRP A 42 7.78 4.42 4.69
CA TRP A 42 6.46 3.92 5.08
C TRP A 42 6.45 3.35 6.50
N SER A 43 7.38 3.77 7.37
CA SER A 43 7.53 3.12 8.66
C SER A 43 6.63 3.72 9.74
N ARG A 44 5.51 4.33 9.34
CA ARG A 44 4.48 4.80 10.26
C ARG A 44 3.09 4.56 9.69
N GLY A 45 2.94 3.59 8.79
CA GLY A 45 1.65 3.28 8.18
C GLY A 45 1.45 4.02 6.86
N MET A 46 0.24 3.91 6.30
CA MET A 46 -0.10 4.50 5.01
C MET A 46 -1.46 5.18 5.05
N VAL A 47 -1.61 6.22 4.23
CA VAL A 47 -2.81 7.05 4.15
C VAL A 47 -3.30 7.18 2.73
N LEU A 48 -4.58 6.83 2.53
CA LEU A 48 -5.26 6.94 1.26
C LEU A 48 -5.72 8.37 1.03
N ALA A 49 -5.07 9.11 0.13
CA ALA A 49 -5.36 10.52 -0.08
C ALA A 49 -5.68 10.86 -1.53
N LYS A 50 -6.86 11.43 -1.77
CA LYS A 50 -7.27 11.90 -3.09
C LYS A 50 -7.08 13.40 -3.21
N LEU A 51 -6.73 13.85 -4.41
CA LEU A 51 -6.53 15.28 -4.67
C LEU A 51 -7.85 15.89 -5.11
N ASN A 52 -8.46 16.70 -4.24
CA ASN A 52 -9.73 17.35 -4.52
C ASN A 52 -9.53 18.42 -5.59
N GLN A 53 -9.97 18.13 -6.81
CA GLN A 53 -9.77 19.01 -7.96
C GLN A 53 -10.63 20.27 -7.93
N THR A 54 -11.06 20.73 -6.73
CA THR A 54 -11.79 21.99 -6.63
C THR A 54 -11.28 22.83 -5.45
N THR A 55 -10.31 22.31 -4.69
CA THR A 55 -9.64 23.05 -3.63
C THR A 55 -8.18 22.63 -3.51
N ASN A 56 -7.61 22.10 -4.59
CA ASN A 56 -6.27 21.56 -4.69
C ASN A 56 -5.69 21.11 -3.35
N LYS A 57 -6.40 20.24 -2.63
CA LYS A 57 -5.95 19.73 -1.34
C LYS A 57 -6.13 18.22 -1.23
N THR A 58 -5.18 17.56 -0.57
CA THR A 58 -5.23 16.12 -0.33
C THR A 58 -6.29 15.79 0.72
N GLU A 59 -7.44 15.26 0.27
CA GLU A 59 -8.53 14.86 1.12
C GLU A 59 -8.28 13.44 1.65
N LEU A 60 -7.90 13.34 2.93
CA LEU A 60 -7.56 12.07 3.55
C LEU A 60 -8.80 11.18 3.61
N ILE A 61 -8.74 10.01 2.97
CA ILE A 61 -9.87 9.08 2.89
C ILE A 61 -9.80 8.06 4.04
N HIS A 62 -8.66 7.37 4.17
CA HIS A 62 -8.43 6.32 5.16
C HIS A 62 -7.01 6.38 5.73
N GLN A 63 -6.87 6.08 7.02
CA GLN A 63 -5.58 6.04 7.69
C GLN A 63 -5.30 4.64 8.25
N TRP A 64 -4.42 3.89 7.59
CA TRP A 64 -3.98 2.59 8.07
C TRP A 64 -2.68 2.74 8.83
N GLN A 65 -2.75 2.66 10.17
CA GLN A 65 -1.60 2.88 11.03
C GLN A 65 -1.50 1.82 12.12
N TRP A 66 -0.57 0.89 11.92
CA TRP A 66 -0.23 -0.16 12.87
C TRP A 66 0.65 0.41 13.98
N SER A 67 0.07 0.61 15.16
CA SER A 67 0.77 1.13 16.32
C SER A 67 1.65 0.06 16.98
N SER A 68 2.54 -0.52 16.17
CA SER A 68 3.51 -1.52 16.61
C SER A 68 4.87 -1.20 16.02
N ASN A 69 5.73 -0.55 16.81
CA ASN A 69 7.03 -0.09 16.36
C ASN A 69 8.08 -1.19 16.38
N SER A 70 7.80 -2.32 15.69
CA SER A 70 8.77 -3.39 15.54
C SER A 70 8.79 -3.90 14.10
N TRP A 71 8.39 -3.07 13.14
CA TRP A 71 8.41 -3.42 11.73
C TRP A 71 8.80 -2.24 10.87
N ASN A 72 10.04 -2.24 10.38
CA ASN A 72 10.52 -1.21 9.46
C ASN A 72 10.00 -1.53 8.05
N ILE A 73 8.98 -0.80 7.60
CA ILE A 73 8.37 -1.00 6.29
C ILE A 73 9.26 -0.43 5.19
N ASN A 74 9.97 -1.28 4.45
CA ASN A 74 10.86 -0.84 3.38
C ASN A 74 10.28 -1.19 2.00
N TRP A 75 9.76 -0.18 1.30
CA TRP A 75 9.22 -0.31 -0.04
C TRP A 75 10.35 -0.33 -1.06
N LYS A 76 10.68 -1.51 -1.60
CA LYS A 76 11.71 -1.65 -2.62
C LYS A 76 11.07 -1.78 -4.01
N GLY A 77 10.25 -0.80 -4.39
CA GLY A 77 9.64 -0.76 -5.70
C GLY A 77 10.60 -0.14 -6.73
N VAL A 78 10.30 -0.31 -8.02
CA VAL A 78 11.10 0.26 -9.09
C VAL A 78 10.75 1.74 -9.32
N ASP A 79 10.22 2.37 -8.26
CA ASP A 79 9.75 3.75 -8.27
C ASP A 79 10.37 4.50 -7.10
N SER A 80 11.35 5.38 -7.38
CA SER A 80 11.99 6.19 -6.35
C SER A 80 11.08 7.33 -5.89
N ASN A 81 9.77 7.10 -5.94
CA ASN A 81 8.74 8.04 -5.51
C ASN A 81 7.70 7.25 -4.71
N HIS A 82 7.71 7.39 -3.39
CA HIS A 82 6.80 6.67 -2.50
C HIS A 82 5.39 7.25 -2.55
N ARG A 83 4.82 7.33 -3.75
CA ARG A 83 3.45 7.73 -4.02
C ARG A 83 2.87 6.75 -5.03
N ILE A 84 2.04 5.83 -4.57
CA ILE A 84 1.48 4.80 -5.43
C ILE A 84 0.23 5.36 -6.10
N ILE A 85 0.35 5.70 -7.38
CA ILE A 85 -0.77 6.24 -8.14
C ILE A 85 -1.74 5.11 -8.47
N ILE A 86 -2.82 5.00 -7.70
CA ILE A 86 -3.82 3.97 -7.91
C ILE A 86 -4.82 4.44 -8.96
N SER A 87 -4.62 4.01 -10.20
CA SER A 87 -5.50 4.36 -11.31
C SER A 87 -6.87 3.72 -11.12
N ASN A 88 -7.93 4.42 -11.53
CA ASN A 88 -9.29 3.95 -11.37
C ASN A 88 -9.67 2.87 -12.38
N ILE A 89 -8.71 2.09 -12.86
CA ILE A 89 -8.94 0.93 -13.70
C ILE A 89 -8.03 -0.22 -13.23
N PRO A 90 -8.47 -1.47 -13.41
CA PRO A 90 -7.83 -2.64 -12.83
C PRO A 90 -6.52 -3.05 -13.53
N ASN A 91 -6.22 -2.53 -14.71
CA ASN A 91 -5.01 -2.95 -15.43
C ASN A 91 -4.23 -1.79 -16.03
N ARG A 92 -4.30 -0.60 -15.42
CA ARG A 92 -3.48 0.55 -15.81
C ARG A 92 -2.92 1.23 -14.57
N ALA A 93 -2.43 0.43 -13.62
CA ALA A 93 -1.87 0.92 -12.36
C ALA A 93 -0.57 0.20 -12.04
N MET A 94 0.39 0.26 -12.99
CA MET A 94 1.67 -0.40 -12.83
C MET A 94 2.52 0.28 -11.75
N SER A 95 2.60 -0.38 -10.59
CA SER A 95 3.39 0.08 -9.45
C SER A 95 4.17 -1.09 -8.87
N ASN A 96 4.99 -1.73 -9.71
CA ASN A 96 5.74 -2.93 -9.37
C ASN A 96 6.67 -2.67 -8.18
N GLY A 97 6.28 -3.19 -7.00
CA GLY A 97 7.09 -3.08 -5.80
C GLY A 97 6.57 -3.96 -4.69
N LYS A 98 7.41 -4.19 -3.68
CA LYS A 98 7.09 -5.06 -2.54
C LYS A 98 7.53 -4.40 -1.23
N PHE A 99 6.73 -4.59 -0.17
CA PHE A 99 7.05 -4.08 1.16
C PHE A 99 7.84 -5.12 1.96
N ILE A 100 9.12 -4.85 2.19
CA ILE A 100 9.97 -5.72 3.00
C ILE A 100 9.95 -5.23 4.44
N LEU A 101 9.28 -5.96 5.33
CA LEU A 101 9.25 -5.64 6.75
C LEU A 101 10.50 -6.23 7.42
N ASN A 102 11.12 -5.46 8.31
CA ASN A 102 12.34 -5.86 9.01
C ASN A 102 12.24 -5.54 10.51
N ASN A 103 12.03 -6.57 11.33
CA ASN A 103 12.00 -6.44 12.78
C ASN A 103 13.44 -6.49 13.33
N LYS A 104 14.00 -5.34 13.72
CA LYS A 104 15.42 -5.25 14.07
C LYS A 104 15.74 -5.61 15.52
N ARG A 105 14.91 -6.42 16.18
CA ARG A 105 15.25 -6.95 17.50
C ARG A 105 14.93 -8.43 17.64
N THR A 106 14.44 -9.02 16.55
CA THR A 106 14.26 -10.45 16.37
C THR A 106 14.39 -10.76 14.88
N ASN A 107 15.52 -10.34 14.31
CA ASN A 107 15.82 -10.32 12.89
C ASN A 107 14.92 -11.24 12.06
N GLU A 108 13.75 -10.71 11.70
CA GLU A 108 12.76 -11.43 10.90
C GLU A 108 12.31 -10.56 9.72
N LYS A 109 12.80 -10.91 8.52
CA LYS A 109 12.43 -10.24 7.28
C LYS A 109 11.15 -10.85 6.71
N VAL A 110 10.17 -9.99 6.40
CA VAL A 110 8.88 -10.44 5.86
C VAL A 110 8.56 -9.71 4.56
N VAL A 111 8.72 -10.40 3.43
CA VAL A 111 8.48 -9.83 2.11
C VAL A 111 7.02 -9.98 1.69
N VAL A 112 6.26 -8.88 1.74
CA VAL A 112 4.87 -8.87 1.29
C VAL A 112 4.81 -8.86 -0.23
N THR A 113 4.48 -10.01 -0.81
CA THR A 113 4.39 -10.19 -2.26
C THR A 113 3.20 -9.43 -2.84
N LEU A 114 3.48 -8.51 -3.77
CA LEU A 114 2.47 -7.73 -4.47
C LEU A 114 2.80 -7.71 -5.96
N ASN A 115 2.94 -8.89 -6.56
CA ASN A 115 3.28 -9.06 -7.97
C ASN A 115 2.07 -8.81 -8.87
N ARG A 116 1.44 -7.63 -8.75
CA ARG A 116 0.29 -7.24 -9.56
C ARG A 116 0.74 -6.96 -10.99
N LEU A 117 0.46 -7.90 -11.90
CA LEU A 117 0.79 -7.74 -13.31
C LEU A 117 -0.06 -6.63 -13.93
N GLY A 118 0.56 -5.47 -14.15
CA GLY A 118 -0.10 -4.29 -14.69
C GLY A 118 -0.40 -4.39 -16.19
N ARG A 119 -0.09 -5.53 -16.82
CA ARG A 119 -0.30 -5.74 -18.26
C ARG A 119 -0.92 -7.10 -18.51
N VAL A 120 -2.22 -7.11 -18.81
CA VAL A 120 -2.96 -8.33 -19.11
C VAL A 120 -2.42 -8.98 -20.38
N ARG A 121 -2.24 -10.30 -20.35
CA ARG A 121 -1.73 -11.06 -21.49
C ARG A 121 -2.70 -10.98 -22.67
N VAL A 122 -2.24 -10.40 -23.78
CA VAL A 122 -3.06 -10.25 -24.98
C VAL A 122 -3.28 -11.60 -25.65
N GLY A 123 -4.47 -12.16 -25.51
CA GLY A 123 -4.83 -13.42 -26.14
C GLY A 123 -6.30 -13.75 -25.92
N GLY A 124 -6.86 -14.58 -26.80
CA GLY A 124 -8.26 -14.99 -26.72
C GLY A 124 -8.46 -16.21 -25.81
N ASN A 125 -7.37 -16.85 -25.39
CA ASN A 125 -7.41 -18.01 -24.52
C ASN A 125 -6.36 -17.87 -23.42
N ILE A 1 2.92 -14.25 26.71
CA ILE A 1 1.87 -14.00 25.70
C ILE A 1 2.49 -13.82 24.31
N GLN A 2 2.38 -14.86 23.47
CA GLN A 2 2.90 -14.83 22.13
C GLN A 2 2.12 -13.86 21.25
N ASN A 3 2.71 -12.70 20.97
CA ASN A 3 2.11 -11.69 20.10
C ASN A 3 2.47 -11.96 18.64
N ASN A 4 1.53 -12.49 17.87
CA ASN A 4 1.72 -12.74 16.44
C ASN A 4 1.46 -11.46 15.63
N GLU A 5 2.16 -10.38 15.98
CA GLU A 5 2.02 -9.08 15.33
C GLU A 5 2.71 -9.05 13.96
N ARG A 6 2.90 -10.21 13.34
CA ARG A 6 3.55 -10.30 12.05
C ARG A 6 2.53 -10.28 10.93
N GLU A 7 1.53 -11.15 11.06
CA GLU A 7 0.46 -11.28 10.08
C GLU A 7 -0.62 -10.25 10.30
N THR A 8 -0.24 -9.14 10.94
CA THR A 8 -1.10 -7.97 11.06
C THR A 8 -0.41 -6.76 10.44
N LEU A 9 0.67 -7.04 9.69
CA LEU A 9 1.34 -6.07 8.84
C LEU A 9 1.55 -6.66 7.46
N VAL A 10 0.81 -7.71 7.18
CA VAL A 10 0.74 -8.32 5.87
C VAL A 10 -0.73 -8.36 5.46
N ASN A 11 -1.58 -8.84 6.37
CA ASN A 11 -3.02 -8.80 6.18
C ASN A 11 -3.56 -7.39 6.34
N SER A 12 -2.69 -6.44 6.70
CA SER A 12 -3.07 -5.05 6.80
C SER A 12 -2.23 -4.15 5.91
N ILE A 13 -1.52 -4.73 4.93
CA ILE A 13 -0.88 -3.96 3.88
C ILE A 13 -1.24 -4.55 2.51
N LYS A 14 -1.69 -5.81 2.47
CA LYS A 14 -2.25 -6.40 1.26
C LYS A 14 -3.76 -6.24 1.27
N THR A 15 -4.29 -5.54 2.28
CA THR A 15 -5.69 -5.17 2.36
C THR A 15 -5.82 -3.70 2.79
N ALA A 16 -4.76 -2.94 2.51
CA ALA A 16 -4.77 -1.50 2.63
C ALA A 16 -4.47 -0.88 1.26
N ILE A 17 -4.57 -1.73 0.24
CA ILE A 17 -4.54 -1.35 -1.16
C ILE A 17 -5.76 -1.96 -1.87
N GLN A 18 -6.43 -2.91 -1.21
CA GLN A 18 -7.63 -3.53 -1.74
C GLN A 18 -8.87 -2.76 -1.28
N TYR A 19 -8.63 -1.64 -0.62
CA TYR A 19 -9.66 -0.66 -0.32
C TYR A 19 -9.25 0.66 -0.94
N SER A 20 -8.11 0.65 -1.64
CA SER A 20 -7.54 1.84 -2.21
C SER A 20 -7.53 1.83 -3.73
N LYS A 21 -8.18 0.83 -4.35
CA LYS A 21 -8.40 0.84 -5.78
C LYS A 21 -9.89 0.89 -6.11
N ILE A 22 -10.73 0.91 -5.07
CA ILE A 22 -12.16 1.08 -5.24
C ILE A 22 -12.54 2.54 -5.03
N GLN A 23 -11.67 3.32 -4.39
CA GLN A 23 -11.83 4.77 -4.25
C GLN A 23 -11.22 5.51 -5.45
N ALA A 24 -10.64 4.77 -6.40
CA ALA A 24 -10.21 5.30 -7.67
C ALA A 24 -11.24 5.02 -8.76
N ILE A 25 -11.66 3.76 -8.90
CA ILE A 25 -12.58 3.35 -9.96
C ILE A 25 -13.97 3.95 -9.72
N HIS A 26 -14.20 4.51 -8.53
CA HIS A 26 -15.48 5.11 -8.20
C HIS A 26 -15.43 6.64 -8.31
N LEU A 27 -14.30 7.21 -8.75
CA LEU A 27 -14.19 8.64 -8.99
C LEU A 27 -13.64 8.93 -10.38
N GLY A 28 -13.39 7.89 -11.17
CA GLY A 28 -12.95 8.04 -12.55
C GLY A 28 -11.55 8.65 -12.67
N HIS A 29 -10.77 8.64 -11.59
CA HIS A 29 -9.44 9.23 -11.58
C HIS A 29 -8.57 8.54 -10.53
N PRO A 30 -7.24 8.55 -10.73
CA PRO A 30 -6.30 7.87 -9.84
C PRO A 30 -6.19 8.58 -8.49
N ILE A 31 -5.71 7.82 -7.50
CA ILE A 31 -5.48 8.31 -6.15
C ILE A 31 -4.12 7.84 -5.65
N TYR A 32 -3.58 8.53 -4.64
CA TYR A 32 -2.21 8.33 -4.21
C TYR A 32 -2.11 7.84 -2.77
N LEU A 33 -1.74 6.57 -2.60
CA LEU A 33 -1.53 5.97 -1.30
C LEU A 33 -0.17 6.41 -0.76
N LEU A 34 -0.16 7.35 0.18
CA LEU A 34 1.04 7.93 0.77
C LEU A 34 1.38 7.28 2.12
N PRO A 35 2.63 7.40 2.58
CA PRO A 35 3.02 7.01 3.92
C PRO A 35 2.45 8.01 4.92
N PHE A 36 2.16 7.57 6.14
CA PHE A 36 1.55 8.42 7.16
C PHE A 36 2.63 9.06 8.03
N GLY A 37 3.56 9.76 7.39
CA GLY A 37 4.67 10.40 8.07
C GLY A 37 5.72 10.89 7.08
N SER A 38 6.99 10.85 7.47
CA SER A 38 8.10 11.19 6.60
C SER A 38 7.99 10.39 5.31
N ASN A 39 8.01 11.08 4.15
CA ASN A 39 7.77 10.44 2.87
C ASN A 39 8.97 9.61 2.40
N GLU A 40 9.82 9.16 3.33
CA GLU A 40 10.87 8.19 3.04
C GLU A 40 10.93 7.13 4.14
N ASN A 41 9.81 6.93 4.85
CA ASN A 41 9.71 5.96 5.92
C ASN A 41 8.26 5.50 6.08
N TRP A 42 7.95 4.28 5.62
CA TRP A 42 6.60 3.75 5.70
C TRP A 42 6.34 3.07 7.05
N SER A 43 7.08 3.44 8.09
CA SER A 43 6.96 2.78 9.40
C SER A 43 6.12 3.59 10.37
N ARG A 44 5.19 4.42 9.86
CA ARG A 44 4.28 5.17 10.71
C ARG A 44 2.85 5.08 10.17
N GLY A 45 2.55 4.02 9.42
CA GLY A 45 1.25 3.80 8.82
C GLY A 45 1.20 4.33 7.38
N MET A 46 0.04 4.21 6.75
CA MET A 46 -0.20 4.70 5.39
C MET A 46 -1.54 5.42 5.32
N VAL A 47 -1.64 6.40 4.43
CA VAL A 47 -2.81 7.24 4.26
C VAL A 47 -3.16 7.41 2.79
N LEU A 48 -4.36 6.92 2.42
CA LEU A 48 -4.88 7.01 1.07
C LEU A 48 -5.37 8.43 0.81
N ALA A 49 -4.89 9.07 -0.25
CA ALA A 49 -5.25 10.47 -0.52
C ALA A 49 -5.61 10.72 -1.99
N LYS A 50 -6.81 11.27 -2.22
CA LYS A 50 -7.24 11.69 -3.56
C LYS A 50 -6.83 13.13 -3.81
N LEU A 51 -6.62 13.48 -5.07
CA LEU A 51 -6.24 14.84 -5.44
C LEU A 51 -7.44 15.63 -5.94
N ASN A 52 -7.62 16.84 -5.43
CA ASN A 52 -8.71 17.71 -5.84
C ASN A 52 -8.15 18.79 -6.78
N GLN A 53 -8.40 18.64 -8.08
CA GLN A 53 -7.80 19.51 -9.08
C GLN A 53 -8.48 20.87 -9.17
N THR A 54 -9.07 21.35 -8.07
CA THR A 54 -9.61 22.70 -8.00
C THR A 54 -9.22 23.40 -6.69
N THR A 55 -8.45 22.72 -5.85
CA THR A 55 -7.88 23.29 -4.62
C THR A 55 -6.52 22.68 -4.32
N ASN A 56 -5.84 22.17 -5.36
CA ASN A 56 -4.54 21.52 -5.32
C ASN A 56 -4.19 20.94 -3.94
N LYS A 57 -5.06 20.06 -3.40
CA LYS A 57 -4.84 19.44 -2.11
C LYS A 57 -5.15 17.95 -2.13
N THR A 58 -4.28 17.15 -1.48
CA THR A 58 -4.47 15.72 -1.34
C THR A 58 -5.38 15.46 -0.14
N GLU A 59 -6.64 15.12 -0.42
CA GLU A 59 -7.64 14.90 0.61
C GLU A 59 -7.53 13.47 1.17
N LEU A 60 -7.31 13.36 2.48
CA LEU A 60 -7.09 12.10 3.15
C LEU A 60 -8.40 11.29 3.22
N ILE A 61 -8.38 10.06 2.71
CA ILE A 61 -9.56 9.21 2.64
C ILE A 61 -9.61 8.22 3.81
N HIS A 62 -8.50 7.52 4.08
CA HIS A 62 -8.44 6.52 5.14
C HIS A 62 -7.04 6.41 5.74
N GLN A 63 -6.93 6.04 7.02
CA GLN A 63 -5.67 5.99 7.73
C GLN A 63 -5.42 4.61 8.35
N TRP A 64 -4.36 3.92 7.90
CA TRP A 64 -3.91 2.66 8.50
C TRP A 64 -2.67 2.91 9.35
N GLN A 65 -2.82 2.92 10.67
CA GLN A 65 -1.69 3.12 11.58
C GLN A 65 -1.16 1.77 12.09
N TRP A 66 0.15 1.57 12.04
CA TRP A 66 0.78 0.33 12.51
C TRP A 66 0.93 0.37 14.04
N SER A 67 0.08 -0.38 14.75
CA SER A 67 0.14 -0.45 16.20
C SER A 67 1.18 -1.45 16.69
N SER A 68 2.23 -1.68 15.90
CA SER A 68 3.31 -2.60 16.24
C SER A 68 4.66 -1.96 15.93
N ASN A 69 5.37 -1.49 16.95
CA ASN A 69 6.65 -0.80 16.77
C ASN A 69 7.83 -1.76 16.77
N SER A 70 7.74 -2.82 15.96
CA SER A 70 8.84 -3.77 15.77
C SER A 70 9.03 -4.12 14.29
N TRP A 71 8.60 -3.22 13.40
CA TRP A 71 8.61 -3.50 11.97
C TRP A 71 9.11 -2.31 11.17
N ASN A 72 10.35 -2.40 10.69
CA ASN A 72 10.88 -1.42 9.76
C ASN A 72 10.28 -1.71 8.39
N ILE A 73 9.30 -0.90 7.98
CA ILE A 73 8.60 -1.09 6.73
C ILE A 73 9.45 -0.57 5.58
N ASN A 74 10.06 -1.48 4.82
CA ASN A 74 11.02 -1.08 3.79
C ASN A 74 10.42 -1.25 2.39
N TRP A 75 10.02 -0.13 1.78
CA TRP A 75 9.42 -0.12 0.45
C TRP A 75 10.49 -0.26 -0.64
N LYS A 76 10.58 -1.46 -1.23
CA LYS A 76 11.48 -1.73 -2.34
C LYS A 76 10.80 -1.38 -3.67
N GLY A 77 10.40 -0.11 -3.82
CA GLY A 77 9.78 0.36 -5.06
C GLY A 77 10.78 0.42 -6.20
N VAL A 78 10.28 0.38 -7.44
CA VAL A 78 11.11 0.43 -8.64
C VAL A 78 10.52 1.43 -9.64
N ASP A 79 9.76 2.41 -9.12
CA ASP A 79 9.13 3.48 -9.86
C ASP A 79 9.50 4.81 -9.22
N SER A 80 9.86 5.81 -10.03
CA SER A 80 10.25 7.13 -9.53
C SER A 80 9.02 7.94 -9.11
N ASN A 81 8.20 7.36 -8.23
CA ASN A 81 7.00 7.96 -7.69
C ASN A 81 6.94 7.70 -6.18
N HIS A 82 7.23 8.73 -5.37
CA HIS A 82 7.22 8.60 -3.92
C HIS A 82 5.79 8.57 -3.36
N ARG A 83 4.83 8.14 -4.20
CA ARG A 83 3.44 7.92 -3.83
C ARG A 83 2.92 6.73 -4.64
N ILE A 84 2.23 5.79 -4.01
CA ILE A 84 1.74 4.62 -4.73
C ILE A 84 0.53 5.04 -5.55
N ILE A 85 0.74 5.19 -6.87
CA ILE A 85 -0.29 5.62 -7.80
C ILE A 85 -1.26 4.48 -8.08
N ILE A 86 -2.45 4.53 -7.49
CA ILE A 86 -3.49 3.55 -7.77
C ILE A 86 -4.38 4.06 -8.89
N SER A 87 -4.20 3.52 -10.09
CA SER A 87 -5.00 3.86 -11.26
C SER A 87 -6.43 3.37 -11.10
N ASN A 88 -7.39 4.18 -11.56
CA ASN A 88 -8.81 3.86 -11.47
C ASN A 88 -9.23 2.79 -12.49
N ILE A 89 -8.35 1.83 -12.78
CA ILE A 89 -8.59 0.74 -13.73
C ILE A 89 -7.85 -0.51 -13.27
N PRO A 90 -8.41 -1.69 -13.55
CA PRO A 90 -7.90 -2.96 -13.06
C PRO A 90 -6.62 -3.41 -13.77
N ASN A 91 -6.18 -2.71 -14.82
CA ASN A 91 -5.00 -3.12 -15.59
C ASN A 91 -3.91 -2.04 -15.59
N ARG A 92 -3.90 -1.16 -14.58
CA ARG A 92 -2.81 -0.19 -14.42
C ARG A 92 -2.62 0.13 -12.94
N ALA A 93 -3.02 -0.79 -12.06
CA ALA A 93 -3.03 -0.55 -10.63
C ALA A 93 -1.79 -1.11 -9.94
N MET A 94 -1.42 -0.49 -8.80
CA MET A 94 -0.28 -0.85 -7.98
C MET A 94 1.05 -0.58 -8.68
N SER A 95 1.70 0.49 -8.24
CA SER A 95 3.05 0.84 -8.65
C SER A 95 4.01 -0.27 -8.22
N ASN A 96 5.01 -0.57 -9.07
CA ASN A 96 5.95 -1.65 -8.85
C ASN A 96 6.74 -1.45 -7.56
N GLY A 97 6.40 -2.20 -6.52
CA GLY A 97 7.12 -2.17 -5.25
C GLY A 97 6.53 -3.15 -4.24
N LYS A 98 7.35 -3.57 -3.29
CA LYS A 98 6.97 -4.51 -2.24
C LYS A 98 7.48 -4.05 -0.87
N PHE A 99 6.62 -4.14 0.15
CA PHE A 99 6.97 -3.76 1.52
C PHE A 99 7.71 -4.90 2.21
N ILE A 100 9.03 -4.76 2.38
CA ILE A 100 9.84 -5.72 3.10
C ILE A 100 9.86 -5.30 4.57
N LEU A 101 9.12 -6.01 5.42
CA LEU A 101 9.08 -5.72 6.85
C LEU A 101 10.27 -6.37 7.54
N ASN A 102 11.24 -5.55 7.91
CA ASN A 102 12.42 -6.00 8.61
C ASN A 102 12.22 -5.89 10.12
N ASN A 103 11.98 -7.02 10.78
CA ASN A 103 11.82 -7.04 12.23
C ASN A 103 13.15 -6.81 12.92
N LYS A 104 13.36 -5.61 13.45
CA LYS A 104 14.65 -5.21 14.02
C LYS A 104 14.86 -5.67 15.46
N ARG A 105 14.16 -6.72 15.91
CA ARG A 105 14.44 -7.33 17.22
C ARG A 105 14.47 -8.85 17.19
N THR A 106 14.19 -9.45 16.03
CA THR A 106 14.39 -10.89 15.82
C THR A 106 14.81 -11.19 14.38
N ASN A 107 15.42 -10.20 13.74
CA ASN A 107 15.91 -10.25 12.36
C ASN A 107 15.04 -11.12 11.45
N GLU A 108 13.74 -10.80 11.39
CA GLU A 108 12.78 -11.52 10.57
C GLU A 108 12.31 -10.66 9.40
N LYS A 109 12.81 -10.95 8.19
CA LYS A 109 12.43 -10.26 6.97
C LYS A 109 11.14 -10.82 6.39
N VAL A 110 10.15 -9.96 6.14
CA VAL A 110 8.83 -10.36 5.64
C VAL A 110 8.50 -9.64 4.33
N VAL A 111 8.60 -10.35 3.21
CA VAL A 111 8.33 -9.80 1.88
C VAL A 111 6.83 -9.74 1.61
N VAL A 112 6.22 -8.56 1.67
CA VAL A 112 4.82 -8.38 1.32
C VAL A 112 4.67 -8.43 -0.19
N THR A 113 4.16 -9.54 -0.72
CA THR A 113 3.90 -9.70 -2.14
C THR A 113 2.47 -9.29 -2.47
N LEU A 114 2.32 -8.10 -3.07
CA LEU A 114 1.01 -7.55 -3.43
C LEU A 114 0.61 -7.93 -4.85
N ASN A 115 0.59 -9.24 -5.14
CA ASN A 115 0.23 -9.76 -6.46
C ASN A 115 -1.10 -9.17 -6.92
N ARG A 116 -1.08 -8.50 -8.08
CA ARG A 116 -2.24 -7.84 -8.66
C ARG A 116 -3.35 -8.85 -8.93
N LEU A 117 -4.39 -8.83 -8.09
CA LEU A 117 -5.54 -9.71 -8.23
C LEU A 117 -6.36 -9.28 -9.43
N GLY A 118 -6.26 -10.02 -10.55
CA GLY A 118 -7.01 -9.73 -11.76
C GLY A 118 -8.42 -10.31 -11.67
N ARG A 119 -9.42 -9.53 -12.09
CA ARG A 119 -10.81 -9.96 -12.07
C ARG A 119 -11.10 -10.83 -13.29
N VAL A 120 -11.20 -12.14 -13.08
CA VAL A 120 -11.50 -13.11 -14.13
C VAL A 120 -12.92 -12.90 -14.66
N ARG A 121 -13.06 -12.95 -15.99
CA ARG A 121 -14.34 -12.81 -16.65
C ARG A 121 -15.25 -14.00 -16.35
N VAL A 122 -16.25 -13.78 -15.48
CA VAL A 122 -17.21 -14.81 -15.11
C VAL A 122 -18.11 -15.12 -16.30
N GLY A 123 -17.88 -16.25 -16.94
CA GLY A 123 -18.64 -16.68 -18.11
C GLY A 123 -18.28 -15.86 -19.35
N GLY A 124 -19.02 -16.09 -20.44
CA GLY A 124 -18.80 -15.40 -21.70
C GLY A 124 -17.55 -15.93 -22.42
N ASN A 125 -17.18 -15.27 -23.52
CA ASN A 125 -16.02 -15.64 -24.32
C ASN A 125 -14.73 -15.39 -23.54
N ILE A 1 -5.98 -18.39 20.71
CA ILE A 1 -5.81 -17.42 19.61
C ILE A 1 -4.40 -16.83 19.63
N GLN A 2 -3.55 -17.28 18.70
CA GLN A 2 -2.18 -16.79 18.58
C GLN A 2 -2.18 -15.34 18.10
N ASN A 3 -1.92 -14.41 19.02
CA ASN A 3 -1.86 -12.98 18.72
C ASN A 3 -0.52 -12.60 18.07
N ASN A 4 -0.17 -13.27 16.97
CA ASN A 4 1.07 -13.01 16.25
C ASN A 4 1.00 -11.65 15.56
N GLU A 5 1.70 -10.65 16.12
CA GLU A 5 1.74 -9.30 15.58
C GLU A 5 2.55 -9.21 14.28
N ARG A 6 2.69 -10.32 13.57
CA ARG A 6 3.47 -10.37 12.34
C ARG A 6 2.54 -10.31 11.14
N GLU A 7 1.55 -11.19 11.09
CA GLU A 7 0.62 -11.21 9.99
C GLU A 7 -0.32 -10.02 10.03
N THR A 8 -0.30 -9.22 11.09
CA THR A 8 -1.15 -8.05 11.17
C THR A 8 -0.51 -6.88 10.42
N LEU A 9 0.73 -7.07 9.94
CA LEU A 9 1.38 -6.10 9.07
C LEU A 9 1.52 -6.65 7.65
N VAL A 10 0.85 -7.77 7.37
CA VAL A 10 0.75 -8.29 6.02
C VAL A 10 -0.73 -8.40 5.64
N ASN A 11 -1.61 -8.46 6.64
CA ASN A 11 -3.03 -8.39 6.41
C ASN A 11 -3.51 -6.94 6.46
N SER A 12 -2.59 -6.02 6.73
CA SER A 12 -2.89 -4.61 6.70
C SER A 12 -2.00 -3.84 5.72
N ILE A 13 -1.29 -4.55 4.83
CA ILE A 13 -0.59 -3.92 3.72
C ILE A 13 -1.02 -4.57 2.41
N LYS A 14 -1.60 -5.77 2.46
CA LYS A 14 -2.24 -6.36 1.28
C LYS A 14 -3.75 -6.09 1.29
N THR A 15 -4.20 -5.31 2.28
CA THR A 15 -5.60 -4.88 2.36
C THR A 15 -5.68 -3.40 2.70
N ALA A 16 -4.62 -2.68 2.37
CA ALA A 16 -4.60 -1.23 2.42
C ALA A 16 -4.31 -0.68 1.02
N ILE A 17 -4.33 -1.58 0.04
CA ILE A 17 -4.29 -1.28 -1.37
C ILE A 17 -5.52 -1.90 -2.06
N GLN A 18 -6.19 -2.82 -1.37
CA GLN A 18 -7.43 -3.43 -1.84
C GLN A 18 -8.64 -2.69 -1.29
N TYR A 19 -8.36 -1.54 -0.69
CA TYR A 19 -9.38 -0.58 -0.30
C TYR A 19 -8.97 0.78 -0.88
N SER A 20 -8.10 0.70 -1.89
CA SER A 20 -7.68 1.88 -2.64
C SER A 20 -7.74 1.63 -4.15
N LYS A 21 -8.12 0.43 -4.60
CA LYS A 21 -8.40 0.19 -6.01
C LYS A 21 -9.91 0.17 -6.25
N ILE A 22 -10.64 0.68 -5.27
CA ILE A 22 -12.08 0.88 -5.36
C ILE A 22 -12.40 2.36 -5.25
N GLN A 23 -11.74 3.06 -4.31
CA GLN A 23 -11.94 4.47 -4.11
C GLN A 23 -11.33 5.32 -5.23
N ALA A 24 -10.78 4.65 -6.23
CA ALA A 24 -10.35 5.26 -7.50
C ALA A 24 -11.42 5.07 -8.56
N ILE A 25 -11.85 3.81 -8.75
CA ILE A 25 -12.81 3.45 -9.79
C ILE A 25 -14.19 4.02 -9.46
N HIS A 26 -14.36 4.52 -8.23
CA HIS A 26 -15.61 5.13 -7.81
C HIS A 26 -15.55 6.65 -7.84
N LEU A 27 -14.44 7.24 -8.31
CA LEU A 27 -14.33 8.68 -8.49
C LEU A 27 -13.87 9.02 -9.91
N GLY A 28 -13.68 8.01 -10.76
CA GLY A 28 -13.33 8.22 -12.16
C GLY A 28 -11.94 8.83 -12.33
N HIS A 29 -11.12 8.80 -11.27
CA HIS A 29 -9.78 9.38 -11.32
C HIS A 29 -8.90 8.68 -10.29
N PRO A 30 -7.57 8.68 -10.50
CA PRO A 30 -6.63 8.01 -9.63
C PRO A 30 -6.52 8.70 -8.28
N ILE A 31 -6.02 7.95 -7.29
CA ILE A 31 -5.84 8.41 -5.91
C ILE A 31 -4.42 8.08 -5.45
N TYR A 32 -3.97 8.78 -4.42
CA TYR A 32 -2.57 8.75 -4.01
C TYR A 32 -2.37 8.09 -2.65
N LEU A 33 -1.84 6.86 -2.66
CA LEU A 33 -1.48 6.16 -1.44
C LEU A 33 -0.09 6.61 -1.00
N LEU A 34 -0.02 7.46 0.02
CA LEU A 34 1.23 8.03 0.52
C LEU A 34 1.61 7.38 1.86
N PRO A 35 2.89 7.44 2.26
CA PRO A 35 3.32 7.04 3.58
C PRO A 35 2.84 8.05 4.61
N PHE A 36 2.63 7.60 5.86
CA PHE A 36 2.21 8.49 6.93
C PHE A 36 3.40 9.26 7.49
N GLY A 37 3.46 10.56 7.23
CA GLY A 37 4.53 11.41 7.71
C GLY A 37 5.67 11.51 6.71
N SER A 38 6.92 11.52 7.21
CA SER A 38 8.12 11.62 6.40
C SER A 38 8.10 10.62 5.25
N ASN A 39 8.25 11.12 4.02
CA ASN A 39 8.12 10.32 2.81
C ASN A 39 9.32 9.40 2.54
N GLU A 40 10.04 8.98 3.58
CA GLU A 40 11.13 8.03 3.43
C GLU A 40 11.08 6.93 4.49
N ASN A 41 9.88 6.69 5.03
CA ASN A 41 9.67 5.63 6.01
C ASN A 41 8.19 5.23 6.04
N TRP A 42 7.86 4.08 5.46
CA TRP A 42 6.51 3.56 5.50
C TRP A 42 6.26 2.81 6.81
N SER A 43 7.02 3.13 7.87
CA SER A 43 6.95 2.38 9.12
C SER A 43 6.20 3.15 10.20
N ARG A 44 5.32 4.07 9.79
CA ARG A 44 4.40 4.75 10.70
C ARG A 44 3.00 4.82 10.09
N GLY A 45 2.69 3.89 9.19
CA GLY A 45 1.39 3.79 8.56
C GLY A 45 1.37 4.31 7.13
N MET A 46 0.22 4.19 6.47
CA MET A 46 0.00 4.66 5.11
C MET A 46 -1.35 5.37 5.03
N VAL A 47 -1.46 6.35 4.13
CA VAL A 47 -2.61 7.24 4.02
C VAL A 47 -3.06 7.42 2.57
N LEU A 48 -4.29 7.00 2.30
CA LEU A 48 -4.93 7.13 1.00
C LEU A 48 -5.54 8.53 0.88
N ALA A 49 -5.01 9.38 -0.01
CA ALA A 49 -5.49 10.74 -0.17
C ALA A 49 -5.81 11.05 -1.63
N LYS A 50 -6.92 11.76 -1.87
CA LYS A 50 -7.36 12.17 -3.19
C LYS A 50 -7.25 13.67 -3.38
N LEU A 51 -6.88 14.09 -4.58
CA LEU A 51 -6.79 15.50 -4.92
C LEU A 51 -8.17 16.04 -5.29
N ASN A 52 -8.56 17.16 -4.68
CA ASN A 52 -9.83 17.80 -4.99
C ASN A 52 -9.56 18.90 -6.02
N GLN A 53 -9.89 18.63 -7.29
CA GLN A 53 -9.54 19.50 -8.39
C GLN A 53 -10.45 20.73 -8.51
N THR A 54 -11.07 21.17 -7.41
CA THR A 54 -11.82 22.41 -7.40
C THR A 54 -11.52 23.25 -6.16
N THR A 55 -10.61 22.78 -5.31
CA THR A 55 -10.07 23.55 -4.18
C THR A 55 -8.60 23.21 -3.97
N ASN A 56 -7.93 22.74 -5.03
CA ASN A 56 -6.52 22.33 -5.07
C ASN A 56 -5.97 21.89 -3.70
N LYS A 57 -6.63 20.91 -3.07
CA LYS A 57 -6.20 20.38 -1.78
C LYS A 57 -6.25 18.86 -1.74
N THR A 58 -5.23 18.24 -1.14
CA THR A 58 -5.14 16.80 -0.98
C THR A 58 -6.00 16.36 0.20
N GLU A 59 -7.16 15.76 -0.10
CA GLU A 59 -8.12 15.29 0.90
C GLU A 59 -7.79 13.88 1.35
N LEU A 60 -7.52 13.70 2.65
CA LEU A 60 -7.14 12.43 3.22
C LEU A 60 -8.37 11.57 3.51
N ILE A 61 -8.40 10.37 2.95
CA ILE A 61 -9.58 9.51 3.02
C ILE A 61 -9.48 8.46 4.13
N HIS A 62 -8.32 7.78 4.22
CA HIS A 62 -8.14 6.68 5.17
C HIS A 62 -6.72 6.64 5.73
N GLN A 63 -6.58 6.20 6.99
CA GLN A 63 -5.29 6.12 7.65
C GLN A 63 -5.07 4.74 8.28
N TRP A 64 -4.14 3.94 7.73
CA TRP A 64 -3.76 2.68 8.35
C TRP A 64 -2.55 2.89 9.24
N GLN A 65 -2.75 2.93 10.56
CA GLN A 65 -1.68 3.12 11.53
C GLN A 65 -1.18 1.79 12.07
N TRP A 66 0.13 1.51 11.92
CA TRP A 66 0.73 0.28 12.41
C TRP A 66 0.78 0.29 13.94
N SER A 67 -0.11 -0.48 14.58
CA SER A 67 -0.15 -0.59 16.03
C SER A 67 0.91 -1.56 16.56
N SER A 68 1.99 -1.76 15.80
CA SER A 68 3.12 -2.58 16.22
C SER A 68 4.41 -1.91 15.75
N ASN A 69 5.13 -1.28 16.66
CA ASN A 69 6.36 -0.55 16.33
C ASN A 69 7.57 -1.48 16.34
N SER A 70 7.48 -2.61 15.62
CA SER A 70 8.59 -3.54 15.49
C SER A 70 8.76 -4.01 14.05
N TRP A 71 8.29 -3.20 13.09
CA TRP A 71 8.32 -3.58 11.69
C TRP A 71 8.78 -2.41 10.81
N ASN A 72 10.03 -2.46 10.36
CA ASN A 72 10.55 -1.50 9.42
C ASN A 72 10.04 -1.84 8.02
N ILE A 73 9.05 -1.08 7.54
CA ILE A 73 8.46 -1.30 6.23
C ILE A 73 9.34 -0.68 5.16
N ASN A 74 10.09 -1.52 4.42
CA ASN A 74 10.94 -1.05 3.35
C ASN A 74 10.37 -1.49 2.00
N TRP A 75 9.68 -0.57 1.33
CA TRP A 75 9.08 -0.82 0.03
C TRP A 75 10.12 -0.66 -1.08
N LYS A 76 10.60 -1.79 -1.61
CA LYS A 76 11.57 -1.81 -2.71
C LYS A 76 10.86 -1.60 -4.05
N GLY A 77 10.10 -0.52 -4.16
CA GLY A 77 9.42 -0.14 -5.39
C GLY A 77 10.35 0.62 -6.33
N VAL A 78 9.76 1.17 -7.40
CA VAL A 78 10.48 1.94 -8.41
C VAL A 78 11.14 3.17 -7.78
N ASP A 79 12.43 3.34 -8.06
CA ASP A 79 13.31 4.33 -7.45
C ASP A 79 12.72 5.73 -7.34
N SER A 80 12.47 6.15 -6.09
CA SER A 80 12.04 7.50 -5.74
C SER A 80 10.62 7.84 -6.21
N ASN A 81 9.66 7.01 -5.80
CA ASN A 81 8.24 7.23 -6.06
C ASN A 81 7.43 6.96 -4.79
N HIS A 82 7.59 7.82 -3.79
CA HIS A 82 6.89 7.68 -2.51
C HIS A 82 5.39 8.03 -2.63
N ARG A 83 4.83 7.89 -3.83
CA ARG A 83 3.43 8.14 -4.12
C ARG A 83 2.92 7.06 -5.08
N ILE A 84 2.15 6.10 -4.55
CA ILE A 84 1.62 5.03 -5.37
C ILE A 84 0.33 5.51 -6.00
N ILE A 85 0.39 5.83 -7.30
CA ILE A 85 -0.78 6.30 -8.04
C ILE A 85 -1.65 5.09 -8.39
N ILE A 86 -2.76 4.92 -7.67
CA ILE A 86 -3.68 3.82 -7.93
C ILE A 86 -4.65 4.21 -9.03
N SER A 87 -4.43 3.68 -10.23
CA SER A 87 -5.25 3.96 -11.40
C SER A 87 -6.68 3.47 -11.20
N ASN A 88 -7.65 4.30 -11.60
CA ASN A 88 -9.07 4.03 -11.42
C ASN A 88 -9.62 3.00 -12.43
N ILE A 89 -8.80 2.00 -12.79
CA ILE A 89 -9.19 0.96 -13.73
C ILE A 89 -8.51 -0.35 -13.34
N PRO A 90 -9.21 -1.48 -13.51
CA PRO A 90 -8.76 -2.79 -13.04
C PRO A 90 -7.64 -3.40 -13.89
N ASN A 91 -7.41 -2.90 -15.11
CA ASN A 91 -6.45 -3.52 -16.01
C ASN A 91 -5.24 -2.61 -16.28
N ARG A 92 -4.94 -1.69 -15.36
CA ARG A 92 -3.76 -0.84 -15.44
C ARG A 92 -3.40 -0.38 -14.03
N ALA A 93 -3.21 -1.33 -13.11
CA ALA A 93 -3.06 -1.02 -11.70
C ALA A 93 -1.93 -1.81 -11.04
N MET A 94 -1.55 -1.38 -9.84
CA MET A 94 -0.50 -1.96 -9.01
C MET A 94 0.90 -1.62 -9.53
N SER A 95 1.56 -0.69 -8.82
CA SER A 95 2.91 -0.23 -9.14
C SER A 95 3.94 -1.33 -8.85
N ASN A 96 4.98 -1.41 -9.67
CA ASN A 96 6.05 -2.37 -9.49
C ASN A 96 6.81 -2.10 -8.19
N GLY A 97 6.55 -2.94 -7.18
CA GLY A 97 7.23 -2.85 -5.89
C GLY A 97 6.68 -3.86 -4.89
N LYS A 98 7.49 -4.21 -3.88
CA LYS A 98 7.12 -5.13 -2.82
C LYS A 98 7.56 -4.59 -1.46
N PHE A 99 6.70 -4.75 -0.45
CA PHE A 99 6.97 -4.31 0.91
C PHE A 99 7.79 -5.34 1.68
N ILE A 100 9.08 -5.08 1.88
CA ILE A 100 9.95 -5.94 2.67
C ILE A 100 9.91 -5.47 4.13
N LEU A 101 9.24 -6.23 5.00
CA LEU A 101 9.22 -5.95 6.42
C LEU A 101 10.50 -6.49 7.06
N ASN A 102 11.09 -5.73 7.99
CA ASN A 102 12.30 -6.12 8.67
C ASN A 102 12.17 -5.83 10.17
N ASN A 103 11.98 -6.88 10.97
CA ASN A 103 11.88 -6.74 12.41
C ASN A 103 13.24 -6.38 13.01
N LYS A 104 13.43 -5.11 13.41
CA LYS A 104 14.71 -4.61 13.87
C LYS A 104 15.03 -4.89 15.34
N ARG A 105 14.43 -5.93 15.94
CA ARG A 105 14.84 -6.40 17.25
C ARG A 105 14.92 -7.92 17.36
N THR A 106 14.54 -8.62 16.28
CA THR A 106 14.70 -10.05 16.15
C THR A 106 14.81 -10.42 14.67
N ASN A 107 15.77 -9.79 13.99
CA ASN A 107 15.99 -9.81 12.54
C ASN A 107 15.14 -10.84 11.81
N GLU A 108 13.87 -10.50 11.58
CA GLU A 108 12.92 -11.33 10.87
C GLU A 108 12.38 -10.61 9.63
N LYS A 109 12.87 -11.02 8.45
CA LYS A 109 12.47 -10.47 7.17
C LYS A 109 11.17 -11.12 6.70
N VAL A 110 10.18 -10.31 6.28
CA VAL A 110 8.90 -10.80 5.78
C VAL A 110 8.54 -10.07 4.50
N VAL A 111 8.68 -10.76 3.36
CA VAL A 111 8.41 -10.19 2.04
C VAL A 111 6.92 -10.33 1.70
N VAL A 112 6.23 -9.20 1.51
CA VAL A 112 4.83 -9.21 1.09
C VAL A 112 4.74 -9.68 -0.36
N THR A 113 4.29 -10.93 -0.54
CA THR A 113 4.12 -11.54 -1.86
C THR A 113 2.80 -11.09 -2.51
N LEU A 114 2.61 -9.77 -2.64
CA LEU A 114 1.41 -9.21 -3.24
C LEU A 114 1.24 -9.70 -4.68
N ASN A 115 0.02 -10.10 -5.04
CA ASN A 115 -0.32 -10.60 -6.36
C ASN A 115 -0.40 -9.46 -7.38
N ARG A 116 0.74 -8.76 -7.61
CA ARG A 116 0.84 -7.65 -8.54
C ARG A 116 0.60 -8.12 -9.97
N LEU A 117 -0.58 -7.82 -10.51
CA LEU A 117 -0.93 -8.14 -11.89
C LEU A 117 -0.05 -7.32 -12.83
N GLY A 118 0.94 -7.97 -13.45
CA GLY A 118 1.84 -7.32 -14.38
C GLY A 118 1.12 -6.85 -15.63
N ARG A 119 1.68 -5.85 -16.32
CA ARG A 119 1.10 -5.24 -17.52
C ARG A 119 2.11 -5.31 -18.66
N VAL A 120 1.88 -6.22 -19.59
CA VAL A 120 2.76 -6.41 -20.74
C VAL A 120 2.74 -5.19 -21.65
N ARG A 121 3.92 -4.79 -22.15
CA ARG A 121 4.09 -3.65 -23.03
C ARG A 121 3.63 -3.98 -24.47
N VAL A 122 2.39 -4.42 -24.62
CA VAL A 122 1.82 -4.77 -25.91
C VAL A 122 1.64 -3.52 -26.77
N GLY A 123 2.53 -3.36 -27.77
CA GLY A 123 2.48 -2.25 -28.69
C GLY A 123 1.37 -2.41 -29.73
N GLY A 124 1.15 -1.39 -30.55
CA GLY A 124 0.14 -1.38 -31.59
C GLY A 124 -1.26 -1.25 -31.01
N ASN A 125 -2.28 -1.42 -31.86
CA ASN A 125 -3.68 -1.34 -31.46
C ASN A 125 -4.06 -2.51 -30.55
N ILE A 1 -1.88 -15.55 25.41
CA ILE A 1 -2.16 -14.57 24.34
C ILE A 1 -1.05 -14.60 23.29
N GLN A 2 -1.31 -15.21 22.13
CA GLN A 2 -0.33 -15.30 21.07
C GLN A 2 -0.12 -13.93 20.42
N ASN A 3 1.00 -13.28 20.73
CA ASN A 3 1.34 -11.97 20.20
C ASN A 3 1.84 -12.08 18.75
N ASN A 4 1.05 -12.68 17.88
CA ASN A 4 1.38 -12.85 16.47
C ASN A 4 1.15 -11.56 15.69
N GLU A 5 1.78 -10.46 16.13
CA GLU A 5 1.62 -9.15 15.51
C GLU A 5 2.43 -9.04 14.22
N ARG A 6 2.70 -10.18 13.58
CA ARG A 6 3.48 -10.20 12.35
C ARG A 6 2.54 -10.17 11.15
N GLU A 7 1.57 -11.08 11.14
CA GLU A 7 0.65 -11.19 10.02
C GLU A 7 -0.43 -10.12 10.07
N THR A 8 -0.37 -9.24 11.07
CA THR A 8 -1.30 -8.12 11.11
C THR A 8 -0.75 -6.93 10.33
N LEU A 9 0.51 -7.02 9.90
CA LEU A 9 1.10 -6.01 9.03
C LEU A 9 1.13 -6.50 7.58
N VAL A 10 0.79 -7.77 7.35
CA VAL A 10 0.65 -8.29 6.00
C VAL A 10 -0.81 -8.20 5.61
N ASN A 11 -1.70 -8.58 6.54
CA ASN A 11 -3.13 -8.49 6.33
C ASN A 11 -3.63 -7.06 6.52
N SER A 12 -2.72 -6.12 6.73
CA SER A 12 -3.07 -4.70 6.73
C SER A 12 -2.21 -3.89 5.76
N ILE A 13 -1.51 -4.56 4.84
CA ILE A 13 -0.85 -3.89 3.73
C ILE A 13 -1.32 -4.50 2.41
N LYS A 14 -1.87 -5.72 2.45
CA LYS A 14 -2.54 -6.30 1.29
C LYS A 14 -4.04 -6.05 1.38
N THR A 15 -4.45 -5.26 2.37
CA THR A 15 -5.82 -4.82 2.55
C THR A 15 -5.86 -3.32 2.86
N ALA A 16 -4.82 -2.63 2.43
CA ALA A 16 -4.76 -1.17 2.47
C ALA A 16 -4.46 -0.63 1.07
N ILE A 17 -4.58 -1.51 0.08
CA ILE A 17 -4.55 -1.17 -1.32
C ILE A 17 -5.84 -1.68 -1.96
N GLN A 18 -6.53 -2.61 -1.28
CA GLN A 18 -7.79 -3.15 -1.77
C GLN A 18 -8.93 -2.20 -1.46
N TYR A 19 -8.70 -1.26 -0.54
CA TYR A 19 -9.65 -0.19 -0.30
C TYR A 19 -9.13 1.11 -0.88
N SER A 20 -8.01 1.03 -1.61
CA SER A 20 -7.41 2.20 -2.22
C SER A 20 -7.40 2.10 -3.74
N LYS A 21 -8.15 1.15 -4.30
CA LYS A 21 -8.39 1.10 -5.73
C LYS A 21 -9.88 1.02 -6.04
N ILE A 22 -10.71 1.00 -4.99
CA ILE A 22 -12.16 1.09 -5.12
C ILE A 22 -12.59 2.53 -4.90
N GLN A 23 -11.73 3.34 -4.28
CA GLN A 23 -11.92 4.79 -4.18
C GLN A 23 -11.33 5.49 -5.39
N ALA A 24 -10.84 4.71 -6.35
CA ALA A 24 -10.41 5.19 -7.66
C ALA A 24 -11.49 4.91 -8.69
N ILE A 25 -11.89 3.64 -8.80
CA ILE A 25 -12.84 3.20 -9.82
C ILE A 25 -14.24 3.76 -9.53
N HIS A 26 -14.41 4.39 -8.38
CA HIS A 26 -15.69 4.98 -7.99
C HIS A 26 -15.66 6.50 -8.06
N LEU A 27 -14.55 7.10 -8.50
CA LEU A 27 -14.46 8.54 -8.73
C LEU A 27 -13.99 8.83 -10.16
N GLY A 28 -13.77 7.78 -10.96
CA GLY A 28 -13.43 7.92 -12.36
C GLY A 28 -12.04 8.54 -12.56
N HIS A 29 -11.20 8.54 -11.53
CA HIS A 29 -9.88 9.15 -11.59
C HIS A 29 -8.94 8.48 -10.58
N PRO A 30 -7.62 8.51 -10.83
CA PRO A 30 -6.64 7.88 -9.97
C PRO A 30 -6.53 8.59 -8.62
N ILE A 31 -6.04 7.86 -7.62
CA ILE A 31 -5.86 8.34 -6.26
C ILE A 31 -4.46 7.97 -5.78
N TYR A 32 -3.99 8.67 -4.75
CA TYR A 32 -2.60 8.60 -4.32
C TYR A 32 -2.44 8.02 -2.92
N LEU A 33 -1.92 6.79 -2.85
CA LEU A 33 -1.62 6.14 -1.59
C LEU A 33 -0.24 6.61 -1.12
N LEU A 34 -0.22 7.50 -0.12
CA LEU A 34 0.99 8.11 0.42
C LEU A 34 1.34 7.47 1.76
N PRO A 35 2.60 7.61 2.22
CA PRO A 35 2.99 7.23 3.56
C PRO A 35 2.37 8.21 4.56
N PHE A 36 2.07 7.73 5.77
CA PHE A 36 1.41 8.55 6.78
C PHE A 36 2.30 9.73 7.20
N GLY A 37 1.76 10.95 7.07
CA GLY A 37 2.47 12.17 7.45
C GLY A 37 3.44 12.64 6.38
N SER A 38 3.46 12.00 5.21
CA SER A 38 4.35 12.35 4.10
C SER A 38 5.81 12.19 4.52
N ASN A 39 6.15 10.98 4.99
CA ASN A 39 7.50 10.64 5.44
C ASN A 39 8.11 9.60 4.49
N GLU A 40 9.38 9.77 4.13
CA GLU A 40 10.07 8.88 3.20
C GLU A 40 10.38 7.51 3.83
N ASN A 41 9.60 7.11 4.84
CA ASN A 41 9.67 5.82 5.48
C ASN A 41 8.25 5.36 5.82
N TRP A 42 7.80 4.27 5.19
CA TRP A 42 6.44 3.76 5.38
C TRP A 42 6.26 3.09 6.75
N SER A 43 7.08 3.48 7.74
CA SER A 43 7.05 2.83 9.05
C SER A 43 6.24 3.63 10.06
N ARG A 44 5.29 4.44 9.57
CA ARG A 44 4.36 5.15 10.45
C ARG A 44 2.94 5.07 9.91
N GLY A 45 2.66 4.07 9.06
CA GLY A 45 1.36 3.88 8.44
C GLY A 45 1.30 4.44 7.04
N MET A 46 0.13 4.32 6.41
CA MET A 46 -0.14 4.82 5.06
C MET A 46 -1.50 5.52 5.02
N VAL A 47 -1.64 6.49 4.11
CA VAL A 47 -2.84 7.31 3.97
C VAL A 47 -3.26 7.45 2.51
N LEU A 48 -4.51 7.09 2.22
CA LEU A 48 -5.10 7.26 0.90
C LEU A 48 -5.53 8.72 0.74
N ALA A 49 -5.02 9.43 -0.27
CA ALA A 49 -5.37 10.81 -0.50
C ALA A 49 -5.71 11.08 -1.97
N LYS A 50 -6.92 11.59 -2.23
CA LYS A 50 -7.39 11.93 -3.57
C LYS A 50 -7.18 13.41 -3.87
N LEU A 51 -6.79 13.72 -5.09
CA LEU A 51 -6.57 15.10 -5.50
C LEU A 51 -7.88 15.74 -5.93
N ASN A 52 -8.16 16.94 -5.42
CA ASN A 52 -9.35 17.69 -5.77
C ASN A 52 -8.97 18.79 -6.76
N GLN A 53 -9.30 18.59 -8.04
CA GLN A 53 -8.86 19.47 -9.10
C GLN A 53 -9.66 20.77 -9.16
N THR A 54 -10.20 21.23 -8.03
CA THR A 54 -10.84 22.54 -7.94
C THR A 54 -10.41 23.30 -6.69
N THR A 55 -9.53 22.71 -5.88
CA THR A 55 -8.90 23.37 -4.74
C THR A 55 -7.48 22.86 -4.55
N ASN A 56 -6.87 22.35 -5.63
CA ASN A 56 -5.53 21.76 -5.69
C ASN A 56 -5.03 21.25 -4.34
N LYS A 57 -5.79 20.36 -3.70
CA LYS A 57 -5.44 19.78 -2.40
C LYS A 57 -5.67 18.27 -2.36
N THR A 58 -4.77 17.55 -1.70
CA THR A 58 -4.90 16.11 -1.52
C THR A 58 -5.82 15.84 -0.32
N GLU A 59 -7.06 15.43 -0.58
CA GLU A 59 -8.05 15.13 0.44
C GLU A 59 -7.87 13.72 0.95
N LEU A 60 -7.59 13.59 2.25
CA LEU A 60 -7.34 12.31 2.90
C LEU A 60 -8.63 11.51 3.04
N ILE A 61 -8.62 10.24 2.61
CA ILE A 61 -9.81 9.38 2.63
C ILE A 61 -9.73 8.37 3.78
N HIS A 62 -8.57 7.74 3.98
CA HIS A 62 -8.40 6.68 4.98
C HIS A 62 -7.00 6.67 5.58
N GLN A 63 -6.86 6.17 6.81
CA GLN A 63 -5.57 6.09 7.50
C GLN A 63 -5.34 4.70 8.09
N TRP A 64 -4.23 4.05 7.70
CA TRP A 64 -3.80 2.79 8.32
C TRP A 64 -2.54 3.04 9.13
N GLN A 65 -2.67 3.09 10.46
CA GLN A 65 -1.54 3.29 11.36
C GLN A 65 -1.06 1.95 11.92
N TRP A 66 0.25 1.72 11.88
CA TRP A 66 0.85 0.50 12.41
C TRP A 66 0.90 0.54 13.93
N SER A 67 0.00 -0.20 14.60
CA SER A 67 -0.02 -0.28 16.05
C SER A 67 1.02 -1.27 16.59
N SER A 68 2.08 -1.52 15.80
CA SER A 68 3.16 -2.41 16.19
C SER A 68 4.49 -1.76 15.81
N ASN A 69 5.22 -1.22 16.81
CA ASN A 69 6.47 -0.53 16.57
C ASN A 69 7.64 -1.50 16.49
N SER A 70 7.49 -2.59 15.72
CA SER A 70 8.55 -3.57 15.51
C SER A 70 8.67 -3.97 14.05
N TRP A 71 8.22 -3.11 13.13
CA TRP A 71 8.26 -3.43 11.71
C TRP A 71 8.75 -2.26 10.87
N ASN A 72 10.01 -2.35 10.43
CA ASN A 72 10.59 -1.39 9.50
C ASN A 72 10.07 -1.69 8.09
N ILE A 73 9.12 -0.88 7.61
CA ILE A 73 8.49 -1.09 6.32
C ILE A 73 9.35 -0.52 5.21
N ASN A 74 10.04 -1.38 4.45
CA ASN A 74 10.85 -0.95 3.32
C ASN A 74 10.17 -1.30 2.01
N TRP A 75 9.57 -0.29 1.36
CA TRP A 75 8.91 -0.47 0.07
C TRP A 75 9.94 -0.49 -1.05
N LYS A 76 10.20 -1.68 -1.62
CA LYS A 76 11.15 -1.88 -2.70
C LYS A 76 10.59 -1.40 -4.04
N GLY A 77 9.96 -0.22 -4.06
CA GLY A 77 9.39 0.34 -5.27
C GLY A 77 10.47 0.88 -6.20
N VAL A 78 10.29 0.68 -7.52
CA VAL A 78 11.21 1.21 -8.52
C VAL A 78 10.78 2.63 -8.89
N ASP A 79 10.56 3.46 -7.87
CA ASP A 79 10.13 4.83 -8.02
C ASP A 79 10.67 5.67 -6.87
N SER A 80 11.50 6.68 -7.16
CA SER A 80 12.07 7.56 -6.14
C SER A 80 11.04 8.55 -5.60
N ASN A 81 9.75 8.17 -5.62
CA ASN A 81 8.65 8.97 -5.13
C ASN A 81 7.71 8.09 -4.30
N HIS A 82 7.56 8.40 -3.01
CA HIS A 82 6.70 7.65 -2.11
C HIS A 82 5.21 7.94 -2.36
N ARG A 83 4.77 7.75 -3.60
CA ARG A 83 3.38 7.95 -4.00
C ARG A 83 2.95 6.84 -4.94
N ILE A 84 2.16 5.89 -4.45
CA ILE A 84 1.67 4.79 -5.26
C ILE A 84 0.42 5.25 -5.99
N ILE A 85 0.54 5.53 -7.29
CA ILE A 85 -0.57 5.99 -8.11
C ILE A 85 -1.47 4.82 -8.45
N ILE A 86 -2.64 4.74 -7.78
CA ILE A 86 -3.60 3.68 -8.03
C ILE A 86 -4.56 4.11 -9.12
N SER A 87 -4.38 3.56 -10.33
CA SER A 87 -5.23 3.82 -11.48
C SER A 87 -6.64 3.32 -11.24
N ASN A 88 -7.64 4.10 -11.66
CA ASN A 88 -9.04 3.79 -11.43
C ASN A 88 -9.59 2.68 -12.34
N ILE A 89 -8.80 1.65 -12.60
CA ILE A 89 -9.17 0.54 -13.45
C ILE A 89 -8.49 -0.75 -12.97
N PRO A 90 -9.18 -1.89 -13.08
CA PRO A 90 -8.72 -3.16 -12.56
C PRO A 90 -7.55 -3.71 -13.38
N ASN A 91 -6.55 -4.24 -12.68
CA ASN A 91 -5.37 -4.89 -13.26
C ASN A 91 -4.62 -3.99 -14.24
N ARG A 92 -4.74 -2.67 -14.08
CA ARG A 92 -4.00 -1.71 -14.90
C ARG A 92 -3.52 -0.57 -13.99
N ALA A 93 -2.80 -0.93 -12.94
CA ALA A 93 -2.24 0.00 -11.97
C ALA A 93 -0.79 -0.39 -11.68
N MET A 94 0.03 -0.49 -12.72
CA MET A 94 1.41 -0.94 -12.63
C MET A 94 2.26 -0.05 -11.72
N SER A 95 2.54 -0.53 -10.51
CA SER A 95 3.43 0.11 -9.56
C SER A 95 4.35 -0.96 -8.97
N ASN A 96 5.44 -1.25 -9.68
CA ASN A 96 6.38 -2.30 -9.33
C ASN A 96 7.06 -2.01 -8.01
N GLY A 97 6.65 -2.71 -6.95
CA GLY A 97 7.24 -2.58 -5.63
C GLY A 97 6.61 -3.55 -4.64
N LYS A 98 7.39 -3.98 -3.65
CA LYS A 98 6.96 -4.91 -2.60
C LYS A 98 7.44 -4.44 -1.24
N PHE A 99 6.58 -4.55 -0.23
CA PHE A 99 6.88 -4.12 1.13
C PHE A 99 7.66 -5.20 1.89
N ILE A 100 8.96 -4.99 2.08
CA ILE A 100 9.81 -5.86 2.88
C ILE A 100 9.81 -5.35 4.33
N LEU A 101 9.16 -6.11 5.23
CA LEU A 101 9.17 -5.79 6.65
C LEU A 101 10.37 -6.44 7.31
N ASN A 102 11.10 -5.69 8.13
CA ASN A 102 12.31 -6.16 8.79
C ASN A 102 12.29 -5.85 10.28
N ASN A 103 12.07 -6.88 11.10
CA ASN A 103 12.16 -6.75 12.55
C ASN A 103 13.63 -6.93 12.96
N LYS A 104 14.40 -5.84 12.90
CA LYS A 104 15.85 -5.87 13.07
C LYS A 104 16.30 -6.07 14.53
N ARG A 105 15.44 -6.68 15.35
CA ARG A 105 15.82 -7.03 16.72
C ARG A 105 15.38 -8.44 17.10
N THR A 106 14.79 -9.17 16.15
CA THR A 106 14.51 -10.59 16.31
C THR A 106 14.71 -11.37 15.01
N ASN A 107 15.53 -10.82 14.11
CA ASN A 107 15.95 -11.49 12.88
C ASN A 107 14.76 -12.01 12.06
N GLU A 108 13.81 -11.14 11.71
CA GLU A 108 12.64 -11.54 10.94
C GLU A 108 12.45 -10.66 9.71
N LYS A 109 12.10 -11.29 8.59
CA LYS A 109 11.95 -10.64 7.29
C LYS A 109 10.66 -11.14 6.62
N VAL A 110 9.76 -10.22 6.27
CA VAL A 110 8.46 -10.57 5.72
C VAL A 110 8.21 -9.85 4.40
N VAL A 111 8.30 -10.58 3.28
CA VAL A 111 8.11 -10.04 1.94
C VAL A 111 6.62 -10.07 1.55
N VAL A 112 5.97 -8.90 1.57
CA VAL A 112 4.57 -8.80 1.14
C VAL A 112 4.47 -8.97 -0.37
N THR A 113 4.01 -10.15 -0.81
CA THR A 113 3.77 -10.44 -2.22
C THR A 113 2.40 -9.90 -2.60
N LEU A 114 2.37 -8.78 -3.32
CA LEU A 114 1.13 -8.15 -3.77
C LEU A 114 0.53 -8.87 -4.99
N ASN A 115 0.66 -10.19 -5.06
CA ASN A 115 0.14 -10.99 -6.14
C ASN A 115 -1.36 -11.21 -5.97
N ARG A 116 -2.17 -10.50 -6.76
CA ARG A 116 -3.63 -10.63 -6.73
C ARG A 116 -4.05 -12.01 -7.23
N LEU A 117 -4.43 -12.90 -6.31
CA LEU A 117 -4.84 -14.25 -6.64
C LEU A 117 -6.11 -14.59 -5.84
N GLY A 118 -7.26 -14.58 -6.52
CA GLY A 118 -8.57 -14.72 -5.92
C GLY A 118 -8.92 -16.14 -5.45
N ARG A 119 -7.94 -16.99 -5.14
CA ARG A 119 -8.19 -18.35 -4.69
C ARG A 119 -9.03 -18.36 -3.40
N VAL A 120 -10.28 -18.79 -3.53
CA VAL A 120 -11.22 -18.85 -2.42
C VAL A 120 -11.98 -20.18 -2.43
N ARG A 121 -12.17 -20.77 -1.25
CA ARG A 121 -12.90 -22.03 -1.10
C ARG A 121 -14.38 -21.82 -1.39
N VAL A 122 -14.83 -22.28 -2.57
CA VAL A 122 -16.22 -22.17 -3.00
C VAL A 122 -17.07 -23.25 -2.32
N GLY A 123 -17.05 -23.28 -0.98
CA GLY A 123 -17.78 -24.26 -0.21
C GLY A 123 -17.13 -25.63 -0.27
N GLY A 124 -17.82 -26.64 0.29
CA GLY A 124 -17.32 -28.01 0.30
C GLY A 124 -18.30 -28.93 1.03
N ASN A 125 -17.93 -30.21 1.17
CA ASN A 125 -18.74 -31.22 1.82
C ASN A 125 -17.89 -32.07 2.77
N ILE A 1 -4.59 -15.53 24.58
CA ILE A 1 -4.78 -14.66 23.41
C ILE A 1 -3.43 -14.37 22.76
N GLN A 2 -3.16 -15.02 21.62
CA GLN A 2 -1.91 -14.84 20.90
C GLN A 2 -1.86 -13.46 20.25
N ASN A 3 -1.08 -12.56 20.83
CA ASN A 3 -0.92 -11.19 20.35
C ASN A 3 0.01 -11.14 19.13
N ASN A 4 -0.31 -11.91 18.08
CA ASN A 4 0.47 -11.93 16.86
C ASN A 4 0.39 -10.58 16.15
N GLU A 5 1.46 -9.79 16.26
CA GLU A 5 1.54 -8.48 15.61
C GLU A 5 2.43 -8.53 14.37
N ARG A 6 2.57 -9.73 13.78
CA ARG A 6 3.34 -9.91 12.56
C ARG A 6 2.40 -10.07 11.37
N GLU A 7 1.41 -10.96 11.50
CA GLU A 7 0.43 -11.17 10.47
C GLU A 7 -0.62 -10.07 10.46
N THR A 8 -0.46 -9.06 11.31
CA THR A 8 -1.34 -7.88 11.28
C THR A 8 -0.61 -6.71 10.61
N LEU A 9 0.35 -7.07 9.78
CA LEU A 9 1.04 -6.16 8.88
C LEU A 9 0.83 -6.67 7.46
N VAL A 10 1.00 -7.98 7.25
CA VAL A 10 0.78 -8.55 5.93
C VAL A 10 -0.69 -8.43 5.55
N ASN A 11 -1.57 -8.76 6.49
CA ASN A 11 -3.01 -8.69 6.26
C ASN A 11 -3.54 -7.26 6.46
N SER A 12 -2.64 -6.31 6.66
CA SER A 12 -3.00 -4.91 6.70
C SER A 12 -2.12 -4.06 5.77
N ILE A 13 -1.45 -4.71 4.81
CA ILE A 13 -0.77 -4.03 3.72
C ILE A 13 -1.17 -4.63 2.38
N LYS A 14 -1.74 -5.85 2.39
CA LYS A 14 -2.37 -6.40 1.19
C LYS A 14 -3.88 -6.18 1.25
N THR A 15 -4.32 -5.42 2.25
CA THR A 15 -5.71 -5.01 2.40
C THR A 15 -5.79 -3.53 2.76
N ALA A 16 -4.74 -2.80 2.39
CA ALA A 16 -4.72 -1.35 2.47
C ALA A 16 -4.39 -0.76 1.09
N ILE A 17 -4.44 -1.61 0.07
CA ILE A 17 -4.37 -1.23 -1.32
C ILE A 17 -5.61 -1.76 -2.05
N GLN A 18 -6.29 -2.73 -1.46
CA GLN A 18 -7.53 -3.25 -2.02
C GLN A 18 -8.68 -2.31 -1.69
N TYR A 19 -8.46 -1.44 -0.71
CA TYR A 19 -9.38 -0.37 -0.41
C TYR A 19 -8.80 0.95 -0.89
N SER A 20 -7.84 0.87 -1.80
CA SER A 20 -7.24 2.04 -2.42
C SER A 20 -7.38 2.02 -3.93
N LYS A 21 -8.11 1.05 -4.49
CA LYS A 21 -8.45 1.07 -5.91
C LYS A 21 -9.96 1.04 -6.13
N ILE A 22 -10.73 0.89 -5.04
CA ILE A 22 -12.18 0.97 -5.10
C ILE A 22 -12.63 2.41 -4.85
N GLN A 23 -11.74 3.22 -4.28
CA GLN A 23 -11.99 4.64 -4.09
C GLN A 23 -11.49 5.45 -5.28
N ALA A 24 -10.93 4.76 -6.26
CA ALA A 24 -10.59 5.30 -7.55
C ALA A 24 -11.71 5.05 -8.55
N ILE A 25 -12.18 3.80 -8.60
CA ILE A 25 -13.23 3.39 -9.54
C ILE A 25 -14.56 4.02 -9.13
N HIS A 26 -14.61 4.66 -7.96
CA HIS A 26 -15.82 5.33 -7.49
C HIS A 26 -15.71 6.85 -7.66
N LEU A 27 -14.63 7.34 -8.26
CA LEU A 27 -14.46 8.75 -8.57
C LEU A 27 -14.02 8.96 -10.02
N GLY A 28 -13.90 7.88 -10.79
CA GLY A 28 -13.58 7.96 -12.21
C GLY A 28 -12.19 8.52 -12.47
N HIS A 29 -11.32 8.57 -11.45
CA HIS A 29 -9.98 9.12 -11.61
C HIS A 29 -9.03 8.54 -10.57
N PRO A 30 -7.70 8.56 -10.84
CA PRO A 30 -6.69 8.01 -9.95
C PRO A 30 -6.63 8.68 -8.58
N ILE A 31 -6.06 7.95 -7.61
CA ILE A 31 -5.87 8.41 -6.24
C ILE A 31 -4.46 8.04 -5.78
N TYR A 32 -3.98 8.71 -4.74
CA TYR A 32 -2.59 8.62 -4.33
C TYR A 32 -2.40 8.02 -2.94
N LEU A 33 -1.88 6.80 -2.90
CA LEU A 33 -1.56 6.11 -1.65
C LEU A 33 -0.17 6.54 -1.19
N LEU A 34 -0.12 7.40 -0.16
CA LEU A 34 1.13 7.95 0.36
C LEU A 34 1.48 7.32 1.70
N PRO A 35 2.75 7.40 2.12
CA PRO A 35 3.16 7.01 3.47
C PRO A 35 2.61 8.01 4.48
N PHE A 36 2.31 7.55 5.70
CA PHE A 36 1.71 8.38 6.73
C PHE A 36 2.78 9.08 7.56
N GLY A 37 3.68 9.81 6.90
CA GLY A 37 4.78 10.51 7.56
C GLY A 37 5.74 11.07 6.51
N SER A 38 7.04 11.09 6.84
CA SER A 38 8.08 11.52 5.91
C SER A 38 7.96 10.72 4.62
N ASN A 39 7.98 11.40 3.48
CA ASN A 39 7.72 10.78 2.18
C ASN A 39 8.85 9.87 1.69
N GLU A 40 9.66 9.33 2.60
CA GLU A 40 10.64 8.31 2.27
C GLU A 40 10.67 7.21 3.34
N ASN A 41 9.57 7.06 4.09
CA ASN A 41 9.45 6.06 5.15
C ASN A 41 8.02 5.56 5.26
N TRP A 42 7.74 4.35 4.77
CA TRP A 42 6.43 3.74 4.88
C TRP A 42 6.27 3.06 6.25
N SER A 43 7.02 3.51 7.26
CA SER A 43 7.08 2.84 8.54
C SER A 43 6.35 3.62 9.64
N ARG A 44 5.36 4.43 9.25
CA ARG A 44 4.50 5.14 10.19
C ARG A 44 3.04 5.02 9.74
N GLY A 45 2.72 3.98 8.97
CA GLY A 45 1.40 3.77 8.39
C GLY A 45 1.33 4.30 6.96
N MET A 46 0.16 4.18 6.34
CA MET A 46 -0.09 4.68 4.99
C MET A 46 -1.44 5.40 4.94
N VAL A 47 -1.56 6.37 4.04
CA VAL A 47 -2.75 7.22 3.91
C VAL A 47 -3.17 7.38 2.46
N LEU A 48 -4.41 6.98 2.16
CA LEU A 48 -5.02 7.18 0.86
C LEU A 48 -5.48 8.62 0.76
N ALA A 49 -4.96 9.38 -0.20
CA ALA A 49 -5.34 10.79 -0.37
C ALA A 49 -5.62 11.11 -1.85
N LYS A 50 -6.77 11.73 -2.11
CA LYS A 50 -7.16 12.13 -3.46
C LYS A 50 -6.96 13.60 -3.69
N LEU A 51 -6.52 13.95 -4.90
CA LEU A 51 -6.35 15.35 -5.29
C LEU A 51 -7.69 15.88 -5.77
N ASN A 52 -8.33 16.71 -4.95
CA ASN A 52 -9.64 17.25 -5.24
C ASN A 52 -9.54 18.24 -6.39
N GLN A 53 -9.98 17.84 -7.58
CA GLN A 53 -9.79 18.61 -8.81
C GLN A 53 -10.72 19.83 -8.89
N THR A 54 -11.18 20.37 -7.76
CA THR A 54 -11.95 21.60 -7.76
C THR A 54 -11.51 22.56 -6.65
N THR A 55 -10.51 22.15 -5.87
CA THR A 55 -9.89 23.01 -4.86
C THR A 55 -8.39 22.69 -4.71
N ASN A 56 -7.79 22.14 -5.78
CA ASN A 56 -6.40 21.73 -5.89
C ASN A 56 -5.73 21.45 -4.53
N LYS A 57 -6.31 20.55 -3.74
CA LYS A 57 -5.76 20.17 -2.43
C LYS A 57 -5.81 18.65 -2.22
N THR A 58 -4.78 18.13 -1.56
CA THR A 58 -4.67 16.72 -1.22
C THR A 58 -5.65 16.39 -0.09
N GLU A 59 -6.76 15.73 -0.44
CA GLU A 59 -7.82 15.36 0.48
C GLU A 59 -7.64 13.92 0.97
N LEU A 60 -7.17 13.76 2.20
CA LEU A 60 -6.96 12.45 2.82
C LEU A 60 -8.30 11.74 3.02
N ILE A 61 -8.37 10.47 2.60
CA ILE A 61 -9.60 9.68 2.68
C ILE A 61 -9.53 8.66 3.82
N HIS A 62 -8.42 7.93 3.95
CA HIS A 62 -8.29 6.85 4.93
C HIS A 62 -6.90 6.76 5.52
N GLN A 63 -6.77 6.25 6.75
CA GLN A 63 -5.50 6.13 7.45
C GLN A 63 -5.29 4.73 8.05
N TRP A 64 -4.23 4.04 7.64
CA TRP A 64 -3.82 2.78 8.25
C TRP A 64 -2.55 3.00 9.07
N GLN A 65 -2.68 3.06 10.40
CA GLN A 65 -1.54 3.20 11.30
C GLN A 65 -1.11 1.82 11.80
N TRP A 66 0.17 1.50 11.70
CA TRP A 66 0.67 0.20 12.11
C TRP A 66 0.73 0.10 13.64
N SER A 67 -0.22 -0.61 14.24
CA SER A 67 -0.20 -0.90 15.67
C SER A 67 0.59 -2.18 15.92
N SER A 68 1.82 -2.20 15.40
CA SER A 68 2.70 -3.37 15.43
C SER A 68 4.11 -2.95 15.82
N ASN A 69 4.56 -3.37 17.01
CA ASN A 69 5.85 -2.99 17.57
C ASN A 69 7.03 -3.64 16.83
N SER A 70 8.03 -2.82 16.50
CA SER A 70 9.31 -3.27 15.95
C SER A 70 9.22 -3.83 14.53
N TRP A 71 8.67 -3.06 13.58
CA TRP A 71 8.64 -3.46 12.20
C TRP A 71 9.03 -2.31 11.28
N ASN A 72 10.28 -2.34 10.79
CA ASN A 72 10.78 -1.36 9.85
C ASN A 72 10.25 -1.66 8.45
N ILE A 73 9.27 -0.88 8.00
CA ILE A 73 8.65 -1.08 6.70
C ILE A 73 9.54 -0.51 5.58
N ASN A 74 10.23 -1.38 4.83
CA ASN A 74 11.06 -0.95 3.72
C ASN A 74 10.40 -1.36 2.39
N TRP A 75 9.73 -0.42 1.73
CA TRP A 75 9.08 -0.67 0.46
C TRP A 75 10.09 -0.56 -0.68
N LYS A 76 10.51 -1.70 -1.23
CA LYS A 76 11.48 -1.74 -2.32
C LYS A 76 10.76 -1.71 -3.67
N GLY A 77 9.92 -0.70 -3.88
CA GLY A 77 9.21 -0.50 -5.13
C GLY A 77 10.05 0.25 -6.16
N VAL A 78 9.42 0.62 -7.28
CA VAL A 78 10.04 1.38 -8.35
C VAL A 78 10.51 2.74 -7.83
N ASP A 79 11.74 3.12 -8.18
CA ASP A 79 12.38 4.36 -7.79
C ASP A 79 11.77 5.58 -8.52
N SER A 80 10.46 5.78 -8.37
CA SER A 80 9.75 6.89 -9.00
C SER A 80 8.80 7.56 -8.00
N ASN A 81 9.36 7.99 -6.86
CA ASN A 81 8.63 8.67 -5.79
C ASN A 81 7.74 7.71 -4.99
N HIS A 82 7.75 7.86 -3.66
CA HIS A 82 6.96 7.05 -2.75
C HIS A 82 5.49 7.50 -2.76
N ARG A 83 4.87 7.50 -3.95
CA ARG A 83 3.47 7.79 -4.16
C ARG A 83 2.91 6.77 -5.14
N ILE A 84 2.14 5.80 -4.63
CA ILE A 84 1.60 4.74 -5.47
C ILE A 84 0.34 5.27 -6.14
N ILE A 85 0.44 5.59 -7.43
CA ILE A 85 -0.67 6.12 -8.21
C ILE A 85 -1.61 4.98 -8.58
N ILE A 86 -2.75 4.89 -7.90
CA ILE A 86 -3.72 3.84 -8.17
C ILE A 86 -4.73 4.32 -9.19
N SER A 87 -4.59 3.84 -10.44
CA SER A 87 -5.51 4.18 -11.53
C SER A 87 -6.88 3.60 -11.26
N ASN A 88 -7.93 4.29 -11.70
CA ASN A 88 -9.29 3.88 -11.43
C ASN A 88 -9.78 2.76 -12.36
N ILE A 89 -8.87 1.90 -12.85
CA ILE A 89 -9.23 0.76 -13.68
C ILE A 89 -8.28 -0.40 -13.40
N PRO A 90 -8.76 -1.64 -13.53
CA PRO A 90 -8.01 -2.84 -13.19
C PRO A 90 -6.89 -3.16 -14.18
N ASN A 91 -6.92 -2.57 -15.39
CA ASN A 91 -5.90 -2.83 -16.40
C ASN A 91 -4.87 -1.70 -16.46
N ARG A 92 -4.70 -0.97 -15.34
CA ARG A 92 -3.75 0.11 -15.23
C ARG A 92 -3.25 0.22 -13.78
N ALA A 93 -2.07 0.81 -13.59
CA ALA A 93 -1.47 1.01 -12.27
C ALA A 93 -1.04 -0.31 -11.64
N MET A 94 -0.21 -1.07 -12.36
CA MET A 94 0.39 -2.30 -11.86
C MET A 94 1.70 -1.96 -11.15
N SER A 95 1.64 -1.07 -10.16
CA SER A 95 2.81 -0.56 -9.45
C SER A 95 3.60 -1.70 -8.80
N ASN A 96 4.74 -2.04 -9.40
CA ASN A 96 5.61 -3.11 -8.93
C ASN A 96 6.36 -2.67 -7.66
N GLY A 97 5.93 -3.19 -6.51
CA GLY A 97 6.61 -2.89 -5.25
C GLY A 97 6.17 -3.84 -4.15
N LYS A 98 7.10 -4.16 -3.25
CA LYS A 98 6.87 -5.07 -2.14
C LYS A 98 7.45 -4.51 -0.84
N PHE A 99 6.68 -4.62 0.24
CA PHE A 99 7.07 -4.13 1.56
C PHE A 99 7.89 -5.19 2.30
N ILE A 100 9.19 -4.94 2.47
CA ILE A 100 10.06 -5.81 3.25
C ILE A 100 10.07 -5.33 4.70
N LEU A 101 9.37 -6.04 5.57
CA LEU A 101 9.38 -5.73 7.00
C LEU A 101 10.58 -6.38 7.66
N ASN A 102 11.28 -5.64 8.52
CA ASN A 102 12.44 -6.16 9.23
C ASN A 102 12.40 -5.76 10.70
N ASN A 103 12.30 -6.75 11.59
CA ASN A 103 12.38 -6.51 13.02
C ASN A 103 13.85 -6.44 13.42
N LYS A 104 14.35 -5.22 13.67
CA LYS A 104 15.78 -4.97 13.86
C LYS A 104 16.29 -5.23 15.28
N ARG A 105 15.61 -6.09 16.04
CA ARG A 105 16.14 -6.56 17.32
C ARG A 105 15.95 -8.06 17.50
N THR A 106 15.37 -8.70 16.50
CA THR A 106 15.24 -10.15 16.39
C THR A 106 15.20 -10.52 14.91
N ASN A 107 16.22 -10.07 14.18
CA ASN A 107 16.34 -10.08 12.72
C ASN A 107 15.39 -11.08 12.05
N GLU A 108 14.16 -10.63 11.85
CA GLU A 108 13.11 -11.40 11.20
C GLU A 108 12.55 -10.62 10.02
N LYS A 109 12.94 -11.03 8.81
CA LYS A 109 12.51 -10.40 7.56
C LYS A 109 11.20 -11.01 7.07
N VAL A 110 10.20 -10.16 6.84
CA VAL A 110 8.87 -10.56 6.38
C VAL A 110 8.51 -9.78 5.12
N VAL A 111 8.58 -10.43 3.96
CA VAL A 111 8.30 -9.78 2.68
C VAL A 111 6.83 -9.96 2.29
N VAL A 112 6.12 -8.84 2.08
CA VAL A 112 4.74 -8.85 1.60
C VAL A 112 4.73 -9.37 0.18
N THR A 113 4.31 -10.62 -0.01
CA THR A 113 4.28 -11.27 -1.32
C THR A 113 3.32 -10.56 -2.27
N LEU A 114 3.88 -9.95 -3.32
CA LEU A 114 3.14 -9.30 -4.38
C LEU A 114 2.55 -10.34 -5.35
N ASN A 115 1.78 -11.28 -4.81
CA ASN A 115 1.15 -12.36 -5.57
C ASN A 115 0.15 -11.79 -6.57
N ARG A 116 0.52 -11.77 -7.85
CA ARG A 116 -0.32 -11.30 -8.95
C ARG A 116 -0.43 -12.38 -10.02
N LEU A 117 -0.86 -13.57 -9.62
CA LEU A 117 -1.03 -14.70 -10.52
C LEU A 117 -2.19 -14.45 -11.50
N GLY A 118 -1.87 -14.12 -12.75
CA GLY A 118 -2.88 -13.92 -13.78
C GLY A 118 -3.48 -15.25 -14.21
N ARG A 119 -4.78 -15.25 -14.52
CA ARG A 119 -5.49 -16.44 -14.95
C ARG A 119 -5.29 -16.66 -16.44
N VAL A 120 -4.44 -17.62 -16.79
CA VAL A 120 -4.15 -17.97 -18.17
C VAL A 120 -5.40 -18.53 -18.87
N ARG A 121 -5.62 -18.11 -20.11
CA ARG A 121 -6.75 -18.54 -20.93
C ARG A 121 -6.56 -19.96 -21.47
N VAL A 122 -6.31 -20.92 -20.58
CA VAL A 122 -6.11 -22.32 -20.94
C VAL A 122 -7.42 -22.93 -21.44
N GLY A 123 -7.53 -23.12 -22.75
CA GLY A 123 -8.71 -23.70 -23.37
C GLY A 123 -8.52 -23.84 -24.88
N GLY A 124 -9.55 -24.37 -25.56
CA GLY A 124 -9.53 -24.59 -27.00
C GLY A 124 -8.67 -25.80 -27.38
N ASN A 125 -8.54 -26.03 -28.69
CA ASN A 125 -7.75 -27.14 -29.21
C ASN A 125 -6.25 -26.93 -28.97
N ILE A 1 0.17 -15.95 25.78
CA ILE A 1 -0.42 -15.14 24.70
C ILE A 1 0.61 -14.93 23.59
N GLN A 2 0.46 -15.65 22.48
CA GLN A 2 1.35 -15.53 21.34
C GLN A 2 1.14 -14.19 20.63
N ASN A 3 2.08 -13.25 20.83
CA ASN A 3 2.03 -11.95 20.18
C ASN A 3 2.46 -12.06 18.72
N ASN A 4 1.66 -12.75 17.92
CA ASN A 4 1.92 -12.94 16.49
C ASN A 4 1.56 -11.68 15.69
N GLU A 5 2.16 -10.54 16.07
CA GLU A 5 1.92 -9.25 15.43
C GLU A 5 2.59 -9.15 14.07
N ARG A 6 2.85 -10.29 13.43
CA ARG A 6 3.49 -10.31 12.12
C ARG A 6 2.44 -10.32 11.03
N GLU A 7 1.51 -11.27 11.14
CA GLU A 7 0.44 -11.44 10.17
C GLU A 7 -0.70 -10.46 10.41
N THR A 8 -0.37 -9.34 11.04
CA THR A 8 -1.29 -8.23 11.14
C THR A 8 -0.70 -7.00 10.45
N LEU A 9 0.55 -7.09 9.99
CA LEU A 9 1.15 -6.08 9.15
C LEU A 9 1.28 -6.58 7.71
N VAL A 10 0.93 -7.85 7.47
CA VAL A 10 0.87 -8.36 6.12
C VAL A 10 -0.58 -8.48 5.69
N ASN A 11 -1.47 -8.47 6.68
CA ASN A 11 -2.91 -8.47 6.44
C ASN A 11 -3.48 -7.06 6.61
N SER A 12 -2.59 -6.09 6.82
CA SER A 12 -2.95 -4.68 6.80
C SER A 12 -2.08 -3.88 5.82
N ILE A 13 -1.34 -4.58 4.94
CA ILE A 13 -0.66 -3.92 3.83
C ILE A 13 -1.01 -4.60 2.51
N LYS A 14 -1.51 -5.84 2.53
CA LYS A 14 -2.06 -6.43 1.31
C LYS A 14 -3.56 -6.23 1.26
N THR A 15 -4.09 -5.43 2.19
CA THR A 15 -5.49 -5.06 2.21
C THR A 15 -5.64 -3.54 2.38
N ALA A 16 -4.59 -2.85 1.94
CA ALA A 16 -4.59 -1.40 1.81
C ALA A 16 -4.14 -1.02 0.40
N ILE A 17 -4.02 -2.04 -0.47
CA ILE A 17 -3.80 -1.87 -1.89
C ILE A 17 -5.01 -2.43 -2.64
N GLN A 18 -5.86 -3.18 -1.92
CA GLN A 18 -7.05 -3.80 -2.48
C GLN A 18 -8.31 -3.23 -1.86
N TYR A 19 -8.11 -2.13 -1.11
CA TYR A 19 -9.21 -1.31 -0.64
C TYR A 19 -9.03 0.08 -1.23
N SER A 20 -7.88 0.31 -1.85
CA SER A 20 -7.58 1.61 -2.48
C SER A 20 -7.85 1.58 -3.98
N LYS A 21 -7.86 0.40 -4.61
CA LYS A 21 -8.23 0.32 -6.02
C LYS A 21 -9.74 0.36 -6.21
N ILE A 22 -10.48 0.67 -5.14
CA ILE A 22 -11.93 0.83 -5.20
C ILE A 22 -12.34 2.26 -4.87
N GLN A 23 -11.47 3.06 -4.25
CA GLN A 23 -11.72 4.47 -4.01
C GLN A 23 -11.22 5.34 -5.15
N ALA A 24 -10.67 4.72 -6.20
CA ALA A 24 -10.35 5.38 -7.45
C ALA A 24 -11.45 5.14 -8.48
N ILE A 25 -11.86 3.88 -8.65
CA ILE A 25 -12.87 3.51 -9.66
C ILE A 25 -14.23 4.07 -9.26
N HIS A 26 -14.35 4.57 -8.02
CA HIS A 26 -15.59 5.13 -7.54
C HIS A 26 -15.57 6.67 -7.55
N LEU A 27 -14.49 7.27 -8.07
CA LEU A 27 -14.42 8.72 -8.23
C LEU A 27 -14.00 9.10 -9.65
N GLY A 28 -13.82 8.11 -10.52
CA GLY A 28 -13.51 8.35 -11.92
C GLY A 28 -12.12 8.97 -12.13
N HIS A 29 -11.25 8.91 -11.12
CA HIS A 29 -9.92 9.51 -11.22
C HIS A 29 -8.94 8.80 -10.29
N PRO A 30 -7.64 8.81 -10.62
CA PRO A 30 -6.59 8.19 -9.82
C PRO A 30 -6.45 8.82 -8.44
N ILE A 31 -5.93 8.05 -7.48
CA ILE A 31 -5.69 8.51 -6.12
C ILE A 31 -4.31 8.05 -5.65
N TYR A 32 -3.75 8.80 -4.69
CA TYR A 32 -2.37 8.66 -4.26
C TYR A 32 -2.25 7.97 -2.90
N LEU A 33 -1.82 6.70 -2.91
CA LEU A 33 -1.52 5.99 -1.68
C LEU A 33 -0.13 6.40 -1.20
N LEU A 34 -0.07 7.23 -0.15
CA LEU A 34 1.16 7.77 0.40
C LEU A 34 1.46 7.13 1.76
N PRO A 35 2.71 7.18 2.23
CA PRO A 35 3.06 6.80 3.59
C PRO A 35 2.48 7.84 4.55
N PHE A 36 2.31 7.48 5.82
CA PHE A 36 1.78 8.42 6.81
C PHE A 36 2.78 9.55 7.03
N GLY A 37 2.48 10.72 6.47
CA GLY A 37 3.38 11.87 6.45
C GLY A 37 4.29 11.80 5.23
N SER A 38 4.50 12.95 4.56
CA SER A 38 5.26 12.98 3.31
C SER A 38 6.73 13.30 3.53
N ASN A 39 7.25 13.01 4.73
CA ASN A 39 8.67 13.12 5.03
C ASN A 39 9.10 11.93 5.89
N GLU A 40 8.35 10.82 5.80
CA GLU A 40 8.54 9.65 6.63
C GLU A 40 8.47 8.37 5.79
N ASN A 41 9.32 7.40 6.12
CA ASN A 41 9.25 6.06 5.54
C ASN A 41 7.91 5.43 5.90
N TRP A 42 7.53 4.35 5.21
CA TRP A 42 6.24 3.70 5.42
C TRP A 42 6.15 2.98 6.78
N SER A 43 6.96 3.38 7.78
CA SER A 43 6.99 2.67 9.04
C SER A 43 6.27 3.44 10.15
N ARG A 44 5.33 4.31 9.78
CA ARG A 44 4.44 4.99 10.72
C ARG A 44 3.01 4.97 10.20
N GLY A 45 2.70 3.98 9.35
CA GLY A 45 1.39 3.82 8.75
C GLY A 45 1.38 4.33 7.31
N MET A 46 0.21 4.20 6.66
CA MET A 46 -0.02 4.65 5.29
C MET A 46 -1.36 5.37 5.21
N VAL A 47 -1.48 6.29 4.24
CA VAL A 47 -2.68 7.10 4.05
C VAL A 47 -3.06 7.18 2.58
N LEU A 48 -4.30 6.77 2.28
CA LEU A 48 -4.87 6.88 0.95
C LEU A 48 -5.41 8.29 0.77
N ALA A 49 -4.86 9.07 -0.16
CA ALA A 49 -5.21 10.47 -0.31
C ALA A 49 -5.52 10.85 -1.76
N LYS A 50 -6.64 11.57 -1.95
CA LYS A 50 -7.11 12.04 -3.24
C LYS A 50 -6.76 13.51 -3.41
N LEU A 51 -6.93 14.01 -4.64
CA LEU A 51 -6.66 15.41 -4.97
C LEU A 51 -7.96 16.09 -5.39
N ASN A 52 -8.21 17.29 -4.87
CA ASN A 52 -9.39 18.06 -5.20
C ASN A 52 -8.99 19.23 -6.09
N GLN A 53 -9.27 19.13 -7.39
CA GLN A 53 -8.81 20.11 -8.36
C GLN A 53 -9.71 21.36 -8.39
N THR A 54 -10.31 21.71 -7.24
CA THR A 54 -11.03 22.97 -7.10
C THR A 54 -10.70 23.65 -5.78
N THR A 55 -9.82 23.05 -4.97
CA THR A 55 -9.25 23.65 -3.78
C THR A 55 -7.80 23.21 -3.61
N ASN A 56 -7.16 22.83 -4.72
CA ASN A 56 -5.78 22.35 -4.82
C ASN A 56 -5.24 21.78 -3.50
N LYS A 57 -5.92 20.79 -2.92
CA LYS A 57 -5.52 20.19 -1.65
C LYS A 57 -5.61 18.67 -1.68
N THR A 58 -4.63 18.01 -1.08
CA THR A 58 -4.57 16.56 -0.95
C THR A 58 -5.45 16.13 0.22
N GLU A 59 -6.62 15.58 -0.08
CA GLU A 59 -7.62 15.21 0.93
C GLU A 59 -7.45 13.75 1.34
N LEU A 60 -7.36 13.52 2.66
CA LEU A 60 -7.21 12.17 3.20
C LEU A 60 -8.51 11.39 3.04
N ILE A 61 -8.44 10.20 2.46
CA ILE A 61 -9.60 9.33 2.30
C ILE A 61 -9.62 8.33 3.47
N HIS A 62 -8.50 7.60 3.64
CA HIS A 62 -8.34 6.57 4.65
C HIS A 62 -6.91 6.52 5.17
N GLN A 63 -6.75 6.01 6.40
CA GLN A 63 -5.44 5.85 7.02
C GLN A 63 -5.34 4.49 7.71
N TRP A 64 -4.11 3.96 7.77
CA TRP A 64 -3.79 2.72 8.45
C TRP A 64 -2.54 2.94 9.30
N GLN A 65 -2.71 3.06 10.62
CA GLN A 65 -1.63 3.28 11.56
C GLN A 65 -1.12 1.95 12.12
N TRP A 66 0.17 1.67 11.95
CA TRP A 66 0.77 0.45 12.48
C TRP A 66 0.85 0.52 14.02
N SER A 67 -0.03 -0.21 14.70
CA SER A 67 -0.02 -0.26 16.16
C SER A 67 1.02 -1.26 16.68
N SER A 68 2.06 -1.53 15.88
CA SER A 68 3.17 -2.39 16.26
C SER A 68 4.48 -1.73 15.85
N ASN A 69 5.22 -1.17 16.81
CA ASN A 69 6.46 -0.46 16.53
C ASN A 69 7.65 -1.42 16.42
N SER A 70 7.49 -2.52 15.67
CA SER A 70 8.57 -3.47 15.44
C SER A 70 8.66 -3.91 14.00
N TRP A 71 8.16 -3.08 13.06
CA TRP A 71 8.18 -3.42 11.64
C TRP A 71 8.63 -2.24 10.80
N ASN A 72 9.87 -2.28 10.31
CA ASN A 72 10.38 -1.28 9.38
C ASN A 72 9.90 -1.64 7.98
N ILE A 73 8.90 -0.91 7.49
CA ILE A 73 8.29 -1.15 6.19
C ILE A 73 9.13 -0.53 5.08
N ASN A 74 9.89 -1.35 4.34
CA ASN A 74 10.67 -0.85 3.22
C ASN A 74 10.06 -1.28 1.89
N TRP A 75 9.38 -0.37 1.21
CA TRP A 75 8.80 -0.65 -0.10
C TRP A 75 9.87 -0.55 -1.18
N LYS A 76 10.34 -1.69 -1.68
CA LYS A 76 11.39 -1.75 -2.69
C LYS A 76 10.79 -1.63 -4.09
N GLY A 77 10.02 -0.57 -4.34
CA GLY A 77 9.49 -0.28 -5.67
C GLY A 77 10.58 0.23 -6.60
N VAL A 78 10.36 0.13 -7.91
CA VAL A 78 11.34 0.57 -8.90
C VAL A 78 11.20 2.08 -9.16
N ASP A 79 10.67 2.80 -8.16
CA ASP A 79 10.42 4.24 -8.20
C ASP A 79 10.90 4.87 -6.91
N SER A 80 11.86 5.79 -6.98
CA SER A 80 12.36 6.51 -5.81
C SER A 80 11.37 7.59 -5.38
N ASN A 81 10.07 7.29 -5.50
CA ASN A 81 8.96 8.17 -5.15
C ASN A 81 7.92 7.38 -4.37
N HIS A 82 7.82 7.60 -3.07
CA HIS A 82 6.86 6.89 -2.21
C HIS A 82 5.44 7.42 -2.41
N ARG A 83 4.96 7.40 -3.66
CA ARG A 83 3.62 7.78 -4.04
C ARG A 83 3.08 6.75 -5.04
N ILE A 84 2.20 5.87 -4.59
CA ILE A 84 1.65 4.82 -5.44
C ILE A 84 0.38 5.35 -6.11
N ILE A 85 0.49 5.69 -7.39
CA ILE A 85 -0.64 6.20 -8.16
C ILE A 85 -1.59 5.05 -8.50
N ILE A 86 -2.73 4.99 -7.78
CA ILE A 86 -3.73 3.99 -8.03
C ILE A 86 -4.67 4.46 -9.15
N SER A 87 -4.51 3.90 -10.35
CA SER A 87 -5.36 4.20 -11.48
C SER A 87 -6.78 3.70 -11.21
N ASN A 88 -7.79 4.49 -11.61
CA ASN A 88 -9.19 4.17 -11.34
C ASN A 88 -9.76 3.08 -12.25
N ILE A 89 -9.02 1.98 -12.43
CA ILE A 89 -9.46 0.86 -13.25
C ILE A 89 -8.89 -0.45 -12.69
N PRO A 90 -9.66 -1.55 -12.77
CA PRO A 90 -9.28 -2.83 -12.18
C PRO A 90 -7.95 -3.36 -12.71
N ASN A 91 -6.96 -3.45 -11.82
CA ASN A 91 -5.65 -4.03 -12.11
C ASN A 91 -4.98 -3.38 -13.32
N ARG A 92 -5.03 -2.05 -13.41
CA ARG A 92 -4.37 -1.28 -14.46
C ARG A 92 -3.66 -0.08 -13.83
N ALA A 93 -2.86 -0.34 -12.80
CA ALA A 93 -2.14 0.70 -12.07
C ALA A 93 -0.70 0.23 -11.84
N MET A 94 0.25 0.77 -12.59
CA MET A 94 1.65 0.39 -12.49
C MET A 94 2.21 0.76 -11.12
N SER A 95 2.37 -0.26 -10.27
CA SER A 95 2.90 -0.11 -8.91
C SER A 95 3.85 -1.27 -8.62
N ASN A 96 4.85 -1.43 -9.48
CA ASN A 96 5.83 -2.50 -9.35
C ASN A 96 6.70 -2.28 -8.12
N GLY A 97 6.44 -3.04 -7.06
CA GLY A 97 7.19 -2.96 -5.82
C GLY A 97 6.66 -3.95 -4.78
N LYS A 98 7.48 -4.22 -3.77
CA LYS A 98 7.16 -5.15 -2.69
C LYS A 98 7.55 -4.57 -1.34
N PHE A 99 6.68 -4.74 -0.34
CA PHE A 99 6.92 -4.27 1.01
C PHE A 99 7.76 -5.27 1.82
N ILE A 100 9.03 -4.96 2.06
CA ILE A 100 9.90 -5.78 2.88
C ILE A 100 9.84 -5.27 4.31
N LEU A 101 9.16 -6.01 5.19
CA LEU A 101 9.08 -5.67 6.61
C LEU A 101 10.27 -6.24 7.35
N ASN A 102 11.14 -5.37 7.84
CA ASN A 102 12.33 -5.75 8.59
C ASN A 102 12.09 -5.60 10.10
N ASN A 103 11.89 -6.72 10.79
CA ASN A 103 11.71 -6.70 12.24
C ASN A 103 13.04 -6.39 12.93
N LYS A 104 13.20 -5.16 13.42
CA LYS A 104 14.46 -4.71 14.00
C LYS A 104 14.65 -5.11 15.46
N ARG A 105 14.01 -6.17 15.93
CA ARG A 105 14.27 -6.70 17.26
C ARG A 105 14.39 -8.22 17.31
N THR A 106 14.16 -8.87 16.17
CA THR A 106 14.44 -10.30 16.01
C THR A 106 14.90 -10.62 14.58
N ASN A 107 15.47 -9.62 13.91
CA ASN A 107 15.98 -9.69 12.55
C ASN A 107 15.17 -10.62 11.66
N GLU A 108 13.85 -10.39 11.57
CA GLU A 108 12.96 -11.19 10.74
C GLU A 108 12.49 -10.39 9.53
N LYS A 109 13.05 -10.70 8.36
CA LYS A 109 12.66 -10.08 7.09
C LYS A 109 11.43 -10.75 6.52
N VAL A 110 10.37 -9.98 6.25
CA VAL A 110 9.12 -10.48 5.71
C VAL A 110 8.83 -9.83 4.36
N VAL A 111 9.02 -10.57 3.28
CA VAL A 111 8.84 -10.07 1.92
C VAL A 111 7.39 -10.24 1.47
N VAL A 112 6.62 -9.15 1.43
CA VAL A 112 5.26 -9.18 0.93
C VAL A 112 5.27 -9.22 -0.59
N THR A 113 5.00 -10.40 -1.15
CA THR A 113 4.94 -10.60 -2.59
C THR A 113 3.51 -10.39 -3.09
N LEU A 114 3.24 -9.24 -3.72
CA LEU A 114 1.94 -8.95 -4.28
C LEU A 114 1.67 -9.88 -5.47
N ASN A 115 0.83 -10.90 -5.25
CA ASN A 115 0.49 -11.86 -6.29
C ASN A 115 -0.38 -11.18 -7.35
N ARG A 116 0.25 -10.72 -8.43
CA ARG A 116 -0.41 -10.05 -9.54
C ARG A 116 0.12 -10.58 -10.87
N LEU A 117 0.18 -11.90 -11.01
CA LEU A 117 0.64 -12.57 -12.22
C LEU A 117 -0.49 -12.65 -13.24
N GLY A 118 -1.07 -11.50 -13.58
CA GLY A 118 -2.13 -11.43 -14.57
C GLY A 118 -1.58 -11.72 -15.97
N ARG A 119 -2.40 -12.36 -16.81
CA ARG A 119 -1.99 -12.73 -18.17
C ARG A 119 -3.10 -12.38 -19.15
N VAL A 120 -2.91 -11.32 -19.93
CA VAL A 120 -3.87 -10.92 -20.95
C VAL A 120 -4.03 -12.03 -21.98
N ARG A 121 -5.22 -12.13 -22.57
CA ARG A 121 -5.58 -13.18 -23.50
C ARG A 121 -4.60 -13.23 -24.68
N VAL A 122 -3.70 -14.22 -24.67
CA VAL A 122 -2.78 -14.48 -25.76
C VAL A 122 -2.72 -15.98 -26.02
N GLY A 123 -3.37 -16.43 -27.10
CA GLY A 123 -3.44 -17.84 -27.43
C GLY A 123 -4.26 -18.61 -26.39
N GLY A 124 -3.91 -19.87 -26.15
CA GLY A 124 -4.57 -20.70 -25.15
C GLY A 124 -4.26 -20.25 -23.73
N ASN A 125 -4.98 -20.84 -22.77
CA ASN A 125 -4.81 -20.52 -21.35
C ASN A 125 -3.43 -20.95 -20.85
N ILE A 1 -2.86 -18.36 23.67
CA ILE A 1 -3.06 -17.20 22.78
C ILE A 1 -1.81 -16.98 21.91
N GLN A 2 -1.89 -17.37 20.64
CA GLN A 2 -0.79 -17.23 19.70
C GLN A 2 -0.59 -15.76 19.34
N ASN A 3 0.44 -15.13 19.90
CA ASN A 3 0.77 -13.73 19.67
C ASN A 3 1.42 -13.51 18.32
N ASN A 4 0.77 -13.92 17.23
CA ASN A 4 1.25 -13.75 15.87
C ASN A 4 1.10 -12.29 15.42
N GLU A 5 1.86 -11.38 16.01
CA GLU A 5 1.85 -9.97 15.63
C GLU A 5 2.68 -9.73 14.38
N ARG A 6 2.85 -10.78 13.56
CA ARG A 6 3.61 -10.68 12.33
C ARG A 6 2.66 -10.60 11.15
N GLU A 7 1.69 -11.52 11.12
CA GLU A 7 0.71 -11.58 10.05
C GLU A 7 -0.40 -10.56 10.23
N THR A 8 -0.25 -9.65 11.20
CA THR A 8 -1.19 -8.55 11.33
C THR A 8 -0.63 -7.31 10.63
N LEU A 9 0.61 -7.39 10.13
CA LEU A 9 1.19 -6.34 9.35
C LEU A 9 1.26 -6.71 7.88
N VAL A 10 0.92 -7.96 7.54
CA VAL A 10 0.86 -8.38 6.15
C VAL A 10 -0.60 -8.46 5.72
N ASN A 11 -1.49 -8.50 6.71
CA ASN A 11 -2.92 -8.46 6.47
C ASN A 11 -3.47 -7.06 6.71
N SER A 12 -2.58 -6.13 7.05
CA SER A 12 -2.91 -4.71 7.13
C SER A 12 -2.04 -3.86 6.20
N ILE A 13 -1.33 -4.49 5.27
CA ILE A 13 -0.65 -3.75 4.19
C ILE A 13 -0.99 -4.34 2.82
N LYS A 14 -1.46 -5.60 2.75
CA LYS A 14 -2.01 -6.12 1.50
C LYS A 14 -3.51 -5.87 1.44
N THR A 15 -4.04 -5.16 2.44
CA THR A 15 -5.45 -4.77 2.48
C THR A 15 -5.58 -3.30 2.84
N ALA A 16 -4.52 -2.55 2.54
CA ALA A 16 -4.54 -1.10 2.61
C ALA A 16 -4.21 -0.54 1.23
N ILE A 17 -4.25 -1.41 0.23
CA ILE A 17 -4.16 -1.07 -1.18
C ILE A 17 -5.31 -1.72 -1.94
N GLN A 18 -5.93 -2.75 -1.36
CA GLN A 18 -7.08 -3.41 -1.97
C GLN A 18 -8.38 -2.72 -1.54
N TYR A 19 -8.21 -1.60 -0.85
CA TYR A 19 -9.30 -0.70 -0.54
C TYR A 19 -8.91 0.69 -1.06
N SER A 20 -7.85 0.72 -1.85
CA SER A 20 -7.36 1.98 -2.43
C SER A 20 -7.35 1.94 -3.95
N LYS A 21 -7.87 0.86 -4.55
CA LYS A 21 -8.11 0.81 -5.99
C LYS A 21 -9.59 0.71 -6.29
N ILE A 22 -10.41 0.73 -5.23
CA ILE A 22 -11.86 0.76 -5.34
C ILE A 22 -12.33 2.21 -5.31
N GLN A 23 -11.76 3.00 -4.39
CA GLN A 23 -12.10 4.40 -4.25
C GLN A 23 -11.56 5.25 -5.38
N ALA A 24 -10.91 4.61 -6.36
CA ALA A 24 -10.51 5.23 -7.61
C ALA A 24 -11.57 4.97 -8.67
N ILE A 25 -11.90 3.68 -8.88
CA ILE A 25 -12.83 3.25 -9.91
C ILE A 25 -14.25 3.72 -9.57
N HIS A 26 -14.44 4.22 -8.34
CA HIS A 26 -15.73 4.74 -7.91
C HIS A 26 -15.77 6.27 -7.92
N LEU A 27 -14.70 6.93 -8.38
CA LEU A 27 -14.71 8.37 -8.57
C LEU A 27 -14.27 8.74 -9.99
N GLY A 28 -14.00 7.75 -10.83
CA GLY A 28 -13.67 7.99 -12.24
C GLY A 28 -12.33 8.69 -12.41
N HIS A 29 -11.51 8.76 -11.36
CA HIS A 29 -10.22 9.43 -11.42
C HIS A 29 -9.25 8.85 -10.38
N PRO A 30 -7.94 8.98 -10.60
CA PRO A 30 -6.92 8.43 -9.73
C PRO A 30 -6.95 9.00 -8.32
N ILE A 31 -6.38 8.26 -7.38
CA ILE A 31 -6.24 8.65 -5.98
C ILE A 31 -4.81 8.38 -5.51
N TYR A 32 -4.41 9.06 -4.44
CA TYR A 32 -3.02 9.09 -4.01
C TYR A 32 -2.78 8.41 -2.67
N LEU A 33 -2.17 7.21 -2.71
CA LEU A 33 -1.82 6.46 -1.52
C LEU A 33 -0.48 6.95 -0.98
N LEU A 34 -0.52 7.73 0.11
CA LEU A 34 0.67 8.27 0.75
C LEU A 34 0.97 7.53 2.06
N PRO A 35 2.19 7.63 2.58
CA PRO A 35 2.53 7.15 3.91
C PRO A 35 1.86 8.07 4.94
N PHE A 36 1.66 7.57 6.17
CA PHE A 36 1.07 8.37 7.22
C PHE A 36 2.08 9.43 7.67
N GLY A 37 1.88 10.68 7.27
CA GLY A 37 2.80 11.77 7.56
C GLY A 37 3.79 11.96 6.41
N SER A 38 4.25 13.20 6.22
CA SER A 38 5.08 13.58 5.07
C SER A 38 6.56 13.21 5.26
N ASN A 39 6.83 11.93 5.54
CA ASN A 39 8.19 11.40 5.64
C ASN A 39 8.29 10.08 4.89
N GLU A 40 9.44 9.81 4.27
CA GLU A 40 9.65 8.65 3.41
C GLU A 40 9.86 7.35 4.19
N ASN A 41 9.04 7.10 5.21
CA ASN A 41 9.09 5.87 5.99
C ASN A 41 7.67 5.35 6.24
N TRP A 42 7.30 4.25 5.56
CA TRP A 42 5.98 3.66 5.69
C TRP A 42 5.83 2.90 7.01
N SER A 43 6.60 3.25 8.05
CA SER A 43 6.62 2.49 9.29
C SER A 43 5.75 3.11 10.38
N ARG A 44 4.73 3.88 10.00
CA ARG A 44 3.74 4.38 10.94
C ARG A 44 2.35 4.48 10.30
N GLY A 45 2.11 3.67 9.26
CA GLY A 45 0.82 3.60 8.60
C GLY A 45 0.84 4.24 7.21
N MET A 46 -0.30 4.16 6.53
CA MET A 46 -0.51 4.73 5.20
C MET A 46 -1.91 5.36 5.13
N VAL A 47 -2.07 6.34 4.24
CA VAL A 47 -3.30 7.11 4.11
C VAL A 47 -3.72 7.27 2.65
N LEU A 48 -4.97 6.91 2.36
CA LEU A 48 -5.56 7.10 1.05
C LEU A 48 -6.07 8.55 0.96
N ALA A 49 -5.48 9.36 0.09
CA ALA A 49 -5.87 10.76 -0.06
C ALA A 49 -6.23 11.09 -1.51
N LYS A 50 -7.46 11.57 -1.72
CA LYS A 50 -7.94 11.98 -3.04
C LYS A 50 -7.86 13.50 -3.21
N LEU A 51 -7.56 13.94 -4.43
CA LEU A 51 -7.58 15.35 -4.75
C LEU A 51 -8.97 15.70 -5.24
N ASN A 52 -9.74 16.40 -4.40
CA ASN A 52 -11.12 16.73 -4.70
C ASN A 52 -11.16 17.80 -5.80
N GLN A 53 -11.49 17.39 -7.02
CA GLN A 53 -11.44 18.26 -8.19
C GLN A 53 -12.55 19.31 -8.24
N THR A 54 -13.12 19.69 -7.09
CA THR A 54 -14.11 20.75 -7.05
C THR A 54 -13.86 21.71 -5.87
N THR A 55 -12.83 21.46 -5.07
CA THR A 55 -12.39 22.36 -4.01
C THR A 55 -10.87 22.32 -3.85
N ASN A 56 -10.17 21.93 -4.92
CA ASN A 56 -8.71 21.77 -4.98
C ASN A 56 -8.06 21.48 -3.62
N LYS A 57 -8.52 20.42 -2.94
CA LYS A 57 -7.98 20.04 -1.63
C LYS A 57 -7.73 18.54 -1.54
N THR A 58 -6.63 18.18 -0.87
CA THR A 58 -6.30 16.78 -0.61
C THR A 58 -7.18 16.27 0.52
N GLU A 59 -8.19 15.47 0.19
CA GLU A 59 -9.15 14.93 1.15
C GLU A 59 -8.75 13.53 1.60
N LEU A 60 -8.59 13.38 2.92
CA LEU A 60 -8.17 12.12 3.52
C LEU A 60 -9.36 11.15 3.58
N ILE A 61 -9.24 9.98 2.96
CA ILE A 61 -10.34 9.03 2.90
C ILE A 61 -10.24 7.98 4.01
N HIS A 62 -9.06 7.37 4.16
CA HIS A 62 -8.86 6.28 5.11
C HIS A 62 -7.45 6.33 5.71
N GLN A 63 -7.31 6.00 7.01
CA GLN A 63 -6.03 6.00 7.69
C GLN A 63 -5.73 4.64 8.31
N TRP A 64 -4.82 3.89 7.71
CA TRP A 64 -4.33 2.64 8.28
C TRP A 64 -3.09 2.92 9.12
N GLN A 65 -3.17 2.70 10.43
CA GLN A 65 -2.05 2.93 11.32
C GLN A 65 -1.87 1.78 12.30
N TRP A 66 -0.86 0.95 12.03
CA TRP A 66 -0.49 -0.17 12.89
C TRP A 66 0.33 0.33 14.07
N SER A 67 -0.28 0.39 15.25
CA SER A 67 0.39 0.83 16.47
C SER A 67 1.25 -0.29 17.05
N SER A 68 2.16 -0.81 16.23
CA SER A 68 3.07 -1.88 16.61
C SER A 68 4.47 -1.53 16.08
N ASN A 69 5.25 -0.82 16.90
CA ASN A 69 6.57 -0.32 16.49
C ASN A 69 7.64 -1.40 16.57
N SER A 70 7.43 -2.54 15.91
CA SER A 70 8.45 -3.58 15.80
C SER A 70 8.54 -4.12 14.37
N TRP A 71 8.13 -3.31 13.39
CA TRP A 71 8.23 -3.70 11.99
C TRP A 71 8.63 -2.51 11.14
N ASN A 72 9.89 -2.47 10.72
CA ASN A 72 10.38 -1.44 9.80
C ASN A 72 9.86 -1.76 8.41
N ILE A 73 8.85 -1.02 7.95
CA ILE A 73 8.24 -1.22 6.64
C ILE A 73 9.10 -0.56 5.57
N ASN A 74 9.85 -1.35 4.81
CA ASN A 74 10.69 -0.82 3.75
C ASN A 74 10.13 -1.21 2.38
N TRP A 75 9.50 -0.25 1.70
CA TRP A 75 8.94 -0.47 0.38
C TRP A 75 10.04 -0.37 -0.68
N LYS A 76 10.49 -1.53 -1.19
CA LYS A 76 11.53 -1.61 -2.20
C LYS A 76 10.93 -1.56 -3.60
N GLY A 77 10.15 -0.52 -3.89
CA GLY A 77 9.56 -0.32 -5.20
C GLY A 77 10.63 -0.12 -6.26
N VAL A 78 10.39 -0.63 -7.48
CA VAL A 78 11.34 -0.51 -8.58
C VAL A 78 10.99 0.72 -9.42
N ASP A 79 10.33 1.71 -8.79
CA ASP A 79 9.94 2.96 -9.41
C ASP A 79 10.23 4.10 -8.43
N SER A 80 11.22 4.94 -8.75
CA SER A 80 11.64 6.06 -7.92
C SER A 80 10.65 7.22 -7.97
N ASN A 81 9.38 6.96 -7.64
CA ASN A 81 8.34 7.98 -7.63
C ASN A 81 7.46 7.85 -6.37
N HIS A 82 7.67 8.75 -5.42
CA HIS A 82 6.87 8.85 -4.20
C HIS A 82 5.41 9.10 -4.55
N ARG A 83 4.49 8.69 -3.67
CA ARG A 83 3.05 8.82 -3.84
C ARG A 83 2.55 7.84 -4.91
N ILE A 84 1.91 6.75 -4.47
CA ILE A 84 1.47 5.69 -5.37
C ILE A 84 0.16 6.10 -6.02
N ILE A 85 0.22 6.49 -7.30
CA ILE A 85 -0.95 6.90 -8.06
C ILE A 85 -1.78 5.67 -8.45
N ILE A 86 -2.89 5.44 -7.76
CA ILE A 86 -3.75 4.30 -8.06
C ILE A 86 -4.73 4.67 -9.17
N SER A 87 -4.48 4.19 -10.39
CA SER A 87 -5.33 4.41 -11.54
C SER A 87 -6.72 3.82 -11.31
N ASN A 88 -7.76 4.56 -11.69
CA ASN A 88 -9.15 4.17 -11.47
C ASN A 88 -9.62 3.08 -12.45
N ILE A 89 -8.80 2.06 -12.67
CA ILE A 89 -9.09 0.98 -13.61
C ILE A 89 -8.51 -0.33 -13.07
N PRO A 90 -9.06 -1.48 -13.51
CA PRO A 90 -8.77 -2.78 -12.94
C PRO A 90 -7.29 -3.13 -12.76
N ASN A 91 -6.51 -3.18 -13.84
CA ASN A 91 -5.11 -3.55 -13.73
C ASN A 91 -4.21 -2.71 -14.66
N ARG A 92 -4.28 -1.38 -14.52
CA ARG A 92 -3.38 -0.48 -15.24
C ARG A 92 -2.89 0.59 -14.27
N ALA A 93 -2.31 0.14 -13.16
CA ALA A 93 -1.79 1.00 -12.10
C ALA A 93 -0.41 0.48 -11.68
N MET A 94 0.51 0.40 -12.64
CA MET A 94 1.83 -0.19 -12.44
C MET A 94 2.61 0.53 -11.33
N SER A 95 2.69 -0.13 -10.17
CA SER A 95 3.47 0.32 -9.03
C SER A 95 4.22 -0.88 -8.47
N ASN A 96 5.01 -1.52 -9.33
CA ASN A 96 5.74 -2.75 -9.00
C ASN A 96 6.67 -2.53 -7.81
N GLY A 97 6.28 -3.04 -6.65
CA GLY A 97 7.08 -2.90 -5.44
C GLY A 97 6.68 -3.93 -4.38
N LYS A 98 7.56 -4.09 -3.38
CA LYS A 98 7.40 -5.07 -2.31
C LYS A 98 7.73 -4.46 -0.96
N PHE A 99 6.84 -4.65 0.02
CA PHE A 99 7.04 -4.17 1.38
C PHE A 99 7.84 -5.19 2.19
N ILE A 100 9.12 -4.89 2.44
CA ILE A 100 9.99 -5.73 3.24
C ILE A 100 9.87 -5.30 4.71
N LEU A 101 9.17 -6.09 5.51
CA LEU A 101 9.11 -5.89 6.96
C LEU A 101 10.35 -6.53 7.60
N ASN A 102 11.07 -5.75 8.40
CA ASN A 102 12.33 -6.22 8.98
C ASN A 102 12.42 -5.86 10.46
N ASN A 103 12.23 -6.86 11.32
CA ASN A 103 12.33 -6.65 12.77
C ASN A 103 13.79 -6.80 13.22
N LYS A 104 14.45 -5.67 13.50
CA LYS A 104 15.88 -5.64 13.80
C LYS A 104 16.25 -5.99 15.24
N ARG A 105 15.40 -6.76 15.94
CA ARG A 105 15.76 -7.31 17.24
C ARG A 105 15.37 -8.78 17.36
N THR A 106 14.84 -9.33 16.27
CA THR A 106 14.56 -10.75 16.10
C THR A 106 14.63 -11.05 14.60
N ASN A 107 15.78 -10.70 14.01
CA ASN A 107 16.02 -10.67 12.57
C ASN A 107 15.10 -11.58 11.78
N GLU A 108 13.93 -11.03 11.44
CA GLU A 108 12.92 -11.71 10.64
C GLU A 108 12.47 -10.81 9.49
N LYS A 109 12.94 -11.14 8.28
CA LYS A 109 12.65 -10.37 7.08
C LYS A 109 11.46 -10.98 6.34
N VAL A 110 10.35 -10.24 6.30
CA VAL A 110 9.10 -10.68 5.68
C VAL A 110 8.86 -9.87 4.41
N VAL A 111 9.10 -10.46 3.25
CA VAL A 111 8.97 -9.78 1.96
C VAL A 111 7.57 -9.99 1.37
N VAL A 112 6.72 -8.96 1.45
CA VAL A 112 5.40 -8.99 0.84
C VAL A 112 5.52 -8.67 -0.66
N THR A 113 5.41 -9.70 -1.50
CA THR A 113 5.55 -9.55 -2.95
C THR A 113 4.21 -9.28 -3.61
N LEU A 114 3.50 -8.24 -3.18
CA LEU A 114 2.22 -7.86 -3.75
C LEU A 114 2.40 -7.09 -5.07
N ASN A 115 3.18 -7.65 -5.99
CA ASN A 115 3.50 -7.00 -7.25
C ASN A 115 2.26 -6.92 -8.14
N ARG A 116 1.67 -5.73 -8.24
CA ARG A 116 0.51 -5.46 -9.09
C ARG A 116 0.99 -5.15 -10.51
N LEU A 117 1.40 -6.18 -11.24
CA LEU A 117 1.86 -6.05 -12.61
C LEU A 117 0.69 -5.65 -13.51
N GLY A 118 0.65 -4.38 -13.90
CA GLY A 118 -0.38 -3.86 -14.79
C GLY A 118 -0.11 -4.30 -16.24
N ARG A 119 -1.18 -4.44 -17.02
CA ARG A 119 -1.07 -4.85 -18.41
C ARG A 119 -0.89 -3.62 -19.31
N VAL A 120 0.33 -3.41 -19.78
CA VAL A 120 0.66 -2.31 -20.67
C VAL A 120 0.09 -2.56 -22.06
N ARG A 121 -0.26 -1.46 -22.75
CA ARG A 121 -0.85 -1.48 -24.08
C ARG A 121 0.05 -2.23 -25.07
N VAL A 122 -0.34 -3.45 -25.43
CA VAL A 122 0.40 -4.26 -26.40
C VAL A 122 0.20 -3.69 -27.81
N GLY A 123 1.21 -3.01 -28.33
CA GLY A 123 1.16 -2.40 -29.65
C GLY A 123 0.23 -1.19 -29.69
N GLY A 124 0.02 -0.65 -30.89
CA GLY A 124 -0.85 0.51 -31.08
C GLY A 124 -0.92 0.91 -32.55
N ASN A 125 -1.68 1.96 -32.86
CA ASN A 125 -1.84 2.47 -34.21
C ASN A 125 -1.75 4.00 -34.24
N ILE A 1 3.80 -17.80 22.22
CA ILE A 1 3.77 -16.33 22.17
C ILE A 1 2.60 -15.85 21.31
N GLN A 2 1.55 -15.35 21.96
CA GLN A 2 0.35 -14.87 21.30
C GLN A 2 0.56 -13.44 20.76
N ASN A 3 1.59 -13.25 19.94
CA ASN A 3 1.90 -11.97 19.33
C ASN A 3 2.24 -12.12 17.86
N ASN A 4 1.31 -12.72 17.09
CA ASN A 4 1.48 -12.90 15.66
C ASN A 4 1.21 -11.59 14.92
N GLU A 5 1.90 -10.51 15.29
CA GLU A 5 1.72 -9.22 14.65
C GLU A 5 2.47 -9.13 13.33
N ARG A 6 2.74 -10.28 12.71
CA ARG A 6 3.28 -10.33 11.37
C ARG A 6 2.10 -10.39 10.40
N GLU A 7 1.10 -11.20 10.75
CA GLU A 7 -0.12 -11.32 9.96
C GLU A 7 -1.08 -10.16 10.24
N THR A 8 -0.51 -9.06 10.72
CA THR A 8 -1.24 -7.80 10.85
C THR A 8 -0.44 -6.69 10.18
N LEU A 9 0.39 -7.10 9.24
CA LEU A 9 1.10 -6.25 8.31
C LEU A 9 0.91 -6.84 6.93
N VAL A 10 1.07 -8.16 6.80
CA VAL A 10 0.80 -8.82 5.52
C VAL A 10 -0.70 -9.02 5.34
N ASN A 11 -1.48 -8.36 6.19
CA ASN A 11 -2.92 -8.25 6.06
C ASN A 11 -3.36 -6.81 6.32
N SER A 12 -2.39 -5.91 6.44
CA SER A 12 -2.62 -4.48 6.56
C SER A 12 -1.71 -3.70 5.61
N ILE A 13 -1.22 -4.37 4.56
CA ILE A 13 -0.46 -3.74 3.50
C ILE A 13 -1.00 -4.24 2.16
N LYS A 14 -1.16 -5.56 2.00
CA LYS A 14 -1.80 -6.09 0.81
C LYS A 14 -3.33 -5.95 0.89
N THR A 15 -3.81 -5.27 1.94
CA THR A 15 -5.21 -4.94 2.10
C THR A 15 -5.35 -3.48 2.54
N ALA A 16 -4.34 -2.69 2.19
CA ALA A 16 -4.37 -1.26 2.34
C ALA A 16 -4.01 -0.60 1.00
N ILE A 17 -3.99 -1.42 -0.06
CA ILE A 17 -3.84 -0.95 -1.43
C ILE A 17 -4.86 -1.62 -2.33
N GLN A 18 -5.46 -2.73 -1.87
CA GLN A 18 -6.50 -3.40 -2.65
C GLN A 18 -7.86 -2.79 -2.35
N TYR A 19 -7.90 -1.88 -1.36
CA TYR A 19 -9.07 -1.07 -1.13
C TYR A 19 -8.89 0.28 -1.81
N SER A 20 -7.68 0.55 -2.31
CA SER A 20 -7.38 1.81 -2.99
C SER A 20 -7.70 1.73 -4.47
N LYS A 21 -7.87 0.52 -5.03
CA LYS A 21 -8.34 0.42 -6.41
C LYS A 21 -9.86 0.48 -6.45
N ILE A 22 -10.49 0.41 -5.27
CA ILE A 22 -11.94 0.42 -5.16
C ILE A 22 -12.48 1.84 -4.91
N GLN A 23 -11.59 2.78 -4.59
CA GLN A 23 -11.98 4.17 -4.39
C GLN A 23 -11.54 5.07 -5.54
N ALA A 24 -10.85 4.49 -6.52
CA ALA A 24 -10.56 5.17 -7.77
C ALA A 24 -11.59 4.79 -8.83
N ILE A 25 -11.90 3.49 -8.96
CA ILE A 25 -12.85 3.04 -9.98
C ILE A 25 -14.25 3.54 -9.65
N HIS A 26 -14.48 3.92 -8.39
CA HIS A 26 -15.76 4.44 -7.94
C HIS A 26 -15.84 5.96 -8.02
N LEU A 27 -14.81 6.62 -8.58
CA LEU A 27 -14.84 8.05 -8.80
C LEU A 27 -14.32 8.42 -10.19
N GLY A 28 -13.99 7.41 -11.02
CA GLY A 28 -13.59 7.63 -12.39
C GLY A 28 -12.28 8.38 -12.51
N HIS A 29 -11.47 8.44 -11.43
CA HIS A 29 -10.22 9.18 -11.45
C HIS A 29 -9.23 8.59 -10.45
N PRO A 30 -7.92 8.75 -10.70
CA PRO A 30 -6.87 8.19 -9.87
C PRO A 30 -6.81 8.85 -8.49
N ILE A 31 -6.26 8.12 -7.53
CA ILE A 31 -6.09 8.57 -6.16
C ILE A 31 -4.66 8.30 -5.70
N TYR A 32 -4.25 8.96 -4.62
CA TYR A 32 -2.85 8.99 -4.20
C TYR A 32 -2.61 8.38 -2.83
N LEU A 33 -2.04 7.18 -2.82
CA LEU A 33 -1.66 6.48 -1.61
C LEU A 33 -0.29 6.99 -1.17
N LEU A 34 -0.25 7.83 -0.14
CA LEU A 34 0.97 8.42 0.40
C LEU A 34 1.38 7.71 1.69
N PRO A 35 2.64 7.83 2.12
CA PRO A 35 3.08 7.39 3.43
C PRO A 35 2.51 8.37 4.46
N PHE A 36 2.34 7.93 5.71
CA PHE A 36 1.82 8.82 6.75
C PHE A 36 2.88 9.83 7.16
N GLY A 37 2.72 11.07 6.71
CA GLY A 37 3.65 12.17 6.96
C GLY A 37 4.52 12.45 5.75
N SER A 38 5.00 13.69 5.61
CA SER A 38 5.78 14.12 4.46
C SER A 38 7.25 13.69 4.61
N ASN A 39 7.48 12.41 4.88
CA ASN A 39 8.82 11.84 4.98
C ASN A 39 8.88 10.50 4.24
N GLU A 40 10.03 10.21 3.65
CA GLU A 40 10.23 9.04 2.79
C GLU A 40 10.45 7.75 3.60
N ASN A 41 9.58 7.49 4.56
CA ASN A 41 9.64 6.29 5.38
C ASN A 41 8.24 5.69 5.55
N TRP A 42 7.95 4.60 4.85
CA TRP A 42 6.66 3.91 4.94
C TRP A 42 6.49 3.16 6.26
N SER A 43 7.21 3.57 7.32
CA SER A 43 7.22 2.82 8.57
C SER A 43 6.48 3.56 9.68
N ARG A 44 5.53 4.43 9.31
CA ARG A 44 4.65 5.09 10.25
C ARG A 44 3.20 5.07 9.74
N GLY A 45 2.89 4.10 8.88
CA GLY A 45 1.55 3.96 8.32
C GLY A 45 1.45 4.55 6.92
N MET A 46 0.28 4.41 6.31
CA MET A 46 -0.03 4.91 4.97
C MET A 46 -1.40 5.59 4.93
N VAL A 47 -1.55 6.55 4.02
CA VAL A 47 -2.73 7.39 3.91
C VAL A 47 -3.19 7.54 2.47
N LEU A 48 -4.38 7.00 2.20
CA LEU A 48 -5.01 7.06 0.89
C LEU A 48 -5.76 8.37 0.72
N ALA A 49 -5.19 9.32 -0.03
CA ALA A 49 -5.84 10.59 -0.31
C ALA A 49 -6.31 10.71 -1.75
N LYS A 50 -7.58 11.09 -1.95
CA LYS A 50 -8.16 11.30 -3.26
C LYS A 50 -8.24 12.78 -3.60
N LEU A 51 -8.12 13.10 -4.89
CA LEU A 51 -8.23 14.48 -5.35
C LEU A 51 -9.70 14.82 -5.59
N ASN A 52 -10.27 15.65 -4.72
CA ASN A 52 -11.66 16.07 -4.84
C ASN A 52 -11.74 17.15 -5.92
N GLN A 53 -12.25 16.78 -7.10
CA GLN A 53 -12.27 17.67 -8.26
C GLN A 53 -13.35 18.75 -8.15
N THR A 54 -13.72 19.15 -6.93
CA THR A 54 -14.63 20.29 -6.74
C THR A 54 -14.14 21.20 -5.63
N THR A 55 -13.01 20.86 -5.01
CA THR A 55 -12.31 21.70 -4.04
C THR A 55 -10.81 21.51 -4.15
N ASN A 56 -10.34 21.10 -5.33
CA ASN A 56 -8.95 20.78 -5.67
C ASN A 56 -8.06 20.53 -4.45
N LYS A 57 -8.45 19.60 -3.58
CA LYS A 57 -7.67 19.24 -2.40
C LYS A 57 -7.58 17.74 -2.19
N THR A 58 -6.55 17.33 -1.47
CA THR A 58 -6.30 15.93 -1.12
C THR A 58 -7.20 15.50 0.03
N GLU A 59 -8.37 14.95 -0.31
CA GLU A 59 -9.33 14.43 0.65
C GLU A 59 -8.89 13.05 1.14
N LEU A 60 -8.36 12.99 2.36
CA LEU A 60 -7.87 11.76 2.95
C LEU A 60 -9.02 10.78 3.20
N ILE A 61 -8.96 9.61 2.57
CA ILE A 61 -10.00 8.61 2.68
C ILE A 61 -9.82 7.79 3.97
N HIS A 62 -8.64 7.18 4.14
CA HIS A 62 -8.36 6.27 5.24
C HIS A 62 -6.91 6.38 5.73
N GLN A 63 -6.75 6.42 7.06
CA GLN A 63 -5.45 6.42 7.72
C GLN A 63 -5.12 5.04 8.27
N TRP A 64 -4.14 4.35 7.66
CA TRP A 64 -3.66 3.07 8.16
C TRP A 64 -2.47 3.28 9.07
N GLN A 65 -2.61 2.96 10.37
CA GLN A 65 -1.55 3.18 11.34
C GLN A 65 -1.36 1.97 12.26
N TRP A 66 -0.30 1.21 12.01
CA TRP A 66 0.12 0.13 12.89
C TRP A 66 1.02 0.67 13.98
N SER A 67 0.49 0.80 15.19
CA SER A 67 1.23 1.33 16.34
C SER A 67 2.17 0.30 16.94
N SER A 68 3.06 -0.27 16.13
CA SER A 68 4.08 -1.21 16.58
C SER A 68 5.42 -0.88 15.94
N ASN A 69 6.32 -0.27 16.72
CA ASN A 69 7.62 0.15 16.22
C ASN A 69 8.65 -0.99 16.31
N SER A 70 8.28 -2.19 15.85
CA SER A 70 9.19 -3.33 15.84
C SER A 70 9.12 -4.07 14.51
N TRP A 71 8.70 -3.37 13.45
CA TRP A 71 8.66 -3.87 12.09
C TRP A 71 9.04 -2.73 11.15
N ASN A 72 10.28 -2.77 10.62
CA ASN A 72 10.76 -1.71 9.75
C ASN A 72 10.21 -1.92 8.35
N ILE A 73 9.22 -1.10 7.98
CA ILE A 73 8.60 -1.18 6.68
C ILE A 73 9.52 -0.59 5.62
N ASN A 74 9.87 -1.38 4.59
CA ASN A 74 10.73 -0.89 3.53
C ASN A 74 10.19 -1.29 2.15
N TRP A 75 9.58 -0.33 1.46
CA TRP A 75 9.01 -0.57 0.14
C TRP A 75 10.09 -0.54 -0.93
N LYS A 76 10.59 -1.72 -1.32
CA LYS A 76 11.61 -1.85 -2.34
C LYS A 76 10.97 -1.97 -3.72
N GLY A 77 10.14 -0.99 -4.07
CA GLY A 77 9.50 -0.92 -5.38
C GLY A 77 10.40 -0.23 -6.41
N VAL A 78 9.82 0.08 -7.57
CA VAL A 78 10.50 0.81 -8.64
C VAL A 78 10.94 2.17 -8.13
N ASP A 79 12.04 2.70 -8.69
CA ASP A 79 12.61 3.99 -8.31
C ASP A 79 11.66 5.14 -8.65
N SER A 80 10.65 5.33 -7.80
CA SER A 80 9.63 6.36 -7.94
C SER A 80 9.37 7.06 -6.60
N ASN A 81 9.01 8.34 -6.65
CA ASN A 81 8.65 9.10 -5.47
C ASN A 81 7.57 8.36 -4.69
N HIS A 82 7.60 8.45 -3.36
CA HIS A 82 6.70 7.74 -2.45
C HIS A 82 5.27 8.30 -2.48
N ARG A 83 4.67 8.34 -3.67
CA ARG A 83 3.26 8.64 -3.87
C ARG A 83 2.73 7.63 -4.88
N ILE A 84 2.18 6.53 -4.39
CA ILE A 84 1.69 5.45 -5.23
C ILE A 84 0.36 5.88 -5.86
N ILE A 85 0.42 6.23 -7.15
CA ILE A 85 -0.75 6.66 -7.90
C ILE A 85 -1.62 5.46 -8.25
N ILE A 86 -2.73 5.29 -7.54
CA ILE A 86 -3.64 4.18 -7.80
C ILE A 86 -4.64 4.60 -8.88
N SER A 87 -4.44 4.11 -10.10
CA SER A 87 -5.28 4.41 -11.24
C SER A 87 -6.67 3.81 -11.09
N ASN A 88 -7.70 4.52 -11.58
CA ASN A 88 -9.08 4.04 -11.51
C ASN A 88 -9.36 2.95 -12.55
N ILE A 89 -8.33 2.22 -12.96
CA ILE A 89 -8.44 1.12 -13.92
C ILE A 89 -8.22 -0.20 -13.19
N PRO A 90 -9.05 -1.22 -13.42
CA PRO A 90 -8.97 -2.48 -12.72
C PRO A 90 -7.71 -3.29 -13.05
N ASN A 91 -7.05 -3.01 -14.18
CA ASN A 91 -5.86 -3.76 -14.58
C ASN A 91 -4.72 -2.86 -15.07
N ARG A 92 -4.69 -1.60 -14.61
CA ARG A 92 -3.59 -0.67 -14.88
C ARG A 92 -3.29 0.13 -13.61
N ALA A 93 -3.26 -0.57 -12.48
CA ALA A 93 -3.12 0.04 -11.16
C ALA A 93 -2.12 -0.73 -10.30
N MET A 94 -1.70 -0.12 -9.18
CA MET A 94 -0.77 -0.69 -8.22
C MET A 94 0.67 -0.67 -8.71
N SER A 95 1.45 0.26 -8.16
CA SER A 95 2.87 0.42 -8.50
C SER A 95 3.66 -0.81 -8.07
N ASN A 96 4.45 -1.36 -9.00
CA ASN A 96 5.25 -2.54 -8.78
C ASN A 96 6.22 -2.37 -7.62
N GLY A 97 5.93 -3.01 -6.49
CA GLY A 97 6.82 -2.96 -5.33
C GLY A 97 6.45 -3.98 -4.26
N LYS A 98 7.38 -4.22 -3.34
CA LYS A 98 7.25 -5.19 -2.27
C LYS A 98 7.73 -4.59 -0.94
N PHE A 99 6.89 -4.67 0.10
CA PHE A 99 7.19 -4.13 1.41
C PHE A 99 8.00 -5.14 2.24
N ILE A 100 9.30 -4.89 2.37
CA ILE A 100 10.19 -5.69 3.19
C ILE A 100 9.99 -5.30 4.65
N LEU A 101 9.41 -6.19 5.44
CA LEU A 101 9.19 -5.94 6.86
C LEU A 101 10.34 -6.54 7.66
N ASN A 102 11.26 -5.70 8.14
CA ASN A 102 12.41 -6.16 8.88
C ASN A 102 12.22 -5.95 10.38
N ASN A 103 11.98 -7.06 11.10
CA ASN A 103 11.77 -7.05 12.53
C ASN A 103 13.12 -6.95 13.24
N LYS A 104 13.45 -5.76 13.75
CA LYS A 104 14.72 -5.48 14.42
C LYS A 104 14.78 -6.03 15.84
N ARG A 105 13.98 -7.07 16.12
CA ARG A 105 13.92 -7.72 17.43
C ARG A 105 13.92 -9.24 17.32
N THR A 106 13.69 -9.76 16.11
CA THR A 106 13.75 -11.20 15.83
C THR A 106 14.53 -11.49 14.56
N ASN A 107 15.43 -10.56 14.17
CA ASN A 107 16.16 -10.57 12.90
C ASN A 107 15.36 -11.29 11.81
N GLU A 108 14.10 -10.91 11.64
CA GLU A 108 13.20 -11.52 10.68
C GLU A 108 12.88 -10.57 9.54
N LYS A 109 12.74 -11.11 8.32
CA LYS A 109 12.56 -10.31 7.11
C LYS A 109 11.44 -10.93 6.26
N VAL A 110 10.28 -10.29 6.29
CA VAL A 110 9.07 -10.74 5.61
C VAL A 110 8.81 -9.90 4.36
N VAL A 111 9.02 -10.50 3.18
CA VAL A 111 8.85 -9.81 1.91
C VAL A 111 7.40 -9.87 1.45
N VAL A 112 6.66 -8.75 1.57
CA VAL A 112 5.29 -8.65 1.07
C VAL A 112 5.34 -8.44 -0.44
N THR A 113 5.55 -9.51 -1.19
CA THR A 113 5.59 -9.47 -2.64
C THR A 113 4.18 -9.37 -3.22
N LEU A 114 3.81 -8.19 -3.69
CA LEU A 114 2.51 -7.95 -4.31
C LEU A 114 2.52 -8.43 -5.76
N ASN A 115 2.86 -9.70 -5.96
CA ASN A 115 2.94 -10.33 -7.27
C ASN A 115 1.54 -10.66 -7.80
N ARG A 116 0.78 -9.64 -8.18
CA ARG A 116 -0.57 -9.81 -8.73
C ARG A 116 -0.47 -10.53 -10.08
N LEU A 117 -0.83 -11.81 -10.10
CA LEU A 117 -0.79 -12.62 -11.30
C LEU A 117 -2.07 -13.45 -11.40
N GLY A 118 -2.98 -13.04 -12.27
CA GLY A 118 -4.25 -13.73 -12.46
C GLY A 118 -4.10 -14.93 -13.41
N ARG A 119 -4.89 -15.98 -13.18
CA ARG A 119 -4.85 -17.20 -13.97
C ARG A 119 -6.27 -17.66 -14.30
N VAL A 120 -6.69 -17.44 -15.54
CA VAL A 120 -8.02 -17.82 -16.00
C VAL A 120 -8.19 -19.34 -16.00
N ARG A 121 -9.27 -19.81 -15.40
CA ARG A 121 -9.61 -21.23 -15.32
C ARG A 121 -10.15 -21.76 -16.65
N VAL A 122 -9.37 -21.59 -17.72
CA VAL A 122 -9.75 -22.02 -19.06
C VAL A 122 -9.95 -23.53 -19.11
N GLY A 123 -11.21 -23.96 -19.15
CA GLY A 123 -11.59 -25.37 -19.20
C GLY A 123 -13.10 -25.52 -19.03
N GLY A 124 -13.56 -26.77 -18.88
CA GLY A 124 -14.97 -27.05 -18.69
C GLY A 124 -15.45 -26.62 -17.31
N ASN A 125 -16.76 -26.37 -17.17
CA ASN A 125 -17.36 -25.94 -15.93
C ASN A 125 -18.64 -26.72 -15.66
N ILE A 1 -3.06 -16.36 24.76
CA ILE A 1 -3.07 -15.29 23.75
C ILE A 1 -1.91 -15.47 22.78
N GLN A 2 -2.20 -15.96 21.57
CA GLN A 2 -1.19 -16.17 20.54
C GLN A 2 -0.69 -14.83 20.00
N ASN A 3 0.51 -14.43 20.41
CA ASN A 3 1.12 -13.20 19.95
C ASN A 3 1.52 -13.33 18.48
N ASN A 4 0.76 -12.71 17.58
CA ASN A 4 1.02 -12.76 16.15
C ASN A 4 0.87 -11.36 15.53
N GLU A 5 1.62 -10.40 16.06
CA GLU A 5 1.63 -9.04 15.53
C GLU A 5 2.39 -8.95 14.21
N ARG A 6 2.49 -10.06 13.48
CA ARG A 6 3.16 -10.11 12.21
C ARG A 6 2.14 -10.12 11.08
N GLU A 7 1.13 -10.98 11.23
CA GLU A 7 0.06 -11.10 10.27
C GLU A 7 -0.93 -9.95 10.38
N THR A 8 -0.57 -8.90 11.12
CA THR A 8 -1.36 -7.69 11.16
C THR A 8 -0.63 -6.56 10.42
N LEU A 9 0.60 -6.85 9.96
CA LEU A 9 1.35 -5.96 9.08
C LEU A 9 1.55 -6.61 7.72
N VAL A 10 0.66 -7.53 7.40
CA VAL A 10 0.59 -8.16 6.10
C VAL A 10 -0.86 -8.10 5.63
N ASN A 11 -1.78 -8.45 6.53
CA ASN A 11 -3.20 -8.37 6.26
C ASN A 11 -3.73 -6.96 6.44
N SER A 12 -2.85 -6.01 6.74
CA SER A 12 -3.20 -4.60 6.78
C SER A 12 -2.32 -3.77 5.83
N ILE A 13 -1.53 -4.44 4.98
CA ILE A 13 -0.83 -3.80 3.89
C ILE A 13 -1.43 -4.28 2.58
N LYS A 14 -1.65 -5.59 2.44
CA LYS A 14 -2.24 -6.14 1.22
C LYS A 14 -3.75 -5.91 1.21
N THR A 15 -4.26 -5.15 2.19
CA THR A 15 -5.65 -4.73 2.22
C THR A 15 -5.71 -3.20 2.29
N ALA A 16 -4.63 -2.57 1.83
CA ALA A 16 -4.58 -1.14 1.60
C ALA A 16 -4.22 -0.86 0.14
N ILE A 17 -4.05 -1.93 -0.64
CA ILE A 17 -3.93 -1.87 -2.09
C ILE A 17 -5.16 -2.52 -2.71
N GLN A 18 -6.08 -2.96 -1.85
CA GLN A 18 -7.33 -3.58 -2.26
C GLN A 18 -8.51 -2.94 -1.55
N TYR A 19 -8.25 -1.76 -1.00
CA TYR A 19 -9.26 -0.87 -0.47
C TYR A 19 -9.02 0.51 -1.08
N SER A 20 -8.09 0.56 -2.04
CA SER A 20 -7.75 1.79 -2.73
C SER A 20 -8.03 1.70 -4.22
N LYS A 21 -8.04 0.48 -4.79
CA LYS A 21 -8.47 0.32 -6.17
C LYS A 21 -9.98 0.21 -6.29
N ILE A 22 -10.67 0.66 -5.24
CA ILE A 22 -12.12 0.75 -5.24
C ILE A 22 -12.58 2.16 -4.86
N GLN A 23 -11.69 2.96 -4.25
CA GLN A 23 -11.95 4.37 -3.99
C GLN A 23 -11.42 5.24 -5.11
N ALA A 24 -10.86 4.63 -6.15
CA ALA A 24 -10.51 5.28 -7.40
C ALA A 24 -11.56 5.02 -8.46
N ILE A 25 -11.99 3.77 -8.62
CA ILE A 25 -12.95 3.41 -9.65
C ILE A 25 -14.33 4.00 -9.32
N HIS A 26 -14.48 4.48 -8.07
CA HIS A 26 -15.73 5.06 -7.62
C HIS A 26 -15.69 6.59 -7.68
N LEU A 27 -14.61 7.18 -8.20
CA LEU A 27 -14.51 8.62 -8.38
C LEU A 27 -14.09 8.97 -9.81
N GLY A 28 -13.90 7.97 -10.67
CA GLY A 28 -13.57 8.19 -12.07
C GLY A 28 -12.18 8.79 -12.26
N HIS A 29 -11.33 8.75 -11.23
CA HIS A 29 -9.99 9.33 -11.29
C HIS A 29 -9.07 8.64 -10.28
N PRO A 30 -7.75 8.63 -10.54
CA PRO A 30 -6.78 7.96 -9.70
C PRO A 30 -6.63 8.65 -8.34
N ILE A 31 -6.13 7.90 -7.37
CA ILE A 31 -5.88 8.38 -6.01
C ILE A 31 -4.50 7.95 -5.55
N TYR A 32 -3.94 8.68 -4.59
CA TYR A 32 -2.56 8.55 -4.19
C TYR A 32 -2.39 7.88 -2.82
N LEU A 33 -1.74 6.72 -2.78
CA LEU A 33 -1.42 6.06 -1.52
C LEU A 33 -0.04 6.53 -1.04
N LEU A 34 -0.02 7.40 -0.04
CA LEU A 34 1.21 7.95 0.51
C LEU A 34 1.55 7.27 1.84
N PRO A 35 2.82 7.36 2.29
CA PRO A 35 3.21 6.95 3.63
C PRO A 35 2.67 7.98 4.63
N PHE A 36 2.40 7.56 5.86
CA PHE A 36 1.83 8.46 6.86
C PHE A 36 2.94 9.20 7.62
N GLY A 37 3.12 10.47 7.31
CA GLY A 37 4.15 11.29 7.95
C GLY A 37 5.40 11.37 7.09
N SER A 38 6.55 11.00 7.67
CA SER A 38 7.85 11.00 7.00
C SER A 38 7.77 10.36 5.62
N ASN A 39 7.78 11.18 4.56
CA ASN A 39 7.55 10.71 3.20
C ASN A 39 8.74 9.95 2.60
N GLU A 40 9.61 9.37 3.44
CA GLU A 40 10.65 8.46 2.97
C GLU A 40 10.77 7.26 3.91
N ASN A 41 9.72 6.99 4.69
CA ASN A 41 9.68 5.89 5.64
C ASN A 41 8.24 5.40 5.80
N TRP A 42 7.89 4.26 5.19
CA TRP A 42 6.56 3.69 5.34
C TRP A 42 6.40 3.00 6.71
N SER A 43 7.21 3.38 7.70
CA SER A 43 7.22 2.73 9.00
C SER A 43 6.46 3.54 10.05
N ARG A 44 5.51 4.37 9.60
CA ARG A 44 4.66 5.14 10.49
C ARG A 44 3.21 5.09 10.00
N GLY A 45 2.87 4.04 9.24
CA GLY A 45 1.55 3.85 8.66
C GLY A 45 1.48 4.34 7.22
N MET A 46 0.32 4.17 6.58
CA MET A 46 0.08 4.65 5.22
C MET A 46 -1.28 5.32 5.14
N VAL A 47 -1.41 6.30 4.23
CA VAL A 47 -2.61 7.12 4.10
C VAL A 47 -3.01 7.28 2.63
N LEU A 48 -4.20 6.77 2.32
CA LEU A 48 -4.80 6.85 0.99
C LEU A 48 -5.44 8.22 0.82
N ALA A 49 -4.83 9.10 0.04
CA ALA A 49 -5.29 10.47 -0.12
C ALA A 49 -5.63 10.82 -1.57
N LYS A 50 -6.82 11.38 -1.79
CA LYS A 50 -7.27 11.79 -3.12
C LYS A 50 -7.20 13.30 -3.27
N LEU A 51 -6.90 13.75 -4.48
CA LEU A 51 -6.86 15.18 -4.79
C LEU A 51 -8.18 15.61 -5.43
N ASN A 52 -8.79 16.67 -4.89
CA ASN A 52 -10.03 17.20 -5.43
C ASN A 52 -9.70 18.34 -6.38
N GLN A 53 -9.81 18.08 -7.69
CA GLN A 53 -9.40 19.04 -8.70
C GLN A 53 -10.39 20.20 -8.86
N THR A 54 -11.17 20.51 -7.83
CA THR A 54 -12.06 21.67 -7.86
C THR A 54 -12.01 22.47 -6.56
N THR A 55 -11.19 22.03 -5.59
CA THR A 55 -10.92 22.78 -4.37
C THR A 55 -9.46 22.59 -3.94
N ASN A 56 -8.59 22.28 -4.89
CA ASN A 56 -7.15 22.03 -4.71
C ASN A 56 -6.76 21.62 -3.28
N LYS A 57 -7.39 20.56 -2.75
CA LYS A 57 -7.08 20.06 -1.41
C LYS A 57 -6.96 18.53 -1.38
N THR A 58 -5.95 18.05 -0.65
CA THR A 58 -5.68 16.63 -0.48
C THR A 58 -6.62 16.05 0.57
N GLU A 59 -7.64 15.31 0.12
CA GLU A 59 -8.64 14.71 1.00
C GLU A 59 -8.23 13.28 1.39
N LEU A 60 -7.77 13.13 2.63
CA LEU A 60 -7.35 11.84 3.17
C LEU A 60 -8.57 10.93 3.34
N ILE A 61 -8.52 9.73 2.75
CA ILE A 61 -9.63 8.80 2.73
C ILE A 61 -9.53 7.80 3.89
N HIS A 62 -8.37 7.16 4.05
CA HIS A 62 -8.18 6.13 5.07
C HIS A 62 -6.77 6.17 5.65
N GLN A 63 -6.64 5.93 6.96
CA GLN A 63 -5.36 5.98 7.66
C GLN A 63 -5.04 4.65 8.35
N TRP A 64 -4.10 3.88 7.78
CA TRP A 64 -3.63 2.65 8.40
C TRP A 64 -2.42 2.96 9.29
N GLN A 65 -2.64 2.97 10.61
CA GLN A 65 -1.58 3.23 11.58
C GLN A 65 -1.06 1.92 12.16
N TRP A 66 0.21 1.60 11.90
CA TRP A 66 0.84 0.38 12.41
C TRP A 66 0.90 0.40 13.93
N SER A 67 0.04 -0.38 14.58
CA SER A 67 0.02 -0.46 16.04
C SER A 67 1.06 -1.47 16.56
N SER A 68 2.12 -1.70 15.80
CA SER A 68 3.24 -2.54 16.19
C SER A 68 4.54 -1.85 15.82
N ASN A 69 5.24 -1.29 16.82
CA ASN A 69 6.47 -0.55 16.60
C ASN A 69 7.67 -1.49 16.47
N SER A 70 7.54 -2.57 15.70
CA SER A 70 8.63 -3.50 15.48
C SER A 70 8.73 -3.92 14.01
N TRP A 71 8.25 -3.09 13.09
CA TRP A 71 8.30 -3.43 11.67
C TRP A 71 8.78 -2.25 10.83
N ASN A 72 10.03 -2.31 10.37
CA ASN A 72 10.58 -1.35 9.44
C ASN A 72 10.08 -1.70 8.05
N ILE A 73 9.12 -0.93 7.53
CA ILE A 73 8.54 -1.16 6.22
C ILE A 73 9.43 -0.56 5.14
N ASN A 74 10.18 -1.40 4.41
CA ASN A 74 11.04 -0.93 3.35
C ASN A 74 10.42 -1.25 1.99
N TRP A 75 9.86 -0.25 1.31
CA TRP A 75 9.25 -0.43 0.01
C TRP A 75 10.29 -0.25 -1.10
N LYS A 76 10.74 -1.37 -1.68
CA LYS A 76 11.73 -1.37 -2.74
C LYS A 76 11.07 -1.32 -4.13
N GLY A 77 10.22 -0.32 -4.36
CA GLY A 77 9.60 -0.13 -5.66
C GLY A 77 10.62 0.41 -6.66
N VAL A 78 10.35 0.23 -7.96
CA VAL A 78 11.24 0.69 -9.02
C VAL A 78 10.98 2.17 -9.32
N ASP A 79 10.47 2.91 -8.34
CA ASP A 79 10.16 4.32 -8.46
C ASP A 79 10.63 5.06 -7.21
N SER A 80 11.63 5.94 -7.35
CA SER A 80 12.18 6.71 -6.24
C SER A 80 11.23 7.82 -5.78
N ASN A 81 9.93 7.56 -5.82
CA ASN A 81 8.88 8.45 -5.36
C ASN A 81 7.87 7.67 -4.53
N HIS A 82 7.86 7.88 -3.21
CA HIS A 82 6.98 7.15 -2.29
C HIS A 82 5.53 7.62 -2.38
N ARG A 83 4.96 7.57 -3.59
CA ARG A 83 3.54 7.84 -3.84
C ARG A 83 3.03 6.83 -4.85
N ILE A 84 2.28 5.83 -4.37
CA ILE A 84 1.74 4.78 -5.23
C ILE A 84 0.46 5.29 -5.88
N ILE A 85 0.54 5.64 -7.17
CA ILE A 85 -0.60 6.14 -7.92
C ILE A 85 -1.55 5.00 -8.26
N ILE A 86 -2.67 4.93 -7.54
CA ILE A 86 -3.67 3.89 -7.77
C ILE A 86 -4.61 4.33 -8.89
N SER A 87 -4.43 3.75 -10.08
CA SER A 87 -5.29 4.02 -11.23
C SER A 87 -6.72 3.59 -10.96
N ASN A 88 -7.69 4.35 -11.47
CA ASN A 88 -9.09 4.05 -11.26
C ASN A 88 -9.58 2.90 -12.16
N ILE A 89 -8.75 1.87 -12.32
CA ILE A 89 -9.12 0.65 -13.03
C ILE A 89 -8.48 -0.56 -12.35
N PRO A 90 -9.15 -1.73 -12.37
CA PRO A 90 -8.79 -2.90 -11.58
C PRO A 90 -7.37 -3.43 -11.76
N ASN A 91 -6.88 -3.52 -13.00
CA ASN A 91 -5.60 -4.15 -13.27
C ASN A 91 -4.73 -3.34 -14.25
N ARG A 92 -4.81 -2.00 -14.15
CA ARG A 92 -3.98 -1.11 -14.95
C ARG A 92 -3.44 0.00 -14.05
N ALA A 93 -2.76 -0.42 -12.98
CA ALA A 93 -2.19 0.46 -11.97
C ALA A 93 -0.76 0.03 -11.66
N MET A 94 0.08 -0.03 -12.71
CA MET A 94 1.44 -0.51 -12.62
C MET A 94 2.25 0.26 -11.58
N SER A 95 2.49 -0.39 -10.44
CA SER A 95 3.27 0.15 -9.32
C SER A 95 4.23 -0.93 -8.82
N ASN A 96 5.05 -1.45 -9.74
CA ASN A 96 5.97 -2.56 -9.47
C ASN A 96 6.85 -2.29 -8.25
N GLY A 97 6.53 -2.96 -7.14
CA GLY A 97 7.29 -2.84 -5.92
C GLY A 97 6.78 -3.81 -4.86
N LYS A 98 7.56 -4.01 -3.80
CA LYS A 98 7.21 -4.91 -2.70
C LYS A 98 7.52 -4.23 -1.36
N PHE A 99 6.70 -4.49 -0.34
CA PHE A 99 6.96 -4.00 1.00
C PHE A 99 7.75 -5.05 1.78
N ILE A 100 9.05 -4.82 1.97
CA ILE A 100 9.91 -5.71 2.74
C ILE A 100 9.87 -5.29 4.19
N LEU A 101 9.15 -6.04 5.04
CA LEU A 101 9.12 -5.78 6.46
C LEU A 101 10.35 -6.38 7.12
N ASN A 102 10.99 -5.63 8.02
CA ASN A 102 12.19 -6.05 8.71
C ASN A 102 12.09 -5.74 10.20
N ASN A 103 11.86 -6.77 11.01
CA ASN A 103 11.79 -6.62 12.46
C ASN A 103 13.20 -6.51 13.05
N LYS A 104 13.62 -5.31 13.44
CA LYS A 104 14.99 -5.08 13.88
C LYS A 104 15.23 -5.41 15.35
N ARG A 105 14.42 -6.31 15.95
CA ARG A 105 14.70 -6.81 17.29
C ARG A 105 14.42 -8.29 17.46
N THR A 106 14.25 -8.97 16.32
CA THR A 106 14.15 -10.42 16.25
C THR A 106 14.52 -10.90 14.84
N ASN A 107 15.35 -10.11 14.17
CA ASN A 107 15.83 -10.33 12.81
C ASN A 107 14.90 -11.20 11.98
N GLU A 108 13.76 -10.64 11.54
CA GLU A 108 12.77 -11.39 10.80
C GLU A 108 12.26 -10.61 9.59
N LYS A 109 12.70 -11.00 8.40
CA LYS A 109 12.29 -10.41 7.13
C LYS A 109 10.97 -11.02 6.65
N VAL A 110 10.00 -10.16 6.29
CA VAL A 110 8.71 -10.60 5.76
C VAL A 110 8.41 -9.83 4.46
N VAL A 111 8.55 -10.49 3.31
CA VAL A 111 8.39 -9.86 2.01
C VAL A 111 6.94 -9.90 1.54
N VAL A 112 6.26 -8.75 1.62
CA VAL A 112 4.92 -8.59 1.07
C VAL A 112 5.02 -8.15 -0.39
N THR A 113 4.78 -9.08 -1.31
CA THR A 113 4.87 -8.81 -2.74
C THR A 113 3.47 -8.75 -3.36
N LEU A 114 3.01 -7.53 -3.65
CA LEU A 114 1.72 -7.29 -4.28
C LEU A 114 1.82 -7.53 -5.80
N ASN A 115 2.26 -8.73 -6.18
CA ASN A 115 2.42 -9.13 -7.56
C ASN A 115 1.88 -10.55 -7.75
N ARG A 116 0.70 -10.65 -8.36
CA ARG A 116 0.03 -11.93 -8.62
C ARG A 116 0.87 -12.80 -9.56
N LEU A 117 1.53 -13.81 -9.01
CA LEU A 117 2.36 -14.74 -9.77
C LEU A 117 1.46 -15.66 -10.60
N GLY A 118 1.40 -15.40 -11.91
CA GLY A 118 0.61 -16.20 -12.83
C GLY A 118 1.36 -17.50 -13.17
N ARG A 119 0.61 -18.61 -13.26
CA ARG A 119 1.18 -19.93 -13.55
C ARG A 119 0.34 -20.66 -14.57
N VAL A 120 0.83 -20.73 -15.81
CA VAL A 120 0.16 -21.42 -16.90
C VAL A 120 0.09 -22.92 -16.60
N ARG A 121 -1.07 -23.52 -16.87
CA ARG A 121 -1.29 -24.95 -16.64
C ARG A 121 -0.41 -25.79 -17.55
N VAL A 122 0.65 -26.38 -16.98
CA VAL A 122 1.55 -27.25 -17.73
C VAL A 122 0.82 -28.52 -18.17
N GLY A 123 0.50 -28.59 -19.45
CA GLY A 123 -0.22 -29.73 -20.02
C GLY A 123 -0.60 -29.46 -21.48
N GLY A 124 -1.50 -30.28 -22.01
CA GLY A 124 -1.97 -30.13 -23.38
C GLY A 124 -2.87 -28.90 -23.54
N ASN A 125 -3.11 -28.50 -24.80
CA ASN A 125 -3.92 -27.33 -25.12
C ASN A 125 -5.36 -27.57 -24.71
N ILE A 1 1.66 -13.73 27.07
CA ILE A 1 0.66 -13.54 26.00
C ILE A 1 1.37 -13.41 24.64
N GLN A 2 1.32 -14.48 23.83
CA GLN A 2 1.94 -14.50 22.52
C GLN A 2 1.23 -13.52 21.58
N ASN A 3 1.85 -12.38 21.31
CA ASN A 3 1.33 -11.39 20.39
C ASN A 3 1.82 -11.68 18.97
N ASN A 4 0.93 -12.22 18.12
CA ASN A 4 1.24 -12.49 16.73
C ASN A 4 1.13 -11.21 15.89
N GLU A 5 1.86 -10.17 16.28
CA GLU A 5 1.84 -8.87 15.61
C GLU A 5 2.60 -8.90 14.29
N ARG A 6 2.73 -10.08 13.67
CA ARG A 6 3.45 -10.21 12.42
C ARG A 6 2.48 -10.20 11.24
N GLU A 7 1.47 -11.07 11.29
CA GLU A 7 0.51 -11.16 10.21
C GLU A 7 -0.49 -10.01 10.24
N THR A 8 -0.37 -9.10 11.20
CA THR A 8 -1.21 -7.91 11.23
C THR A 8 -0.49 -6.77 10.51
N LEU A 9 0.60 -7.10 9.84
CA LEU A 9 1.33 -6.20 8.97
C LEU A 9 1.56 -6.83 7.62
N VAL A 10 0.69 -7.77 7.31
CA VAL A 10 0.58 -8.37 5.99
C VAL A 10 -0.88 -8.36 5.60
N ASN A 11 -1.76 -8.79 6.53
CA ASN A 11 -3.19 -8.73 6.33
C ASN A 11 -3.73 -7.31 6.54
N SER A 12 -2.83 -6.36 6.78
CA SER A 12 -3.19 -4.95 6.83
C SER A 12 -2.32 -4.11 5.90
N ILE A 13 -1.61 -4.76 4.97
CA ILE A 13 -0.92 -4.07 3.88
C ILE A 13 -1.28 -4.69 2.53
N LYS A 14 -1.80 -5.92 2.52
CA LYS A 14 -2.37 -6.51 1.31
C LYS A 14 -3.88 -6.29 1.29
N THR A 15 -4.37 -5.50 2.24
CA THR A 15 -5.76 -5.06 2.29
C THR A 15 -5.84 -3.57 2.61
N ALA A 16 -4.75 -2.86 2.28
CA ALA A 16 -4.70 -1.41 2.31
C ALA A 16 -4.32 -0.89 0.92
N ILE A 17 -4.35 -1.79 -0.07
CA ILE A 17 -4.22 -1.46 -1.47
C ILE A 17 -5.36 -2.10 -2.27
N GLN A 18 -6.03 -3.10 -1.69
CA GLN A 18 -7.18 -3.73 -2.34
C GLN A 18 -8.47 -3.03 -1.91
N TYR A 19 -8.30 -1.96 -1.15
CA TYR A 19 -9.38 -1.05 -0.85
C TYR A 19 -8.97 0.34 -1.35
N SER A 20 -7.77 0.42 -1.95
CA SER A 20 -7.25 1.68 -2.45
C SER A 20 -7.48 1.81 -3.96
N LYS A 21 -7.97 0.75 -4.61
CA LYS A 21 -8.37 0.85 -6.00
C LYS A 21 -9.88 0.92 -6.12
N ILE A 22 -10.56 0.85 -4.97
CA ILE A 22 -12.01 0.99 -4.87
C ILE A 22 -12.37 2.47 -4.81
N GLN A 23 -11.66 3.24 -3.97
CA GLN A 23 -11.91 4.67 -3.86
C GLN A 23 -11.43 5.44 -5.10
N ALA A 24 -10.83 4.74 -6.06
CA ALA A 24 -10.51 5.30 -7.37
C ALA A 24 -11.62 5.02 -8.37
N ILE A 25 -12.06 3.76 -8.47
CA ILE A 25 -13.09 3.38 -9.42
C ILE A 25 -14.45 3.97 -9.00
N HIS A 26 -14.51 4.51 -7.78
CA HIS A 26 -15.73 5.14 -7.28
C HIS A 26 -15.67 6.66 -7.39
N LEU A 27 -14.62 7.23 -7.98
CA LEU A 27 -14.53 8.66 -8.24
C LEU A 27 -14.14 8.93 -9.69
N GLY A 28 -13.99 7.88 -10.50
CA GLY A 28 -13.70 8.02 -11.92
C GLY A 28 -12.32 8.61 -12.20
N HIS A 29 -11.43 8.65 -11.19
CA HIS A 29 -10.10 9.22 -11.36
C HIS A 29 -9.12 8.61 -10.35
N PRO A 30 -7.81 8.63 -10.66
CA PRO A 30 -6.77 8.07 -9.81
C PRO A 30 -6.66 8.76 -8.46
N ILE A 31 -6.10 8.04 -7.49
CA ILE A 31 -5.86 8.53 -6.13
C ILE A 31 -4.45 8.15 -5.66
N TYR A 32 -3.94 8.88 -4.68
CA TYR A 32 -2.56 8.79 -4.23
C TYR A 32 -2.43 8.10 -2.88
N LEU A 33 -1.98 6.85 -2.87
CA LEU A 33 -1.70 6.12 -1.65
C LEU A 33 -0.33 6.55 -1.13
N LEU A 34 -0.32 7.38 -0.08
CA LEU A 34 0.90 7.93 0.49
C LEU A 34 1.26 7.22 1.79
N PRO A 35 2.52 7.30 2.24
CA PRO A 35 2.92 6.85 3.56
C PRO A 35 2.32 7.78 4.62
N PHE A 36 2.05 7.25 5.81
CA PHE A 36 1.44 8.05 6.87
C PHE A 36 2.38 9.17 7.31
N GLY A 37 1.89 10.41 7.25
CA GLY A 37 2.65 11.59 7.66
C GLY A 37 3.50 12.16 6.52
N SER A 38 3.42 11.56 5.32
CA SER A 38 4.13 12.05 4.14
C SER A 38 5.64 12.03 4.37
N ASN A 39 6.17 10.85 4.72
CA ASN A 39 7.58 10.67 5.00
C ASN A 39 8.11 9.43 4.26
N GLU A 40 9.39 9.48 3.86
CA GLU A 40 10.04 8.43 3.08
C GLU A 40 10.26 7.13 3.89
N ASN A 41 9.43 6.90 4.91
CA ASN A 41 9.48 5.71 5.73
C ASN A 41 8.07 5.19 5.97
N TRP A 42 7.69 4.10 5.29
CA TRP A 42 6.35 3.53 5.41
C TRP A 42 6.17 2.81 6.76
N SER A 43 6.93 3.19 7.79
CA SER A 43 6.91 2.48 9.07
C SER A 43 6.03 3.19 10.10
N ARG A 44 5.05 3.98 9.66
CA ARG A 44 4.06 4.57 10.54
C ARG A 44 2.66 4.43 9.94
N GLY A 45 2.47 3.46 9.04
CA GLY A 45 1.21 3.24 8.37
C GLY A 45 1.18 3.92 6.99
N MET A 46 0.02 3.84 6.33
CA MET A 46 -0.21 4.45 5.02
C MET A 46 -1.57 5.15 5.01
N VAL A 47 -1.67 6.21 4.19
CA VAL A 47 -2.86 7.04 4.11
C VAL A 47 -3.30 7.22 2.66
N LEU A 48 -4.57 6.93 2.41
CA LEU A 48 -5.16 7.08 1.09
C LEU A 48 -5.64 8.51 0.92
N ALA A 49 -5.16 9.20 -0.13
CA ALA A 49 -5.49 10.61 -0.34
C ALA A 49 -5.85 10.92 -1.79
N LYS A 50 -6.85 11.77 -1.99
CA LYS A 50 -7.27 12.23 -3.31
C LYS A 50 -7.10 13.74 -3.44
N LEU A 51 -6.75 14.19 -4.64
CA LEU A 51 -6.61 15.61 -4.91
C LEU A 51 -7.98 16.22 -5.23
N ASN A 52 -8.31 17.32 -4.56
CA ASN A 52 -9.56 18.03 -4.80
C ASN A 52 -9.28 19.15 -5.81
N GLN A 53 -9.68 18.95 -7.06
CA GLN A 53 -9.33 19.87 -8.14
C GLN A 53 -10.20 21.13 -8.16
N THR A 54 -10.70 21.56 -6.99
CA THR A 54 -11.41 22.83 -6.87
C THR A 54 -10.95 23.60 -5.63
N THR A 55 -10.00 23.05 -4.87
CA THR A 55 -9.35 23.73 -3.75
C THR A 55 -7.90 23.31 -3.64
N ASN A 56 -7.31 22.84 -4.74
CA ASN A 56 -5.93 22.35 -4.85
C ASN A 56 -5.34 21.86 -3.52
N LYS A 57 -6.03 20.91 -2.87
CA LYS A 57 -5.57 20.36 -1.60
C LYS A 57 -5.69 18.84 -1.55
N THR A 58 -4.72 18.20 -0.90
CA THR A 58 -4.69 16.75 -0.73
C THR A 58 -5.72 16.35 0.34
N GLU A 59 -6.86 15.80 -0.11
CA GLU A 59 -7.94 15.36 0.76
C GLU A 59 -7.69 13.95 1.28
N LEU A 60 -7.29 13.85 2.55
CA LEU A 60 -7.03 12.57 3.22
C LEU A 60 -8.32 11.76 3.36
N ILE A 61 -8.33 10.53 2.86
CA ILE A 61 -9.52 9.69 2.86
C ILE A 61 -9.50 8.68 4.02
N HIS A 62 -8.41 7.92 4.13
CA HIS A 62 -8.29 6.83 5.11
C HIS A 62 -6.89 6.78 5.73
N GLN A 63 -6.79 6.17 6.92
CA GLN A 63 -5.53 6.01 7.63
C GLN A 63 -5.35 4.59 8.15
N TRP A 64 -4.50 3.80 7.51
CA TRP A 64 -4.12 2.47 7.97
C TRP A 64 -2.84 2.56 8.78
N GLN A 65 -2.93 2.47 10.11
CA GLN A 65 -1.77 2.62 10.98
C GLN A 65 -1.64 1.45 11.95
N TRP A 66 -0.69 0.57 11.66
CA TRP A 66 -0.32 -0.56 12.51
C TRP A 66 0.50 -0.06 13.69
N SER A 67 -0.11 -0.02 14.87
CA SER A 67 0.50 0.44 16.11
C SER A 67 1.49 -0.57 16.69
N SER A 68 2.48 -0.98 15.88
CA SER A 68 3.52 -1.91 16.28
C SER A 68 4.87 -1.40 15.81
N ASN A 69 5.66 -0.85 16.75
CA ASN A 69 6.95 -0.25 16.42
C ASN A 69 8.08 -1.28 16.43
N SER A 70 7.89 -2.41 15.75
CA SER A 70 8.92 -3.43 15.60
C SER A 70 9.01 -3.93 14.17
N TRP A 71 8.59 -3.11 13.20
CA TRP A 71 8.59 -3.51 11.80
C TRP A 71 9.08 -2.38 10.90
N ASN A 72 10.33 -2.49 10.41
CA ASN A 72 10.88 -1.55 9.46
C ASN A 72 10.28 -1.86 8.07
N ILE A 73 9.33 -1.03 7.63
CA ILE A 73 8.66 -1.21 6.35
C ILE A 73 9.49 -0.62 5.23
N ASN A 74 10.15 -1.47 4.44
CA ASN A 74 10.98 -1.02 3.33
C ASN A 74 10.33 -1.32 1.99
N TRP A 75 9.79 -0.29 1.34
CA TRP A 75 9.22 -0.40 0.00
C TRP A 75 10.32 -0.45 -1.05
N LYS A 76 10.59 -1.66 -1.59
CA LYS A 76 11.61 -1.85 -2.61
C LYS A 76 10.98 -1.86 -4.00
N GLY A 77 10.24 -0.80 -4.34
CA GLY A 77 9.63 -0.64 -5.65
C GLY A 77 10.59 0.05 -6.62
N VAL A 78 10.29 -0.05 -7.92
CA VAL A 78 11.09 0.61 -8.95
C VAL A 78 10.63 2.06 -9.11
N ASP A 79 10.06 2.63 -8.05
CA ASP A 79 9.51 3.97 -8.02
C ASP A 79 10.18 4.76 -6.90
N SER A 80 11.10 5.67 -7.25
CA SER A 80 11.81 6.49 -6.28
C SER A 80 10.91 7.64 -5.77
N ASN A 81 9.61 7.39 -5.68
CA ASN A 81 8.62 8.33 -5.21
C ASN A 81 7.66 7.62 -4.27
N HIS A 82 7.60 8.04 -3.01
CA HIS A 82 6.72 7.45 -2.01
C HIS A 82 5.28 7.90 -2.22
N ARG A 83 4.77 7.71 -3.44
CA ARG A 83 3.40 8.03 -3.83
C ARG A 83 2.94 7.00 -4.85
N ILE A 84 2.10 6.05 -4.44
CA ILE A 84 1.62 5.01 -5.33
C ILE A 84 0.36 5.52 -6.03
N ILE A 85 0.51 5.89 -7.31
CA ILE A 85 -0.61 6.39 -8.10
C ILE A 85 -1.52 5.22 -8.46
N ILE A 86 -2.66 5.12 -7.79
CA ILE A 86 -3.63 4.06 -8.04
C ILE A 86 -4.62 4.50 -9.11
N SER A 87 -4.46 3.98 -10.32
CA SER A 87 -5.37 4.26 -11.44
C SER A 87 -6.76 3.70 -11.12
N ASN A 88 -7.80 4.43 -11.53
CA ASN A 88 -9.18 4.03 -11.26
C ASN A 88 -9.65 2.91 -12.19
N ILE A 89 -8.75 1.99 -12.56
CA ILE A 89 -9.09 0.83 -13.38
C ILE A 89 -8.21 -0.36 -12.98
N PRO A 90 -8.77 -1.58 -12.97
CA PRO A 90 -8.09 -2.78 -12.46
C PRO A 90 -6.84 -3.22 -13.22
N ASN A 91 -6.55 -2.63 -14.38
CA ASN A 91 -5.44 -3.12 -15.20
C ASN A 91 -4.53 -2.01 -15.75
N ARG A 92 -4.49 -0.86 -15.08
CA ARG A 92 -3.55 0.22 -15.42
C ARG A 92 -2.91 0.80 -14.16
N ALA A 93 -2.63 -0.05 -13.18
CA ALA A 93 -1.98 0.34 -11.94
C ALA A 93 -0.88 -0.68 -11.59
N MET A 94 0.04 -0.88 -12.53
CA MET A 94 1.09 -1.89 -12.42
C MET A 94 2.30 -1.36 -11.65
N SER A 95 2.09 -0.87 -10.41
CA SER A 95 3.18 -0.41 -9.58
C SER A 95 4.03 -1.60 -9.13
N ASN A 96 5.20 -1.76 -9.74
CA ASN A 96 6.09 -2.87 -9.45
C ASN A 96 6.88 -2.59 -8.17
N GLY A 97 6.50 -3.25 -7.08
CA GLY A 97 7.22 -3.13 -5.81
C GLY A 97 6.57 -3.99 -4.72
N LYS A 98 7.38 -4.34 -3.71
CA LYS A 98 6.94 -5.13 -2.57
C LYS A 98 7.49 -4.54 -1.27
N PHE A 99 6.66 -4.55 -0.22
CA PHE A 99 7.05 -4.09 1.10
C PHE A 99 7.81 -5.16 1.86
N ILE A 100 9.11 -4.97 2.06
CA ILE A 100 9.93 -5.86 2.87
C ILE A 100 9.86 -5.42 4.32
N LEU A 101 9.13 -6.17 5.16
CA LEU A 101 9.14 -5.90 6.58
C LEU A 101 10.38 -6.53 7.20
N ASN A 102 11.04 -5.81 8.11
CA ASN A 102 12.21 -6.32 8.81
C ASN A 102 12.10 -6.00 10.28
N ASN A 103 11.89 -7.04 11.10
CA ASN A 103 11.73 -6.85 12.53
C ASN A 103 13.07 -6.49 13.17
N LYS A 104 13.25 -5.21 13.52
CA LYS A 104 14.53 -4.71 14.00
C LYS A 104 14.81 -5.00 15.47
N ARG A 105 14.20 -6.04 16.04
CA ARG A 105 14.56 -6.54 17.36
C ARG A 105 14.67 -8.05 17.43
N THR A 106 14.38 -8.73 16.32
CA THR A 106 14.64 -10.16 16.16
C THR A 106 15.01 -10.52 14.71
N ASN A 107 15.60 -9.54 14.01
CA ASN A 107 16.04 -9.62 12.62
C ASN A 107 15.20 -10.59 11.77
N GLU A 108 13.89 -10.38 11.74
CA GLU A 108 12.97 -11.25 11.01
C GLU A 108 12.40 -10.57 9.76
N LYS A 109 12.88 -10.98 8.59
CA LYS A 109 12.43 -10.47 7.30
C LYS A 109 11.11 -11.12 6.89
N VAL A 110 10.13 -10.31 6.48
CA VAL A 110 8.82 -10.76 6.03
C VAL A 110 8.41 -10.03 4.76
N VAL A 111 8.49 -10.72 3.62
CA VAL A 111 8.13 -10.17 2.33
C VAL A 111 6.62 -10.21 2.10
N VAL A 112 6.02 -9.07 1.76
CA VAL A 112 4.61 -9.00 1.38
C VAL A 112 4.41 -9.63 0.01
N THR A 113 3.85 -10.84 -0.02
CA THR A 113 3.58 -11.59 -1.23
C THR A 113 2.35 -11.05 -1.96
N LEU A 114 2.38 -9.78 -2.36
CA LEU A 114 1.27 -9.15 -3.08
C LEU A 114 1.25 -9.57 -4.55
N ASN A 115 1.21 -10.89 -4.79
CA ASN A 115 1.20 -11.45 -6.13
C ASN A 115 -0.12 -11.14 -6.82
N ARG A 116 -0.11 -10.18 -7.75
CA ARG A 116 -1.28 -9.81 -8.53
C ARG A 116 -1.64 -10.94 -9.49
N LEU A 117 -2.70 -11.68 -9.17
CA LEU A 117 -3.15 -12.81 -9.98
C LEU A 117 -3.95 -12.34 -11.19
N GLY A 118 -3.36 -11.45 -11.99
CA GLY A 118 -3.98 -10.95 -13.21
C GLY A 118 -3.74 -11.90 -14.39
N ARG A 119 -2.92 -12.94 -14.18
CA ARG A 119 -2.60 -13.93 -15.19
C ARG A 119 -3.82 -14.81 -15.51
N VAL A 120 -4.44 -14.56 -16.66
CA VAL A 120 -5.61 -15.29 -17.11
C VAL A 120 -5.49 -15.67 -18.58
N ARG A 121 -5.90 -16.90 -18.91
CA ARG A 121 -5.88 -17.43 -20.27
C ARG A 121 -7.02 -16.88 -21.13
N VAL A 122 -7.12 -15.54 -21.21
CA VAL A 122 -8.15 -14.87 -21.99
C VAL A 122 -7.92 -15.11 -23.49
N GLY A 123 -8.75 -15.98 -24.07
CA GLY A 123 -8.66 -16.31 -25.49
C GLY A 123 -9.15 -15.17 -26.38
N GLY A 124 -8.90 -15.28 -27.68
CA GLY A 124 -9.31 -14.26 -28.64
C GLY A 124 -8.88 -14.64 -30.05
N ASN A 125 -9.23 -13.79 -31.03
CA ASN A 125 -8.90 -14.02 -32.43
C ASN A 125 -7.39 -13.87 -32.66
N ILE A 1 -3.21 -17.14 24.66
CA ILE A 1 -3.07 -15.95 23.81
C ILE A 1 -1.76 -15.99 23.04
N GLN A 2 -1.83 -16.30 21.74
CA GLN A 2 -0.66 -16.37 20.88
C GLN A 2 -0.93 -15.68 19.55
N ASN A 3 -1.42 -14.43 19.62
CA ASN A 3 -1.70 -13.63 18.45
C ASN A 3 -0.40 -13.12 17.83
N ASN A 4 0.01 -13.73 16.72
CA ASN A 4 1.22 -13.35 16.01
C ASN A 4 1.06 -11.99 15.34
N GLU A 5 1.68 -10.97 15.91
CA GLU A 5 1.63 -9.60 15.39
C GLU A 5 2.46 -9.43 14.11
N ARG A 6 2.68 -10.52 13.37
CA ARG A 6 3.49 -10.48 12.17
C ARG A 6 2.59 -10.42 10.95
N GLU A 7 1.65 -11.35 10.84
CA GLU A 7 0.74 -11.38 9.71
C GLU A 7 -0.26 -10.23 9.78
N THR A 8 -0.30 -9.48 10.88
CA THR A 8 -1.22 -8.35 10.97
C THR A 8 -0.63 -7.14 10.26
N LEU A 9 0.63 -7.23 9.84
CA LEU A 9 1.26 -6.21 9.03
C LEU A 9 1.45 -6.69 7.59
N VAL A 10 0.83 -7.82 7.25
CA VAL A 10 0.77 -8.28 5.87
C VAL A 10 -0.69 -8.42 5.45
N ASN A 11 -1.58 -8.53 6.44
CA ASN A 11 -3.01 -8.53 6.21
C ASN A 11 -3.59 -7.14 6.46
N SER A 12 -2.70 -6.17 6.69
CA SER A 12 -3.08 -4.76 6.74
C SER A 12 -2.20 -3.91 5.80
N ILE A 13 -1.46 -4.56 4.89
CA ILE A 13 -0.79 -3.86 3.81
C ILE A 13 -1.20 -4.45 2.46
N LYS A 14 -1.70 -5.68 2.44
CA LYS A 14 -2.32 -6.23 1.24
C LYS A 14 -3.83 -6.02 1.29
N THR A 15 -4.28 -5.29 2.31
CA THR A 15 -5.67 -4.89 2.47
C THR A 15 -5.76 -3.41 2.86
N ALA A 16 -4.72 -2.67 2.48
CA ALA A 16 -4.70 -1.22 2.56
C ALA A 16 -4.39 -0.63 1.18
N ILE A 17 -4.49 -1.49 0.16
CA ILE A 17 -4.44 -1.11 -1.23
C ILE A 17 -5.69 -1.63 -1.95
N GLN A 18 -6.38 -2.60 -1.33
CA GLN A 18 -7.62 -3.13 -1.86
C GLN A 18 -8.77 -2.19 -1.56
N TYR A 19 -8.57 -1.29 -0.60
CA TYR A 19 -9.53 -0.23 -0.35
C TYR A 19 -9.04 1.08 -0.97
N SER A 20 -7.94 1.00 -1.72
CA SER A 20 -7.36 2.17 -2.36
C SER A 20 -7.42 2.09 -3.87
N LYS A 21 -8.18 1.13 -4.41
CA LYS A 21 -8.50 1.10 -5.83
C LYS A 21 -10.00 1.13 -6.06
N ILE A 22 -10.79 1.10 -4.97
CA ILE A 22 -12.23 1.26 -5.04
C ILE A 22 -12.58 2.74 -4.81
N GLN A 23 -11.66 3.51 -4.24
CA GLN A 23 -11.78 4.95 -4.13
C GLN A 23 -11.20 5.65 -5.35
N ALA A 24 -10.80 4.85 -6.34
CA ALA A 24 -10.39 5.32 -7.65
C ALA A 24 -11.49 5.08 -8.68
N ILE A 25 -11.96 3.83 -8.78
CA ILE A 25 -12.94 3.44 -9.78
C ILE A 25 -14.30 4.06 -9.45
N HIS A 26 -14.42 4.68 -8.28
CA HIS A 26 -15.65 5.33 -7.87
C HIS A 26 -15.53 6.86 -7.93
N LEU A 27 -14.41 7.40 -8.42
CA LEU A 27 -14.27 8.82 -8.66
C LEU A 27 -13.85 9.09 -10.10
N GLY A 28 -13.71 8.04 -10.91
CA GLY A 28 -13.42 8.17 -12.33
C GLY A 28 -12.02 8.72 -12.59
N HIS A 29 -11.15 8.75 -11.59
CA HIS A 29 -9.80 9.27 -11.74
C HIS A 29 -8.85 8.66 -10.71
N PRO A 30 -7.54 8.63 -10.99
CA PRO A 30 -6.53 8.04 -10.12
C PRO A 30 -6.46 8.69 -8.74
N ILE A 31 -5.95 7.92 -7.78
CA ILE A 31 -5.75 8.35 -6.40
C ILE A 31 -4.37 7.90 -5.93
N TYR A 32 -3.85 8.56 -4.90
CA TYR A 32 -2.46 8.37 -4.49
C TYR A 32 -2.37 7.83 -3.07
N LEU A 33 -1.82 6.63 -2.92
CA LEU A 33 -1.55 6.06 -1.60
C LEU A 33 -0.14 6.49 -1.17
N LEU A 34 -0.06 7.48 -0.28
CA LEU A 34 1.20 8.00 0.25
C LEU A 34 1.52 7.34 1.58
N PRO A 35 2.78 7.40 2.03
CA PRO A 35 3.14 7.01 3.38
C PRO A 35 2.58 8.03 4.36
N PHE A 36 2.38 7.65 5.63
CA PHE A 36 1.84 8.56 6.62
C PHE A 36 2.84 9.67 6.94
N GLY A 37 2.50 10.91 6.58
CA GLY A 37 3.36 12.07 6.77
C GLY A 37 4.25 12.29 5.55
N SER A 38 4.82 13.49 5.45
CA SER A 38 5.66 13.88 4.32
C SER A 38 7.09 13.34 4.49
N ASN A 39 7.20 12.02 4.67
CA ASN A 39 8.47 11.33 4.81
C ASN A 39 8.49 10.06 3.97
N GLU A 40 9.62 9.79 3.32
CA GLU A 40 9.80 8.62 2.48
C GLU A 40 10.06 7.37 3.34
N ASN A 41 9.31 7.22 4.42
CA ASN A 41 9.43 6.11 5.36
C ASN A 41 8.04 5.59 5.71
N TRP A 42 7.66 4.45 5.16
CA TRP A 42 6.32 3.88 5.34
C TRP A 42 6.20 3.17 6.69
N SER A 43 7.02 3.53 7.68
CA SER A 43 7.04 2.84 8.97
C SER A 43 6.29 3.64 10.04
N ARG A 44 5.35 4.50 9.61
CA ARG A 44 4.46 5.21 10.51
C ARG A 44 3.03 5.17 9.98
N GLY A 45 2.73 4.16 9.15
CA GLY A 45 1.43 4.00 8.54
C GLY A 45 1.42 4.48 7.09
N MET A 46 0.26 4.36 6.45
CA MET A 46 0.03 4.81 5.08
C MET A 46 -1.31 5.54 4.99
N VAL A 47 -1.44 6.46 4.04
CA VAL A 47 -2.61 7.31 3.90
C VAL A 47 -3.07 7.42 2.44
N LEU A 48 -4.34 7.06 2.20
CA LEU A 48 -4.95 7.20 0.89
C LEU A 48 -5.33 8.67 0.70
N ALA A 49 -4.76 9.35 -0.30
CA ALA A 49 -5.03 10.76 -0.52
C ALA A 49 -5.33 11.05 -2.00
N LYS A 50 -6.54 11.55 -2.27
CA LYS A 50 -6.97 11.89 -3.62
C LYS A 50 -6.71 13.36 -3.94
N LEU A 51 -6.37 13.62 -5.20
CA LEU A 51 -6.21 14.99 -5.69
C LEU A 51 -7.54 15.42 -6.31
N ASN A 52 -8.27 16.29 -5.62
CA ASN A 52 -9.58 16.74 -6.08
C ASN A 52 -9.40 17.62 -7.31
N GLN A 53 -9.71 17.08 -8.50
CA GLN A 53 -9.47 17.73 -9.77
C GLN A 53 -10.41 18.93 -10.02
N THR A 54 -10.96 19.55 -8.97
CA THR A 54 -11.74 20.78 -9.15
C THR A 54 -11.39 21.83 -8.10
N THR A 55 -10.47 21.52 -7.19
CA THR A 55 -9.96 22.48 -6.21
C THR A 55 -8.48 22.22 -5.92
N ASN A 56 -7.77 21.59 -6.86
CA ASN A 56 -6.36 21.23 -6.78
C ASN A 56 -5.86 21.05 -5.34
N LYS A 57 -6.51 20.17 -4.56
CA LYS A 57 -6.12 19.93 -3.17
C LYS A 57 -6.09 18.43 -2.84
N THR A 58 -5.06 18.02 -2.10
CA THR A 58 -4.89 16.64 -1.66
C THR A 58 -5.81 16.35 -0.47
N GLU A 59 -6.90 15.62 -0.71
CA GLU A 59 -7.88 15.29 0.32
C GLU A 59 -7.60 13.90 0.91
N LEU A 60 -7.43 13.83 2.23
CA LEU A 60 -7.11 12.60 2.94
C LEU A 60 -8.37 11.75 3.06
N ILE A 61 -8.33 10.50 2.57
CA ILE A 61 -9.48 9.61 2.58
C ILE A 61 -9.41 8.61 3.73
N HIS A 62 -8.26 7.96 3.92
CA HIS A 62 -8.10 6.89 4.92
C HIS A 62 -6.70 6.89 5.52
N GLN A 63 -6.59 6.54 6.81
CA GLN A 63 -5.31 6.49 7.51
C GLN A 63 -5.09 5.14 8.21
N TRP A 64 -4.15 4.33 7.70
CA TRP A 64 -3.78 3.08 8.37
C TRP A 64 -2.54 3.32 9.23
N GLN A 65 -2.73 3.39 10.55
CA GLN A 65 -1.64 3.57 11.50
C GLN A 65 -1.22 2.21 12.07
N TRP A 66 0.04 1.81 11.85
CA TRP A 66 0.56 0.55 12.37
C TRP A 66 0.59 0.56 13.89
N SER A 67 -0.35 -0.14 14.53
CA SER A 67 -0.41 -0.21 15.99
C SER A 67 0.57 -1.23 16.55
N SER A 68 1.65 -1.52 15.81
CA SER A 68 2.72 -2.40 16.25
C SER A 68 4.06 -1.83 15.80
N ASN A 69 4.80 -1.23 16.73
CA ASN A 69 6.07 -0.58 16.42
C ASN A 69 7.22 -1.59 16.46
N SER A 70 7.11 -2.68 15.69
CA SER A 70 8.17 -3.67 15.58
C SER A 70 8.39 -4.09 14.13
N TRP A 71 8.02 -3.23 13.17
CA TRP A 71 8.13 -3.58 11.77
C TRP A 71 8.56 -2.38 10.93
N ASN A 72 9.84 -2.38 10.53
CA ASN A 72 10.36 -1.37 9.62
C ASN A 72 9.85 -1.67 8.21
N ILE A 73 8.87 -0.89 7.73
CA ILE A 73 8.30 -1.08 6.41
C ILE A 73 9.19 -0.47 5.33
N ASN A 74 9.93 -1.30 4.61
CA ASN A 74 10.78 -0.83 3.51
C ASN A 74 10.10 -1.07 2.17
N TRP A 75 9.55 -0.02 1.57
CA TRP A 75 8.90 -0.11 0.26
C TRP A 75 9.93 -0.06 -0.86
N LYS A 76 10.22 -1.22 -1.47
CA LYS A 76 11.16 -1.35 -2.57
C LYS A 76 10.51 -0.96 -3.90
N GLY A 77 9.96 0.25 -3.98
CA GLY A 77 9.44 0.78 -5.23
C GLY A 77 10.58 1.02 -6.22
N VAL A 78 10.26 1.17 -7.51
CA VAL A 78 11.28 1.35 -8.53
C VAL A 78 11.82 2.78 -8.53
N ASP A 79 10.96 3.78 -8.80
CA ASP A 79 11.38 5.18 -8.80
C ASP A 79 10.29 6.10 -8.24
N SER A 80 9.46 5.56 -7.35
CA SER A 80 8.41 6.32 -6.69
C SER A 80 8.18 5.76 -5.28
N ASN A 81 9.26 5.72 -4.49
CA ASN A 81 9.24 5.03 -3.20
C ASN A 81 8.49 5.81 -2.11
N HIS A 82 7.55 6.68 -2.47
CA HIS A 82 6.70 7.34 -1.49
C HIS A 82 5.33 7.71 -2.07
N ARG A 83 4.90 7.04 -3.15
CA ARG A 83 3.59 7.28 -3.74
C ARG A 83 3.16 6.13 -4.64
N ILE A 84 2.23 5.29 -4.18
CA ILE A 84 1.69 4.22 -4.99
C ILE A 84 0.50 4.76 -5.79
N ILE A 85 0.73 4.98 -7.09
CA ILE A 85 -0.28 5.51 -8.01
C ILE A 85 -1.28 4.43 -8.39
N ILE A 86 -2.50 4.49 -7.81
CA ILE A 86 -3.54 3.52 -8.10
C ILE A 86 -4.49 4.04 -9.18
N SER A 87 -4.37 3.51 -10.39
CA SER A 87 -5.24 3.85 -11.51
C SER A 87 -6.68 3.45 -11.23
N ASN A 88 -7.64 4.25 -11.71
CA ASN A 88 -9.04 4.01 -11.46
C ASN A 88 -9.65 2.93 -12.36
N ILE A 89 -8.84 1.94 -12.76
CA ILE A 89 -9.31 0.83 -13.58
C ILE A 89 -8.55 -0.44 -13.23
N PRO A 90 -9.21 -1.61 -13.33
CA PRO A 90 -8.66 -2.88 -12.93
C PRO A 90 -7.54 -3.33 -13.87
N ASN A 91 -6.54 -4.00 -13.29
CA ASN A 91 -5.39 -4.56 -14.00
C ASN A 91 -4.62 -3.46 -14.76
N ARG A 92 -4.66 -2.23 -14.25
CA ARG A 92 -3.94 -1.11 -14.84
C ARG A 92 -3.23 -0.29 -13.76
N ALA A 93 -2.84 -0.95 -12.67
CA ALA A 93 -2.16 -0.31 -11.56
C ALA A 93 -0.99 -1.18 -11.12
N MET A 94 -0.12 -1.48 -12.09
CA MET A 94 1.05 -2.33 -11.91
C MET A 94 2.20 -1.57 -11.24
N SER A 95 1.95 -0.99 -10.07
CA SER A 95 2.96 -0.27 -9.31
C SER A 95 4.07 -1.24 -8.89
N ASN A 96 5.22 -1.16 -9.58
CA ASN A 96 6.36 -2.02 -9.33
C ASN A 96 6.99 -1.72 -7.97
N GLY A 97 6.73 -2.59 -6.99
CA GLY A 97 7.35 -2.48 -5.68
C GLY A 97 6.77 -3.51 -4.71
N LYS A 98 7.56 -3.85 -3.69
CA LYS A 98 7.16 -4.80 -2.64
C LYS A 98 7.60 -4.30 -1.26
N PHE A 99 6.75 -4.49 -0.25
CA PHE A 99 7.02 -4.08 1.12
C PHE A 99 7.87 -5.13 1.84
N ILE A 100 9.14 -4.81 2.10
CA ILE A 100 10.02 -5.65 2.90
C ILE A 100 9.89 -5.23 4.36
N LEU A 101 9.18 -6.02 5.18
CA LEU A 101 9.11 -5.80 6.61
C LEU A 101 10.33 -6.43 7.26
N ASN A 102 11.03 -5.69 8.11
CA ASN A 102 12.22 -6.19 8.79
C ASN A 102 12.22 -5.83 10.26
N ASN A 103 12.11 -6.82 11.13
CA ASN A 103 12.16 -6.60 12.57
C ASN A 103 13.62 -6.49 13.01
N LYS A 104 14.09 -5.27 13.27
CA LYS A 104 15.50 -4.97 13.50
C LYS A 104 16.02 -5.37 14.89
N ARG A 105 15.37 -6.35 15.52
CA ARG A 105 15.84 -6.89 16.80
C ARG A 105 15.80 -8.41 16.85
N THR A 106 15.37 -9.02 15.75
CA THR A 106 15.44 -10.46 15.55
C THR A 106 15.60 -10.79 14.07
N ASN A 107 16.15 -9.83 13.32
CA ASN A 107 16.35 -9.86 11.87
C ASN A 107 15.32 -10.74 11.15
N GLU A 108 14.03 -10.45 11.37
CA GLU A 108 12.95 -11.21 10.75
C GLU A 108 12.42 -10.48 9.52
N LYS A 109 12.78 -10.98 8.33
CA LYS A 109 12.37 -10.40 7.06
C LYS A 109 11.08 -11.03 6.55
N VAL A 110 10.10 -10.20 6.20
CA VAL A 110 8.81 -10.64 5.70
C VAL A 110 8.45 -9.87 4.43
N VAL A 111 8.58 -10.54 3.28
CA VAL A 111 8.34 -9.92 1.97
C VAL A 111 6.87 -10.02 1.57
N VAL A 112 6.19 -8.87 1.45
CA VAL A 112 4.82 -8.83 0.95
C VAL A 112 4.81 -9.18 -0.53
N THR A 113 4.37 -10.40 -0.86
CA THR A 113 4.27 -10.88 -2.23
C THR A 113 3.26 -10.05 -3.01
N LEU A 114 3.76 -9.15 -3.87
CA LEU A 114 2.92 -8.30 -4.70
C LEU A 114 2.04 -9.14 -5.63
N ASN A 115 0.73 -8.93 -5.53
CA ASN A 115 -0.27 -9.67 -6.31
C ASN A 115 -0.35 -9.17 -7.75
N ARG A 116 0.77 -9.18 -8.46
CA ARG A 116 0.84 -8.75 -9.86
C ARG A 116 0.00 -9.67 -10.73
N LEU A 117 -1.18 -9.21 -11.15
CA LEU A 117 -2.08 -9.98 -11.99
C LEU A 117 -1.54 -10.04 -13.42
N GLY A 118 -0.98 -11.18 -13.80
CA GLY A 118 -0.45 -11.42 -15.13
C GLY A 118 -1.56 -11.86 -16.09
N ARG A 119 -1.18 -12.21 -17.32
CA ARG A 119 -2.10 -12.68 -18.35
C ARG A 119 -1.51 -13.90 -19.06
N VAL A 120 -2.04 -15.08 -18.72
CA VAL A 120 -1.56 -16.33 -19.29
C VAL A 120 -2.74 -17.22 -19.70
N ARG A 121 -2.61 -17.85 -20.88
CA ARG A 121 -3.63 -18.76 -21.41
C ARG A 121 -3.70 -20.02 -20.54
N VAL A 122 -4.76 -20.10 -19.72
CA VAL A 122 -4.97 -21.21 -18.81
C VAL A 122 -5.14 -22.52 -19.58
N GLY A 123 -4.10 -23.36 -19.59
CA GLY A 123 -4.11 -24.65 -20.27
C GLY A 123 -3.95 -24.51 -21.78
N GLY A 124 -3.72 -23.28 -22.28
CA GLY A 124 -3.55 -23.03 -23.70
C GLY A 124 -2.13 -23.35 -24.18
N ASN A 125 -1.21 -23.60 -23.24
CA ASN A 125 0.17 -23.94 -23.56
C ASN A 125 0.28 -25.37 -24.10
N ILE A 1 -1.04 -18.80 23.51
CA ILE A 1 -1.76 -17.90 22.59
C ILE A 1 -0.79 -17.34 21.56
N GLN A 2 -0.84 -17.86 20.32
CA GLN A 2 0.02 -17.42 19.23
C GLN A 2 -0.46 -16.09 18.65
N ASN A 3 -0.44 -15.02 19.45
CA ASN A 3 -0.79 -13.68 19.01
C ASN A 3 0.37 -13.07 18.21
N ASN A 4 0.80 -13.76 17.16
CA ASN A 4 1.92 -13.36 16.32
C ASN A 4 1.62 -12.06 15.59
N GLU A 5 2.22 -10.96 16.04
CA GLU A 5 2.03 -9.64 15.45
C GLU A 5 2.69 -9.50 14.08
N ARG A 6 2.90 -10.61 13.38
CA ARG A 6 3.54 -10.58 12.07
C ARG A 6 2.47 -10.51 10.99
N GLU A 7 1.51 -11.42 11.06
CA GLU A 7 0.42 -11.51 10.11
C GLU A 7 -0.67 -10.50 10.41
N THR A 8 -0.31 -9.43 11.11
CA THR A 8 -1.19 -8.30 11.30
C THR A 8 -0.58 -7.04 10.65
N LEU A 9 0.65 -7.15 10.13
CA LEU A 9 1.23 -6.10 9.33
C LEU A 9 1.26 -6.50 7.85
N VAL A 10 0.88 -7.75 7.57
CA VAL A 10 0.76 -8.21 6.20
C VAL A 10 -0.70 -8.14 5.79
N ASN A 11 -1.57 -8.52 6.71
CA ASN A 11 -3.01 -8.40 6.53
C ASN A 11 -3.46 -6.96 6.70
N SER A 12 -2.55 -6.05 7.02
CA SER A 12 -2.88 -4.63 7.07
C SER A 12 -2.02 -3.79 6.12
N ILE A 13 -1.33 -4.43 5.16
CA ILE A 13 -0.68 -3.72 4.07
C ILE A 13 -1.10 -4.33 2.73
N LYS A 14 -1.62 -5.56 2.74
CA LYS A 14 -2.25 -6.12 1.53
C LYS A 14 -3.76 -5.85 1.55
N THR A 15 -4.21 -5.08 2.53
CA THR A 15 -5.58 -4.60 2.60
C THR A 15 -5.62 -3.10 2.85
N ALA A 16 -4.53 -2.44 2.47
CA ALA A 16 -4.44 -0.98 2.43
C ALA A 16 -4.17 -0.54 1.00
N ILE A 17 -4.30 -1.49 0.07
CA ILE A 17 -4.26 -1.26 -1.37
C ILE A 17 -5.46 -1.94 -2.03
N GLN A 18 -6.18 -2.76 -1.25
CA GLN A 18 -7.41 -3.40 -1.71
C GLN A 18 -8.63 -2.67 -1.14
N TYR A 19 -8.38 -1.48 -0.63
CA TYR A 19 -9.42 -0.54 -0.26
C TYR A 19 -9.10 0.80 -0.93
N SER A 20 -8.37 0.70 -2.03
CA SER A 20 -8.07 1.85 -2.87
C SER A 20 -8.25 1.53 -4.35
N LYS A 21 -8.33 0.24 -4.71
CA LYS A 21 -8.71 -0.14 -6.07
C LYS A 21 -10.22 -0.23 -6.18
N ILE A 22 -10.90 0.43 -5.24
CA ILE A 22 -12.34 0.62 -5.23
C ILE A 22 -12.66 2.11 -5.17
N GLN A 23 -11.99 2.84 -4.27
CA GLN A 23 -12.21 4.27 -4.12
C GLN A 23 -11.65 5.08 -5.30
N ALA A 24 -11.10 4.38 -6.29
CA ALA A 24 -10.72 4.95 -7.58
C ALA A 24 -11.83 4.70 -8.60
N ILE A 25 -12.28 3.44 -8.70
CA ILE A 25 -13.28 3.02 -9.67
C ILE A 25 -14.64 3.60 -9.32
N HIS A 26 -14.77 4.16 -8.11
CA HIS A 26 -16.00 4.78 -7.66
C HIS A 26 -15.94 6.31 -7.75
N LEU A 27 -14.85 6.86 -8.29
CA LEU A 27 -14.77 8.30 -8.56
C LEU A 27 -14.34 8.57 -10.00
N GLY A 28 -14.19 7.51 -10.81
CA GLY A 28 -13.91 7.65 -12.23
C GLY A 28 -12.52 8.22 -12.50
N HIS A 29 -11.64 8.24 -11.50
CA HIS A 29 -10.30 8.80 -11.66
C HIS A 29 -9.33 8.18 -10.65
N PRO A 30 -8.02 8.15 -10.96
CA PRO A 30 -7.00 7.59 -10.10
C PRO A 30 -6.90 8.29 -8.75
N ILE A 31 -6.32 7.57 -7.77
CA ILE A 31 -6.04 8.09 -6.44
C ILE A 31 -4.61 7.74 -6.06
N TYR A 32 -4.03 8.54 -5.17
CA TYR A 32 -2.62 8.48 -4.84
C TYR A 32 -2.39 8.02 -3.41
N LEU A 33 -1.97 6.75 -3.27
CA LEU A 33 -1.66 6.15 -1.99
C LEU A 33 -0.26 6.55 -1.56
N LEU A 34 -0.16 7.48 -0.62
CA LEU A 34 1.10 8.04 -0.12
C LEU A 34 1.47 7.43 1.23
N PRO A 35 2.73 7.54 1.67
CA PRO A 35 3.12 7.18 3.01
C PRO A 35 2.54 8.21 3.98
N PHE A 36 2.38 7.85 5.25
CA PHE A 36 1.87 8.80 6.24
C PHE A 36 2.92 9.89 6.43
N GLY A 37 2.64 11.07 5.86
CA GLY A 37 3.60 12.17 5.77
C GLY A 37 4.51 11.94 4.57
N SER A 38 4.60 12.93 3.68
CA SER A 38 5.33 12.80 2.42
C SER A 38 6.84 13.05 2.58
N ASN A 39 7.37 12.85 3.78
CA ASN A 39 8.79 12.95 4.05
C ASN A 39 9.19 11.90 5.11
N GLU A 40 8.47 10.79 5.16
CA GLU A 40 8.65 9.76 6.17
C GLU A 40 8.62 8.36 5.55
N ASN A 41 9.48 7.47 6.05
CA ASN A 41 9.52 6.07 5.62
C ASN A 41 8.16 5.41 5.83
N TRP A 42 7.87 4.37 5.03
CA TRP A 42 6.57 3.69 5.07
C TRP A 42 6.36 2.89 6.35
N SER A 43 7.06 3.24 7.44
CA SER A 43 6.95 2.51 8.70
C SER A 43 6.24 3.36 9.74
N ARG A 44 5.41 4.31 9.29
CA ARG A 44 4.57 5.11 10.16
C ARG A 44 3.16 5.23 9.58
N GLY A 45 2.76 4.26 8.75
CA GLY A 45 1.45 4.20 8.15
C GLY A 45 1.44 4.70 6.71
N MET A 46 0.27 4.61 6.08
CA MET A 46 0.02 5.06 4.72
C MET A 46 -1.34 5.75 4.63
N VAL A 47 -1.49 6.69 3.70
CA VAL A 47 -2.68 7.51 3.59
C VAL A 47 -3.22 7.55 2.16
N LEU A 48 -4.48 7.17 2.02
CA LEU A 48 -5.21 7.22 0.77
C LEU A 48 -5.66 8.65 0.52
N ALA A 49 -5.21 9.27 -0.59
CA ALA A 49 -5.55 10.65 -0.88
C ALA A 49 -5.94 10.83 -2.36
N LYS A 50 -7.07 11.51 -2.59
CA LYS A 50 -7.57 11.80 -3.93
C LYS A 50 -7.28 13.24 -4.32
N LEU A 51 -6.92 13.45 -5.58
CA LEU A 51 -6.61 14.78 -6.08
C LEU A 51 -7.89 15.56 -6.38
N ASN A 52 -7.97 16.79 -5.88
CA ASN A 52 -9.08 17.67 -6.15
C ASN A 52 -8.68 18.59 -7.30
N GLN A 53 -9.18 18.33 -8.51
CA GLN A 53 -8.74 19.01 -9.71
C GLN A 53 -9.32 20.42 -9.86
N THR A 54 -9.65 21.08 -8.74
CA THR A 54 -10.06 22.49 -8.75
C THR A 54 -9.39 23.29 -7.66
N THR A 55 -8.53 22.65 -6.86
CA THR A 55 -7.69 23.32 -5.86
C THR A 55 -6.33 22.61 -5.74
N ASN A 56 -5.93 21.90 -6.80
CA ASN A 56 -4.70 21.13 -6.89
C ASN A 56 -4.16 20.65 -5.53
N LYS A 57 -5.01 19.93 -4.77
CA LYS A 57 -4.62 19.41 -3.46
C LYS A 57 -5.07 17.96 -3.28
N THR A 58 -4.19 17.13 -2.70
CA THR A 58 -4.53 15.75 -2.38
C THR A 58 -5.37 15.71 -1.11
N GLU A 59 -6.68 15.49 -1.27
CA GLU A 59 -7.63 15.40 -0.18
C GLU A 59 -7.45 14.07 0.55
N LEU A 60 -7.19 14.13 1.86
CA LEU A 60 -6.93 12.96 2.67
C LEU A 60 -8.24 12.20 2.92
N ILE A 61 -8.31 10.94 2.46
CA ILE A 61 -9.51 10.13 2.59
C ILE A 61 -9.43 9.22 3.82
N HIS A 62 -8.32 8.51 3.99
CA HIS A 62 -8.17 7.53 5.06
C HIS A 62 -6.72 7.41 5.53
N GLN A 63 -6.52 7.02 6.79
CA GLN A 63 -5.19 6.88 7.38
C GLN A 63 -5.00 5.51 8.03
N TRP A 64 -4.19 4.65 7.41
CA TRP A 64 -3.78 3.38 8.01
C TRP A 64 -2.49 3.57 8.78
N GLN A 65 -2.53 3.45 10.11
CA GLN A 65 -1.34 3.62 10.93
C GLN A 65 -1.21 2.53 11.98
N TRP A 66 -0.30 1.58 11.74
CA TRP A 66 0.02 0.51 12.67
C TRP A 66 0.92 1.03 13.78
N SER A 67 0.35 1.23 14.97
CA SER A 67 1.08 1.69 16.14
C SER A 67 1.87 0.55 16.79
N SER A 68 2.72 -0.11 16.00
CA SER A 68 3.57 -1.20 16.46
C SER A 68 4.98 -1.02 15.92
N ASN A 69 5.91 -0.58 16.78
CA ASN A 69 7.27 -0.28 16.37
C ASN A 69 8.17 -1.51 16.42
N SER A 70 7.78 -2.59 15.73
CA SER A 70 8.65 -3.76 15.58
C SER A 70 8.64 -4.28 14.14
N TRP A 71 8.33 -3.40 13.18
CA TRP A 71 8.39 -3.76 11.77
C TRP A 71 8.90 -2.60 10.94
N ASN A 72 10.17 -2.67 10.51
CA ASN A 72 10.74 -1.69 9.61
C ASN A 72 10.20 -1.93 8.21
N ILE A 73 9.11 -1.25 7.86
CA ILE A 73 8.48 -1.38 6.56
C ILE A 73 9.37 -0.72 5.51
N ASN A 74 10.07 -1.52 4.71
CA ASN A 74 10.92 -1.00 3.65
C ASN A 74 10.28 -1.29 2.29
N TRP A 75 9.65 -0.28 1.69
CA TRP A 75 9.05 -0.44 0.37
C TRP A 75 10.11 -0.37 -0.71
N LYS A 76 10.57 -1.54 -1.18
CA LYS A 76 11.58 -1.61 -2.23
C LYS A 76 10.92 -1.51 -3.59
N GLY A 77 10.16 -0.42 -3.79
CA GLY A 77 9.57 -0.09 -5.07
C GLY A 77 10.46 0.89 -5.83
N VAL A 78 9.86 1.64 -6.77
CA VAL A 78 10.56 2.70 -7.49
C VAL A 78 10.98 3.76 -6.47
N ASP A 79 12.28 3.78 -6.14
CA ASP A 79 12.82 4.59 -5.04
C ASP A 79 12.92 6.08 -5.36
N SER A 80 12.12 6.60 -6.30
CA SER A 80 12.00 8.03 -6.51
C SER A 80 10.55 8.40 -6.80
N ASN A 81 9.61 7.56 -6.35
CA ASN A 81 8.18 7.77 -6.51
C ASN A 81 7.43 7.07 -5.37
N HIS A 82 7.51 7.62 -4.15
CA HIS A 82 6.78 7.08 -3.02
C HIS A 82 5.29 7.46 -3.10
N ARG A 83 4.68 7.11 -4.22
CA ARG A 83 3.28 7.35 -4.52
C ARG A 83 2.75 6.20 -5.36
N ILE A 84 1.96 5.31 -4.76
CA ILE A 84 1.40 4.19 -5.50
C ILE A 84 0.16 4.68 -6.24
N ILE A 85 0.30 4.87 -7.56
CA ILE A 85 -0.77 5.37 -8.40
C ILE A 85 -1.78 4.27 -8.67
N ILE A 86 -2.93 4.32 -7.99
CA ILE A 86 -3.98 3.34 -8.18
C ILE A 86 -4.93 3.81 -9.28
N SER A 87 -4.81 3.23 -10.47
CA SER A 87 -5.67 3.56 -11.60
C SER A 87 -7.10 3.11 -11.30
N ASN A 88 -8.08 3.89 -11.75
CA ASN A 88 -9.48 3.58 -11.51
C ASN A 88 -10.00 2.48 -12.47
N ILE A 89 -9.11 1.57 -12.87
CA ILE A 89 -9.43 0.44 -13.73
C ILE A 89 -8.56 -0.75 -13.32
N PRO A 90 -9.04 -1.98 -13.51
CA PRO A 90 -8.42 -3.18 -12.99
C PRO A 90 -7.04 -3.51 -13.55
N ASN A 91 -6.63 -2.90 -14.68
CA ASN A 91 -5.40 -3.29 -15.36
C ASN A 91 -4.54 -2.12 -15.81
N ARG A 92 -4.47 -1.03 -15.04
CA ARG A 92 -3.54 0.06 -15.34
C ARG A 92 -2.89 0.61 -14.07
N ALA A 93 -2.79 -0.20 -13.03
CA ALA A 93 -2.21 0.21 -11.75
C ALA A 93 -0.84 -0.46 -11.58
N MET A 94 0.04 -0.26 -12.56
CA MET A 94 1.35 -0.90 -12.63
C MET A 94 2.39 -0.23 -11.73
N SER A 95 2.04 0.02 -10.46
CA SER A 95 2.98 0.58 -9.50
C SER A 95 3.92 -0.51 -9.02
N ASN A 96 5.16 -0.50 -9.51
CA ASN A 96 6.17 -1.49 -9.17
C ASN A 96 6.70 -1.26 -7.76
N GLY A 97 6.28 -2.09 -6.80
CA GLY A 97 6.78 -2.00 -5.44
C GLY A 97 6.36 -3.15 -4.54
N LYS A 98 7.25 -3.49 -3.59
CA LYS A 98 7.06 -4.58 -2.63
C LYS A 98 7.48 -4.11 -1.23
N PHE A 99 6.63 -4.39 -0.23
CA PHE A 99 6.90 -4.01 1.16
C PHE A 99 7.67 -5.10 1.90
N ILE A 100 8.97 -4.89 2.12
CA ILE A 100 9.82 -5.81 2.87
C ILE A 100 9.80 -5.42 4.35
N LEU A 101 9.08 -6.19 5.18
CA LEU A 101 9.07 -6.01 6.62
C LEU A 101 10.28 -6.71 7.23
N ASN A 102 11.04 -6.00 8.07
CA ASN A 102 12.23 -6.56 8.70
C ASN A 102 12.28 -6.22 10.18
N ASN A 103 12.06 -7.22 11.04
CA ASN A 103 12.09 -7.01 12.48
C ASN A 103 13.51 -7.24 13.01
N LYS A 104 14.22 -6.16 13.34
CA LYS A 104 15.61 -6.21 13.78
C LYS A 104 15.76 -6.59 15.25
N ARG A 105 14.85 -7.41 15.80
CA ARG A 105 14.99 -7.92 17.16
C ARG A 105 14.68 -9.42 17.25
N THR A 106 14.38 -10.02 16.10
CA THR A 106 14.18 -11.45 15.95
C THR A 106 14.56 -11.90 14.54
N ASN A 107 15.45 -11.14 13.91
CA ASN A 107 15.91 -11.31 12.54
C ASN A 107 14.86 -11.96 11.63
N GLU A 108 13.67 -11.36 11.56
CA GLU A 108 12.59 -11.84 10.73
C GLU A 108 12.41 -10.95 9.50
N LYS A 109 12.15 -11.56 8.35
CA LYS A 109 12.02 -10.86 7.07
C LYS A 109 10.79 -11.37 6.33
N VAL A 110 9.91 -10.43 5.93
CA VAL A 110 8.65 -10.75 5.29
C VAL A 110 8.47 -9.88 4.05
N VAL A 111 8.66 -10.47 2.87
CA VAL A 111 8.56 -9.75 1.60
C VAL A 111 7.14 -9.83 1.03
N VAL A 112 6.38 -8.73 1.15
CA VAL A 112 5.08 -8.61 0.55
C VAL A 112 5.24 -8.23 -0.92
N THR A 113 5.50 -9.22 -1.76
CA THR A 113 5.71 -9.04 -3.19
C THR A 113 4.36 -8.98 -3.92
N LEU A 114 3.95 -7.77 -4.31
CA LEU A 114 2.65 -7.54 -4.93
C LEU A 114 2.66 -7.82 -6.44
N ASN A 115 3.06 -9.02 -6.82
CA ASN A 115 3.04 -9.45 -8.22
C ASN A 115 2.50 -10.87 -8.36
N ARG A 116 1.25 -11.08 -7.90
CA ARG A 116 0.55 -12.36 -8.01
C ARG A 116 1.23 -13.44 -7.17
N LEU A 117 1.40 -13.17 -5.87
CA LEU A 117 2.06 -14.09 -4.95
C LEU A 117 1.18 -15.30 -4.64
N GLY A 118 1.52 -16.44 -5.24
CA GLY A 118 0.86 -17.72 -4.98
C GLY A 118 -0.57 -17.81 -5.52
N ARG A 119 -1.12 -16.71 -6.03
CA ARG A 119 -2.46 -16.67 -6.58
C ARG A 119 -2.48 -17.32 -7.97
N VAL A 120 -3.00 -18.54 -8.06
CA VAL A 120 -3.09 -19.29 -9.31
C VAL A 120 -3.82 -18.48 -10.37
N ARG A 121 -3.32 -18.54 -11.60
CA ARG A 121 -3.88 -17.84 -12.75
C ARG A 121 -5.15 -18.54 -13.28
N VAL A 122 -6.13 -18.74 -12.40
CA VAL A 122 -7.40 -19.39 -12.75
C VAL A 122 -8.23 -18.48 -13.64
N GLY A 123 -8.26 -18.80 -14.94
CA GLY A 123 -9.03 -18.04 -15.92
C GLY A 123 -10.53 -18.30 -15.79
N GLY A 124 -11.34 -17.53 -16.54
CA GLY A 124 -12.78 -17.64 -16.52
C GLY A 124 -13.40 -17.06 -15.25
N ASN A 125 -14.72 -17.21 -15.10
CA ASN A 125 -15.45 -16.73 -13.93
C ASN A 125 -15.08 -17.50 -12.67
N ILE A 1 0.35 -17.91 24.66
CA ILE A 1 -0.19 -16.64 24.12
C ILE A 1 0.76 -16.05 23.08
N GLN A 2 0.99 -16.78 21.99
CA GLN A 2 1.85 -16.34 20.91
C GLN A 2 1.22 -15.17 20.17
N ASN A 3 1.73 -13.95 20.41
CA ASN A 3 1.25 -12.74 19.76
C ASN A 3 1.61 -12.75 18.28
N ASN A 4 0.62 -13.05 17.42
CA ASN A 4 0.81 -13.08 15.97
C ASN A 4 0.83 -11.66 15.39
N GLU A 5 1.74 -10.82 15.90
CA GLU A 5 1.87 -9.44 15.46
C GLU A 5 2.59 -9.34 14.10
N ARG A 6 2.54 -10.41 13.30
CA ARG A 6 3.15 -10.44 11.99
C ARG A 6 2.07 -10.43 10.93
N GLU A 7 1.11 -11.35 11.07
CA GLU A 7 0.00 -11.47 10.13
C GLU A 7 -1.08 -10.44 10.43
N THR A 8 -0.68 -9.34 11.06
CA THR A 8 -1.54 -8.18 11.21
C THR A 8 -0.91 -6.99 10.47
N LEU A 9 0.28 -7.21 9.91
CA LEU A 9 0.92 -6.25 9.02
C LEU A 9 0.64 -6.67 7.58
N VAL A 10 0.79 -7.96 7.29
CA VAL A 10 0.54 -8.45 5.93
C VAL A 10 -0.95 -8.40 5.62
N ASN A 11 -1.77 -8.35 6.68
CA ASN A 11 -3.21 -8.22 6.53
C ASN A 11 -3.65 -6.78 6.73
N SER A 12 -2.68 -5.88 6.94
CA SER A 12 -2.92 -4.44 6.93
C SER A 12 -2.03 -3.73 5.92
N ILE A 13 -1.46 -4.48 4.96
CA ILE A 13 -0.78 -3.91 3.82
C ILE A 13 -1.29 -4.53 2.51
N LYS A 14 -1.94 -5.69 2.57
CA LYS A 14 -2.64 -6.23 1.40
C LYS A 14 -4.13 -5.90 1.49
N THR A 15 -4.49 -5.08 2.47
CA THR A 15 -5.85 -4.59 2.66
C THR A 15 -5.83 -3.09 2.96
N ALA A 16 -4.76 -2.43 2.49
CA ALA A 16 -4.66 -0.98 2.48
C ALA A 16 -4.27 -0.51 1.09
N ILE A 17 -4.37 -1.43 0.12
CA ILE A 17 -4.25 -1.14 -1.31
C ILE A 17 -5.38 -1.83 -2.07
N GLN A 18 -6.03 -2.83 -1.46
CA GLN A 18 -7.15 -3.52 -2.06
C GLN A 18 -8.47 -2.90 -1.61
N TYR A 19 -8.35 -1.83 -0.84
CA TYR A 19 -9.49 -0.99 -0.49
C TYR A 19 -9.23 0.40 -1.09
N SER A 20 -8.01 0.60 -1.61
CA SER A 20 -7.60 1.89 -2.12
C SER A 20 -7.66 1.96 -3.65
N LYS A 21 -8.07 0.88 -4.32
CA LYS A 21 -8.35 0.95 -5.76
C LYS A 21 -9.85 0.97 -6.01
N ILE A 22 -10.63 0.86 -4.94
CA ILE A 22 -12.08 0.94 -5.01
C ILE A 22 -12.51 2.39 -5.01
N GLN A 23 -11.86 3.22 -4.18
CA GLN A 23 -12.19 4.64 -4.13
C GLN A 23 -11.68 5.40 -5.35
N ALA A 24 -10.98 4.71 -6.24
CA ALA A 24 -10.61 5.22 -7.55
C ALA A 24 -11.67 4.86 -8.58
N ILE A 25 -12.11 3.59 -8.59
CA ILE A 25 -13.12 3.12 -9.53
C ILE A 25 -14.48 3.75 -9.19
N HIS A 26 -14.56 4.43 -8.03
CA HIS A 26 -15.77 5.13 -7.62
C HIS A 26 -15.68 6.62 -7.86
N LEU A 27 -14.60 7.10 -8.52
CA LEU A 27 -14.48 8.50 -8.92
C LEU A 27 -14.06 8.61 -10.38
N GLY A 28 -13.92 7.49 -11.08
CA GLY A 28 -13.61 7.49 -12.50
C GLY A 28 -12.22 8.04 -12.81
N HIS A 29 -11.36 8.17 -11.79
CA HIS A 29 -10.03 8.73 -11.97
C HIS A 29 -9.07 8.23 -10.88
N PRO A 30 -7.76 8.22 -11.14
CA PRO A 30 -6.75 7.75 -10.21
C PRO A 30 -6.68 8.56 -8.92
N ILE A 31 -6.17 7.92 -7.87
CA ILE A 31 -5.97 8.52 -6.55
C ILE A 31 -4.59 8.14 -6.02
N TYR A 32 -4.09 8.93 -5.08
CA TYR A 32 -2.71 8.83 -4.63
C TYR A 32 -2.58 8.23 -3.23
N LEU A 33 -2.03 7.01 -3.17
CA LEU A 33 -1.74 6.35 -1.91
C LEU A 33 -0.36 6.78 -1.42
N LEU A 34 -0.33 7.66 -0.42
CA LEU A 34 0.90 8.21 0.14
C LEU A 34 1.23 7.53 1.48
N PRO A 35 2.48 7.60 1.94
CA PRO A 35 2.85 7.19 3.28
C PRO A 35 2.26 8.19 4.27
N PHE A 36 2.09 7.79 5.53
CA PHE A 36 1.55 8.69 6.55
C PHE A 36 2.52 9.83 6.80
N GLY A 37 2.20 11.01 6.28
CA GLY A 37 3.07 12.18 6.29
C GLY A 37 4.08 12.08 5.16
N SER A 38 4.27 13.17 4.40
CA SER A 38 5.15 13.16 3.23
C SER A 38 6.61 13.42 3.60
N ASN A 39 6.99 13.12 4.85
CA ASN A 39 8.37 13.21 5.32
C ASN A 39 8.72 11.97 6.14
N GLU A 40 8.04 10.86 5.88
CA GLU A 40 8.18 9.63 6.66
C GLU A 40 8.26 8.40 5.77
N ASN A 41 9.11 7.45 6.15
CA ASN A 41 9.18 6.14 5.52
C ASN A 41 7.83 5.44 5.65
N TRP A 42 7.56 4.44 4.80
CA TRP A 42 6.29 3.72 4.81
C TRP A 42 6.12 2.85 6.06
N SER A 43 6.79 3.19 7.17
CA SER A 43 6.75 2.41 8.39
C SER A 43 6.11 3.19 9.53
N ARG A 44 5.25 4.16 9.19
CA ARG A 44 4.45 4.92 10.15
C ARG A 44 3.01 5.02 9.66
N GLY A 45 2.60 4.08 8.81
CA GLY A 45 1.26 4.02 8.25
C GLY A 45 1.20 4.59 6.85
N MET A 46 0.01 4.54 6.24
CA MET A 46 -0.25 5.06 4.90
C MET A 46 -1.60 5.78 4.86
N VAL A 47 -1.74 6.71 3.92
CA VAL A 47 -2.93 7.54 3.77
C VAL A 47 -3.35 7.64 2.32
N LEU A 48 -4.61 7.30 2.05
CA LEU A 48 -5.21 7.40 0.72
C LEU A 48 -5.75 8.80 0.50
N ALA A 49 -5.21 9.55 -0.47
CA ALA A 49 -5.60 10.93 -0.70
C ALA A 49 -5.82 11.22 -2.18
N LYS A 50 -6.96 11.86 -2.50
CA LYS A 50 -7.29 12.28 -3.86
C LYS A 50 -6.98 13.75 -4.04
N LEU A 51 -6.50 14.12 -5.24
CA LEU A 51 -6.16 15.49 -5.53
C LEU A 51 -7.38 16.27 -6.02
N ASN A 52 -7.61 17.45 -5.43
CA ASN A 52 -8.69 18.32 -5.87
C ASN A 52 -8.10 19.36 -6.81
N GLN A 53 -8.33 19.19 -8.11
CA GLN A 53 -7.69 20.01 -9.12
C GLN A 53 -8.33 21.39 -9.28
N THR A 54 -8.94 21.91 -8.19
CA THR A 54 -9.44 23.28 -8.18
C THR A 54 -9.08 23.99 -6.88
N THR A 55 -8.34 23.32 -5.99
CA THR A 55 -7.79 23.93 -4.79
C THR A 55 -6.44 23.30 -4.43
N ASN A 56 -5.75 22.73 -5.44
CA ASN A 56 -4.45 22.07 -5.31
C ASN A 56 -4.19 21.50 -3.91
N LYS A 57 -5.08 20.65 -3.41
CA LYS A 57 -4.94 20.04 -2.09
C LYS A 57 -5.23 18.55 -2.11
N THR A 58 -4.38 17.76 -1.44
CA THR A 58 -4.58 16.33 -1.28
C THR A 58 -5.64 16.08 -0.21
N GLU A 59 -6.84 15.71 -0.66
CA GLU A 59 -7.98 15.44 0.20
C GLU A 59 -7.91 14.02 0.76
N LEU A 60 -7.53 13.90 2.03
CA LEU A 60 -7.42 12.63 2.72
C LEU A 60 -8.76 11.88 2.71
N ILE A 61 -8.75 10.64 2.25
CA ILE A 61 -9.94 9.81 2.21
C ILE A 61 -9.91 8.80 3.36
N HIS A 62 -8.77 8.10 3.51
CA HIS A 62 -8.58 7.05 4.50
C HIS A 62 -7.13 6.99 5.00
N GLN A 63 -6.96 6.48 6.22
CA GLN A 63 -5.65 6.29 6.82
C GLN A 63 -5.52 4.92 7.49
N TRP A 64 -4.31 4.38 7.50
CA TRP A 64 -3.97 3.11 8.13
C TRP A 64 -2.66 3.28 8.92
N GLN A 65 -2.70 3.07 10.23
CA GLN A 65 -1.52 3.20 11.07
C GLN A 65 -1.41 2.04 12.06
N TRP A 66 -0.50 1.11 11.77
CA TRP A 66 -0.19 -0.02 12.64
C TRP A 66 0.69 0.43 13.80
N SER A 67 0.09 0.55 14.99
CA SER A 67 0.78 0.96 16.21
C SER A 67 1.63 -0.17 16.79
N SER A 68 2.53 -0.72 15.98
CA SER A 68 3.45 -1.78 16.38
C SER A 68 4.86 -1.45 15.88
N ASN A 69 5.72 -1.01 16.79
CA ASN A 69 7.06 -0.53 16.44
C ASN A 69 8.08 -1.66 16.31
N SER A 70 7.73 -2.72 15.56
CA SER A 70 8.67 -3.82 15.31
C SER A 70 8.68 -4.26 13.86
N TRP A 71 8.30 -3.36 12.94
CA TRP A 71 8.32 -3.67 11.52
C TRP A 71 8.83 -2.48 10.71
N ASN A 72 10.07 -2.58 10.25
CA ASN A 72 10.66 -1.61 9.36
C ASN A 72 10.14 -1.85 7.94
N ILE A 73 9.01 -1.23 7.62
CA ILE A 73 8.39 -1.36 6.31
C ILE A 73 9.25 -0.66 5.26
N ASN A 74 9.97 -1.42 4.44
CA ASN A 74 10.83 -0.85 3.41
C ASN A 74 10.25 -1.11 2.03
N TRP A 75 9.65 -0.09 1.41
CA TRP A 75 9.11 -0.23 0.07
C TRP A 75 10.27 -0.34 -0.93
N LYS A 76 10.51 -1.56 -1.42
CA LYS A 76 11.60 -1.85 -2.34
C LYS A 76 11.15 -1.56 -3.77
N GLY A 77 10.69 -0.32 -4.00
CA GLY A 77 10.24 0.11 -5.31
C GLY A 77 11.36 0.75 -6.12
N VAL A 78 11.25 0.66 -7.45
CA VAL A 78 12.20 1.29 -8.37
C VAL A 78 11.63 2.65 -8.80
N ASP A 79 11.00 3.33 -7.86
CA ASP A 79 10.31 4.60 -8.03
C ASP A 79 10.73 5.57 -6.94
N SER A 80 11.58 6.55 -7.27
CA SER A 80 12.06 7.53 -6.30
C SER A 80 10.97 8.58 -6.00
N ASN A 81 9.71 8.13 -6.01
CA ASN A 81 8.53 8.94 -5.71
C ASN A 81 7.61 8.14 -4.80
N HIS A 82 7.57 8.49 -3.51
CA HIS A 82 6.73 7.79 -2.53
C HIS A 82 5.26 8.15 -2.69
N ARG A 83 4.73 7.96 -3.90
CA ARG A 83 3.32 8.18 -4.23
C ARG A 83 2.86 7.07 -5.15
N ILE A 84 2.08 6.13 -4.62
CA ILE A 84 1.60 5.01 -5.41
C ILE A 84 0.34 5.44 -6.14
N ILE A 85 0.46 5.69 -7.45
CA ILE A 85 -0.65 6.14 -8.27
C ILE A 85 -1.60 4.97 -8.52
N ILE A 86 -2.73 4.96 -7.82
CA ILE A 86 -3.71 3.91 -7.96
C ILE A 86 -4.67 4.24 -9.11
N SER A 87 -4.48 3.56 -10.24
CA SER A 87 -5.36 3.70 -11.40
C SER A 87 -6.75 3.17 -11.07
N ASN A 88 -7.79 3.86 -11.55
CA ASN A 88 -9.17 3.51 -11.24
C ASN A 88 -9.67 2.27 -12.01
N ILE A 89 -8.85 1.22 -12.07
CA ILE A 89 -9.18 -0.02 -12.75
C ILE A 89 -8.44 -1.18 -12.10
N PRO A 90 -9.07 -2.36 -12.02
CA PRO A 90 -8.52 -3.52 -11.34
C PRO A 90 -7.33 -4.11 -12.12
N ASN A 91 -6.28 -4.47 -11.36
CA ASN A 91 -5.10 -5.14 -11.88
C ASN A 91 -4.40 -4.35 -13.00
N ARG A 92 -4.59 -3.03 -13.01
CA ARG A 92 -3.98 -2.15 -14.01
C ARG A 92 -3.51 -0.85 -13.35
N ALA A 93 -2.68 -0.96 -12.31
CA ALA A 93 -2.19 0.17 -11.55
C ALA A 93 -0.68 0.04 -11.34
N MET A 94 0.10 0.81 -12.10
CA MET A 94 1.55 0.73 -12.12
C MET A 94 2.18 1.13 -10.79
N SER A 95 2.66 0.11 -10.05
CA SER A 95 3.43 0.29 -8.84
C SER A 95 4.62 -0.66 -8.88
N ASN A 96 5.81 -0.13 -9.16
CA ASN A 96 7.00 -0.93 -9.40
C ASN A 96 7.74 -1.26 -8.10
N GLY A 97 7.07 -1.87 -7.12
CA GLY A 97 7.73 -2.19 -5.86
C GLY A 97 6.90 -3.06 -4.93
N LYS A 98 7.59 -3.66 -3.94
CA LYS A 98 7.01 -4.52 -2.93
C LYS A 98 7.56 -4.17 -1.55
N PHE A 99 6.71 -4.20 -0.52
CA PHE A 99 7.11 -3.88 0.85
C PHE A 99 7.82 -5.05 1.51
N ILE A 100 9.11 -4.88 1.79
CA ILE A 100 9.90 -5.85 2.55
C ILE A 100 9.90 -5.41 4.02
N LEU A 101 9.12 -6.11 4.84
CA LEU A 101 9.09 -5.87 6.28
C LEU A 101 10.31 -6.50 6.92
N ASN A 102 10.95 -5.80 7.86
CA ASN A 102 12.14 -6.29 8.53
C ASN A 102 12.07 -6.05 10.04
N ASN A 103 11.81 -7.11 10.79
CA ASN A 103 11.77 -7.02 12.25
C ASN A 103 13.18 -7.18 12.81
N LYS A 104 13.79 -6.06 13.24
CA LYS A 104 15.21 -6.02 13.62
C LYS A 104 15.49 -6.44 15.07
N ARG A 105 14.61 -7.24 15.68
CA ARG A 105 14.88 -7.82 16.99
C ARG A 105 14.55 -9.30 17.07
N THR A 106 14.14 -9.85 15.93
CA THR A 106 13.98 -11.29 15.75
C THR A 106 14.38 -11.69 14.32
N ASN A 107 15.25 -10.87 13.72
CA ASN A 107 15.78 -11.00 12.37
C ASN A 107 14.80 -11.70 11.41
N GLU A 108 13.58 -11.17 11.30
CA GLU A 108 12.54 -11.77 10.46
C GLU A 108 12.16 -10.85 9.31
N LYS A 109 12.63 -11.21 8.11
CA LYS A 109 12.31 -10.49 6.88
C LYS A 109 11.04 -11.08 6.26
N VAL A 110 10.08 -10.23 5.91
CA VAL A 110 8.79 -10.65 5.38
C VAL A 110 8.41 -9.81 4.16
N VAL A 111 8.52 -10.38 2.96
CA VAL A 111 8.09 -9.73 1.74
C VAL A 111 6.60 -9.94 1.55
N VAL A 112 5.84 -8.86 1.33
CA VAL A 112 4.39 -8.93 1.20
C VAL A 112 3.95 -9.46 -0.19
N THR A 113 4.50 -10.61 -0.58
CA THR A 113 4.19 -11.24 -1.86
C THR A 113 3.97 -12.74 -1.66
N LEU A 114 3.05 -13.08 -0.76
CA LEU A 114 2.73 -14.46 -0.43
C LEU A 114 2.08 -15.14 -1.64
N ASN A 115 2.86 -15.99 -2.32
CA ASN A 115 2.42 -16.71 -3.51
C ASN A 115 1.54 -17.90 -3.14
N ARG A 116 0.40 -17.64 -2.50
CA ARG A 116 -0.56 -18.66 -2.11
C ARG A 116 -1.12 -19.34 -3.36
N LEU A 117 -0.67 -20.57 -3.64
CA LEU A 117 -1.09 -21.33 -4.80
C LEU A 117 -2.55 -21.77 -4.62
N GLY A 118 -3.47 -21.10 -5.32
CA GLY A 118 -4.89 -21.42 -5.25
C GLY A 118 -5.42 -22.03 -6.55
N ARG A 119 -4.63 -21.97 -7.63
CA ARG A 119 -5.02 -22.51 -8.93
C ARG A 119 -4.93 -24.04 -8.93
N VAL A 120 -6.08 -24.71 -8.86
CA VAL A 120 -6.16 -26.15 -8.82
C VAL A 120 -7.24 -26.66 -9.77
N ARG A 121 -6.94 -27.76 -10.48
CA ARG A 121 -7.85 -28.38 -11.44
C ARG A 121 -8.94 -29.19 -10.74
N VAL A 122 -9.69 -28.54 -9.84
CA VAL A 122 -10.78 -29.16 -9.10
C VAL A 122 -11.95 -29.47 -10.06
N GLY A 123 -12.11 -30.74 -10.42
CA GLY A 123 -13.15 -31.19 -11.32
C GLY A 123 -12.85 -30.82 -12.78
N GLY A 124 -13.79 -31.13 -13.67
CA GLY A 124 -13.64 -30.85 -15.09
C GLY A 124 -13.76 -29.36 -15.39
N ASN A 125 -13.40 -28.98 -16.63
CA ASN A 125 -13.48 -27.60 -17.08
C ASN A 125 -14.92 -27.11 -17.22
N ILE A 1 -6.51 -16.10 22.44
CA ILE A 1 -5.99 -16.08 21.06
C ILE A 1 -4.75 -15.19 20.98
N GLN A 2 -3.57 -15.81 20.89
CA GLN A 2 -2.32 -15.08 20.81
C GLN A 2 -2.20 -14.39 19.45
N ASN A 3 -2.39 -13.07 19.43
CA ASN A 3 -2.28 -12.28 18.21
C ASN A 3 -0.82 -12.16 17.79
N ASN A 4 -0.42 -12.90 16.76
CA ASN A 4 0.91 -12.82 16.19
C ASN A 4 1.07 -11.48 15.47
N GLU A 5 1.81 -10.55 16.08
CA GLU A 5 2.01 -9.21 15.54
C GLU A 5 2.88 -9.18 14.30
N ARG A 6 3.02 -10.31 13.60
CA ARG A 6 3.78 -10.36 12.37
C ARG A 6 2.84 -10.35 11.19
N GLU A 7 1.88 -11.28 11.19
CA GLU A 7 0.91 -11.38 10.12
C GLU A 7 -0.20 -10.36 10.26
N THR A 8 -0.14 -9.51 11.28
CA THR A 8 -1.10 -8.42 11.40
C THR A 8 -0.62 -7.20 10.63
N LEU A 9 0.63 -7.25 10.14
CA LEU A 9 1.14 -6.21 9.26
C LEU A 9 1.12 -6.67 7.81
N VAL A 10 0.78 -7.94 7.59
CA VAL A 10 0.60 -8.46 6.25
C VAL A 10 -0.87 -8.40 5.91
N ASN A 11 -1.71 -8.77 6.88
CA ASN A 11 -3.15 -8.67 6.75
C ASN A 11 -3.62 -7.23 6.86
N SER A 12 -2.69 -6.29 7.09
CA SER A 12 -3.03 -4.89 7.06
C SER A 12 -2.22 -4.09 6.04
N ILE A 13 -1.53 -4.78 5.12
CA ILE A 13 -0.92 -4.13 3.96
C ILE A 13 -1.39 -4.81 2.68
N LYS A 14 -2.04 -5.98 2.77
CA LYS A 14 -2.72 -6.55 1.61
C LYS A 14 -4.22 -6.26 1.68
N THR A 15 -4.64 -5.49 2.68
CA THR A 15 -6.02 -5.01 2.78
C THR A 15 -6.03 -3.51 3.05
N ALA A 16 -4.94 -2.86 2.64
CA ALA A 16 -4.85 -1.41 2.61
C ALA A 16 -4.44 -0.98 1.20
N ILE A 17 -4.59 -1.91 0.25
CA ILE A 17 -4.46 -1.66 -1.17
C ILE A 17 -5.75 -2.08 -1.87
N GLN A 18 -6.53 -2.93 -1.21
CA GLN A 18 -7.79 -3.44 -1.76
C GLN A 18 -8.96 -2.56 -1.36
N TYR A 19 -8.66 -1.51 -0.60
CA TYR A 19 -9.60 -0.45 -0.32
C TYR A 19 -9.02 0.85 -0.89
N SER A 20 -7.95 0.71 -1.68
CA SER A 20 -7.29 1.85 -2.28
C SER A 20 -7.32 1.82 -3.80
N LYS A 21 -7.98 0.82 -4.40
CA LYS A 21 -8.25 0.83 -5.83
C LYS A 21 -9.75 0.88 -6.12
N ILE A 22 -10.55 0.90 -5.05
CA ILE A 22 -12.00 1.03 -5.16
C ILE A 22 -12.36 2.51 -5.18
N GLN A 23 -11.69 3.29 -4.33
CA GLN A 23 -11.93 4.73 -4.26
C GLN A 23 -11.34 5.46 -5.46
N ALA A 24 -10.70 4.73 -6.37
CA ALA A 24 -10.27 5.24 -7.66
C ALA A 24 -11.34 4.94 -8.72
N ILE A 25 -11.81 3.70 -8.77
CA ILE A 25 -12.79 3.28 -9.76
C ILE A 25 -14.14 3.92 -9.46
N HIS A 26 -14.27 4.55 -8.29
CA HIS A 26 -15.50 5.23 -7.91
C HIS A 26 -15.40 6.75 -8.09
N LEU A 27 -14.28 7.24 -8.64
CA LEU A 27 -14.13 8.65 -8.97
C LEU A 27 -13.63 8.84 -10.40
N GLY A 28 -13.45 7.73 -11.15
CA GLY A 28 -13.09 7.80 -12.55
C GLY A 28 -11.68 8.36 -12.77
N HIS A 29 -10.85 8.41 -11.71
CA HIS A 29 -9.50 8.95 -11.83
C HIS A 29 -8.59 8.37 -10.75
N PRO A 30 -7.27 8.33 -10.99
CA PRO A 30 -6.29 7.77 -10.09
C PRO A 30 -6.23 8.46 -8.73
N ILE A 31 -5.75 7.72 -7.73
CA ILE A 31 -5.52 8.22 -6.38
C ILE A 31 -4.16 7.75 -5.88
N TYR A 32 -3.62 8.42 -4.87
CA TYR A 32 -2.26 8.20 -4.42
C TYR A 32 -2.21 7.69 -2.99
N LEU A 33 -1.92 6.40 -2.81
CA LEU A 33 -1.73 5.81 -1.50
C LEU A 33 -0.37 6.29 -0.99
N LEU A 34 -0.39 7.25 -0.05
CA LEU A 34 0.80 7.88 0.50
C LEU A 34 1.22 7.21 1.80
N PRO A 35 2.49 7.36 2.21
CA PRO A 35 2.97 6.97 3.52
C PRO A 35 2.38 7.93 4.56
N PHE A 36 2.17 7.47 5.79
CA PHE A 36 1.58 8.32 6.82
C PHE A 36 2.54 9.44 7.19
N GLY A 37 2.07 10.70 7.09
CA GLY A 37 2.85 11.88 7.41
C GLY A 37 3.62 12.41 6.21
N SER A 38 3.49 11.77 5.05
CA SER A 38 4.14 12.19 3.81
C SER A 38 5.66 12.18 3.94
N ASN A 39 6.20 11.02 4.31
CA ASN A 39 7.63 10.82 4.47
C ASN A 39 8.06 9.50 3.82
N GLU A 40 9.26 9.48 3.25
CA GLU A 40 9.80 8.33 2.53
C GLU A 40 10.15 7.15 3.45
N ASN A 41 9.43 7.00 4.56
CA ASN A 41 9.57 5.89 5.48
C ASN A 41 8.17 5.40 5.86
N TRP A 42 7.74 4.27 5.28
CA TRP A 42 6.41 3.73 5.49
C TRP A 42 6.26 3.07 6.86
N SER A 43 7.09 3.47 7.84
CA SER A 43 7.10 2.84 9.15
C SER A 43 6.31 3.63 10.18
N ARG A 44 5.33 4.42 9.73
CA ARG A 44 4.39 5.08 10.62
C ARG A 44 2.96 4.96 10.08
N GLY A 45 2.71 3.95 9.25
CA GLY A 45 1.40 3.71 8.65
C GLY A 45 1.32 4.22 7.22
N MET A 46 0.15 4.09 6.61
CA MET A 46 -0.13 4.58 5.26
C MET A 46 -1.48 5.29 5.22
N VAL A 47 -1.62 6.24 4.28
CA VAL A 47 -2.82 7.05 4.14
C VAL A 47 -3.24 7.16 2.68
N LEU A 48 -4.47 6.78 2.39
CA LEU A 48 -5.02 6.89 1.05
C LEU A 48 -5.42 8.34 0.78
N ALA A 49 -4.91 8.95 -0.29
CA ALA A 49 -5.18 10.36 -0.57
C ALA A 49 -5.52 10.61 -2.03
N LYS A 50 -6.60 11.34 -2.29
CA LYS A 50 -6.98 11.76 -3.64
C LYS A 50 -6.70 13.23 -3.86
N LEU A 51 -6.30 13.57 -5.08
CA LEU A 51 -6.03 14.95 -5.48
C LEU A 51 -7.26 15.50 -6.19
N ASN A 52 -8.02 16.36 -5.51
CA ASN A 52 -9.25 16.91 -6.04
C ASN A 52 -8.92 17.90 -7.15
N GLN A 53 -9.14 17.50 -8.41
CA GLN A 53 -8.74 18.28 -9.58
C GLN A 53 -9.63 19.52 -9.81
N THR A 54 -10.28 20.04 -8.76
CA THR A 54 -11.04 21.29 -8.88
C THR A 54 -10.78 22.22 -7.71
N THR A 55 -9.92 21.82 -6.77
CA THR A 55 -9.47 22.66 -5.67
C THR A 55 -8.02 22.35 -5.31
N ASN A 56 -7.26 21.81 -6.26
CA ASN A 56 -5.86 21.41 -6.13
C ASN A 56 -5.44 21.12 -4.69
N LYS A 57 -6.13 20.21 -4.00
CA LYS A 57 -5.83 19.86 -2.62
C LYS A 57 -5.86 18.36 -2.40
N THR A 58 -4.92 17.88 -1.57
CA THR A 58 -4.80 16.47 -1.22
C THR A 58 -5.83 16.12 -0.14
N GLU A 59 -6.90 15.43 -0.53
CA GLU A 59 -7.98 15.04 0.37
C GLU A 59 -7.70 13.65 0.95
N LEU A 60 -7.39 13.60 2.25
CA LEU A 60 -7.11 12.37 2.97
C LEU A 60 -8.38 11.52 3.05
N ILE A 61 -8.31 10.27 2.59
CA ILE A 61 -9.47 9.39 2.53
C ILE A 61 -9.50 8.40 3.69
N HIS A 62 -8.38 7.72 3.94
CA HIS A 62 -8.30 6.66 4.94
C HIS A 62 -6.92 6.61 5.60
N GLN A 63 -6.85 6.17 6.87
CA GLN A 63 -5.60 6.09 7.61
C GLN A 63 -5.40 4.72 8.25
N TRP A 64 -4.34 4.02 7.85
CA TRP A 64 -3.93 2.75 8.48
C TRP A 64 -2.66 2.98 9.29
N GLN A 65 -2.78 3.05 10.62
CA GLN A 65 -1.65 3.23 11.51
C GLN A 65 -1.16 1.88 12.05
N TRP A 66 0.16 1.65 11.99
CA TRP A 66 0.75 0.43 12.49
C TRP A 66 0.86 0.48 14.01
N SER A 67 -0.02 -0.25 14.72
CA SER A 67 0.02 -0.29 16.18
C SER A 67 1.06 -1.28 16.70
N SER A 68 2.09 -1.57 15.89
CA SER A 68 3.22 -2.39 16.27
C SER A 68 4.49 -1.79 15.69
N ASN A 69 5.20 -0.97 16.48
CA ASN A 69 6.39 -0.27 16.03
C ASN A 69 7.63 -1.16 16.06
N SER A 70 7.57 -2.32 15.40
CA SER A 70 8.71 -3.22 15.28
C SER A 70 8.86 -3.74 13.85
N TRP A 71 8.35 -3.01 12.86
CA TRP A 71 8.41 -3.44 11.47
C TRP A 71 8.81 -2.28 10.55
N ASN A 72 10.07 -2.28 10.10
CA ASN A 72 10.54 -1.29 9.15
C ASN A 72 9.97 -1.64 7.77
N ILE A 73 8.95 -0.90 7.33
CA ILE A 73 8.28 -1.14 6.07
C ILE A 73 9.12 -0.56 4.93
N ASN A 74 9.81 -1.42 4.16
CA ASN A 74 10.63 -0.98 3.05
C ASN A 74 10.03 -1.43 1.72
N TRP A 75 9.40 -0.51 0.99
CA TRP A 75 8.76 -0.82 -0.28
C TRP A 75 9.76 -0.74 -1.43
N LYS A 76 10.21 -1.90 -1.94
CA LYS A 76 11.13 -1.97 -3.07
C LYS A 76 10.35 -2.01 -4.38
N GLY A 77 9.49 -1.02 -4.61
CA GLY A 77 8.72 -0.91 -5.84
C GLY A 77 9.38 0.00 -6.86
N VAL A 78 8.57 0.48 -7.82
CA VAL A 78 8.99 1.44 -8.84
C VAL A 78 9.65 2.65 -8.19
N ASP A 79 10.60 3.28 -8.88
CA ASP A 79 11.39 4.39 -8.37
C ASP A 79 10.60 5.69 -8.21
N SER A 80 9.43 5.60 -7.56
CA SER A 80 8.61 6.73 -7.16
C SER A 80 8.15 6.45 -5.73
N ASN A 81 9.12 6.21 -4.84
CA ASN A 81 8.87 5.74 -3.48
C ASN A 81 8.35 6.83 -2.55
N HIS A 82 7.42 7.67 -3.01
CA HIS A 82 6.78 8.66 -2.15
C HIS A 82 5.27 8.72 -2.36
N ARG A 83 4.73 7.94 -3.31
CA ARG A 83 3.31 7.75 -3.47
C ARG A 83 3.03 6.53 -4.36
N ILE A 84 2.14 5.65 -3.93
CA ILE A 84 1.72 4.50 -4.70
C ILE A 84 0.54 4.92 -5.58
N ILE A 85 0.82 5.11 -6.87
CA ILE A 85 -0.17 5.57 -7.86
C ILE A 85 -1.15 4.44 -8.18
N ILE A 86 -2.36 4.52 -7.64
CA ILE A 86 -3.40 3.54 -7.92
C ILE A 86 -4.29 4.06 -9.05
N SER A 87 -4.11 3.52 -10.25
CA SER A 87 -4.94 3.86 -11.40
C SER A 87 -6.36 3.35 -11.17
N ASN A 88 -7.35 4.09 -11.65
CA ASN A 88 -8.74 3.74 -11.44
C ASN A 88 -9.21 2.58 -12.32
N ILE A 89 -8.30 1.67 -12.67
CA ILE A 89 -8.63 0.46 -13.41
C ILE A 89 -7.72 -0.67 -12.94
N PRO A 90 -8.22 -1.93 -12.94
CA PRO A 90 -7.56 -3.05 -12.31
C PRO A 90 -6.18 -3.41 -12.89
N ASN A 91 -5.84 -2.93 -14.09
CA ASN A 91 -4.61 -3.37 -14.76
C ASN A 91 -3.82 -2.21 -15.37
N ARG A 92 -3.86 -1.01 -14.77
CA ARG A 92 -3.00 0.08 -15.22
C ARG A 92 -2.42 0.88 -14.05
N ALA A 93 -2.31 0.26 -12.88
CA ALA A 93 -1.73 0.92 -11.71
C ALA A 93 -0.21 0.72 -11.72
N MET A 94 0.51 1.79 -12.08
CA MET A 94 1.97 1.77 -12.24
C MET A 94 2.69 1.82 -10.90
N SER A 95 2.42 0.83 -10.03
CA SER A 95 3.07 0.72 -8.73
C SER A 95 3.49 -0.73 -8.47
N ASN A 96 4.28 -1.29 -9.39
CA ASN A 96 4.82 -2.63 -9.25
C ASN A 96 5.85 -2.67 -8.12
N GLY A 97 5.48 -3.23 -6.96
CA GLY A 97 6.39 -3.29 -5.83
C GLY A 97 5.86 -4.16 -4.70
N LYS A 98 6.75 -4.48 -3.76
CA LYS A 98 6.45 -5.32 -2.61
C LYS A 98 7.04 -4.72 -1.33
N PHE A 99 6.26 -4.73 -0.25
CA PHE A 99 6.68 -4.24 1.05
C PHE A 99 7.51 -5.28 1.79
N ILE A 100 8.82 -5.03 1.94
CA ILE A 100 9.71 -5.88 2.73
C ILE A 100 9.66 -5.39 4.17
N LEU A 101 8.97 -6.13 5.05
CA LEU A 101 8.95 -5.82 6.46
C LEU A 101 10.18 -6.42 7.12
N ASN A 102 10.92 -5.63 7.89
CA ASN A 102 12.15 -6.07 8.51
C ASN A 102 12.25 -5.64 9.97
N ASN A 103 12.17 -6.61 10.89
CA ASN A 103 12.26 -6.35 12.31
C ASN A 103 13.72 -6.40 12.77
N LYS A 104 14.32 -5.24 13.03
CA LYS A 104 15.74 -5.12 13.34
C LYS A 104 16.09 -5.32 14.82
N ARG A 105 15.26 -6.05 15.60
CA ARG A 105 15.65 -6.42 16.96
C ARG A 105 15.33 -7.88 17.28
N THR A 106 14.78 -8.59 16.30
CA THR A 106 14.59 -10.03 16.32
C THR A 106 14.67 -10.54 14.88
N ASN A 107 15.79 -10.22 14.24
CA ASN A 107 16.07 -10.38 12.81
C ASN A 107 15.08 -11.29 12.08
N GLU A 108 13.94 -10.69 11.71
CA GLU A 108 12.89 -11.34 10.95
C GLU A 108 12.52 -10.48 9.74
N LYS A 109 12.29 -11.13 8.60
CA LYS A 109 12.01 -10.46 7.34
C LYS A 109 10.79 -11.09 6.67
N VAL A 110 9.79 -10.27 6.36
CA VAL A 110 8.51 -10.73 5.84
C VAL A 110 8.20 -10.05 4.50
N VAL A 111 8.34 -10.80 3.40
CA VAL A 111 7.99 -10.32 2.08
C VAL A 111 6.49 -10.48 1.85
N VAL A 112 5.75 -9.37 1.86
CA VAL A 112 4.30 -9.41 1.66
C VAL A 112 3.96 -10.07 0.32
N THR A 113 3.11 -11.09 0.36
CA THR A 113 2.72 -11.84 -0.83
C THR A 113 1.64 -11.10 -1.61
N LEU A 114 2.01 -10.48 -2.73
CA LEU A 114 1.06 -9.81 -3.60
C LEU A 114 0.13 -10.84 -4.23
N ASN A 115 -1.11 -10.90 -3.73
CA ASN A 115 -2.12 -11.81 -4.23
C ASN A 115 -2.47 -11.50 -5.68
N ARG A 116 -2.05 -12.35 -6.61
CA ARG A 116 -2.27 -12.16 -8.04
C ARG A 116 -2.72 -13.47 -8.69
N LEU A 117 -3.78 -14.05 -8.14
CA LEU A 117 -4.35 -15.30 -8.63
C LEU A 117 -5.02 -15.03 -9.98
N GLY A 118 -4.36 -15.46 -11.06
CA GLY A 118 -4.83 -15.25 -12.42
C GLY A 118 -3.67 -15.32 -13.41
N ARG A 119 -2.44 -15.41 -12.90
CA ARG A 119 -1.23 -15.54 -13.69
C ARG A 119 -1.25 -16.81 -14.55
N VAL A 120 -1.48 -16.65 -15.84
CA VAL A 120 -1.54 -17.75 -16.80
C VAL A 120 -0.17 -18.41 -16.93
N ARG A 121 -0.17 -19.74 -17.04
CA ARG A 121 1.03 -20.55 -17.18
C ARG A 121 1.80 -20.18 -18.46
N VAL A 122 2.91 -19.45 -18.30
CA VAL A 122 3.76 -19.05 -19.42
C VAL A 122 4.51 -20.28 -19.95
N GLY A 123 4.07 -20.80 -21.10
CA GLY A 123 4.67 -21.96 -21.72
C GLY A 123 4.31 -23.25 -20.99
N GLY A 124 4.92 -24.36 -21.39
CA GLY A 124 4.69 -25.67 -20.80
C GLY A 124 5.54 -26.74 -21.47
N ASN A 125 5.34 -28.00 -21.05
CA ASN A 125 6.07 -29.15 -21.59
C ASN A 125 5.10 -30.31 -21.85
N ILE A 1 0.71 -15.76 26.29
CA ILE A 1 0.03 -15.21 25.11
C ILE A 1 1.05 -14.85 24.02
N GLN A 2 1.14 -15.68 22.98
CA GLN A 2 2.04 -15.46 21.86
C GLN A 2 1.56 -14.29 21.03
N ASN A 3 2.24 -13.14 21.17
CA ASN A 3 1.90 -11.94 20.43
C ASN A 3 2.33 -12.07 18.96
N ASN A 4 1.44 -12.59 18.12
CA ASN A 4 1.69 -12.77 16.71
C ASN A 4 1.44 -11.48 15.93
N GLU A 5 2.10 -10.39 16.32
CA GLU A 5 1.93 -9.09 15.67
C GLU A 5 2.68 -9.03 14.33
N ARG A 6 2.92 -10.18 13.72
CA ARG A 6 3.62 -10.24 12.45
C ARG A 6 2.63 -10.24 11.31
N GLU A 7 1.67 -11.16 11.37
CA GLU A 7 0.67 -11.31 10.32
C GLU A 7 -0.45 -10.29 10.45
N THR A 8 -0.27 -9.30 11.33
CA THR A 8 -1.20 -8.19 11.39
C THR A 8 -0.66 -7.01 10.57
N LEU A 9 0.58 -7.12 10.08
CA LEU A 9 1.15 -6.13 9.18
C LEU A 9 1.23 -6.65 7.76
N VAL A 10 0.78 -7.89 7.52
CA VAL A 10 0.67 -8.40 6.17
C VAL A 10 -0.80 -8.54 5.79
N ASN A 11 -1.67 -8.57 6.79
CA ASN A 11 -3.10 -8.55 6.59
C ASN A 11 -3.64 -7.13 6.67
N SER A 12 -2.77 -6.16 6.96
CA SER A 12 -3.14 -4.76 6.95
C SER A 12 -2.33 -3.95 5.97
N ILE A 13 -1.61 -4.61 5.06
CA ILE A 13 -0.97 -3.96 3.93
C ILE A 13 -1.55 -4.51 2.62
N LYS A 14 -1.70 -5.84 2.51
CA LYS A 14 -2.30 -6.41 1.31
C LYS A 14 -3.81 -6.21 1.30
N THR A 15 -4.33 -5.49 2.29
CA THR A 15 -5.72 -5.07 2.32
C THR A 15 -5.80 -3.56 2.55
N ALA A 16 -4.71 -2.89 2.16
CA ALA A 16 -4.68 -1.44 2.08
C ALA A 16 -4.42 -1.04 0.63
N ILE A 17 -4.32 -2.04 -0.24
CA ILE A 17 -4.30 -1.86 -1.69
C ILE A 17 -5.64 -2.30 -2.25
N GLN A 18 -6.39 -3.09 -1.49
CA GLN A 18 -7.69 -3.60 -1.89
C GLN A 18 -8.82 -2.76 -1.32
N TYR A 19 -8.45 -1.63 -0.76
CA TYR A 19 -9.38 -0.58 -0.37
C TYR A 19 -8.84 0.74 -0.90
N SER A 20 -7.86 0.64 -1.81
CA SER A 20 -7.29 1.79 -2.48
C SER A 20 -7.38 1.66 -3.99
N LYS A 21 -8.02 0.60 -4.49
CA LYS A 21 -8.35 0.49 -5.91
C LYS A 21 -9.86 0.53 -6.14
N ILE A 22 -10.61 0.80 -5.08
CA ILE A 22 -12.05 0.99 -5.18
C ILE A 22 -12.43 2.43 -4.84
N GLN A 23 -11.54 3.15 -4.15
CA GLN A 23 -11.69 4.58 -3.93
C GLN A 23 -11.14 5.37 -5.12
N ALA A 24 -10.76 4.65 -6.17
CA ALA A 24 -10.37 5.21 -7.45
C ALA A 24 -11.49 5.01 -8.47
N ILE A 25 -11.91 3.75 -8.66
CA ILE A 25 -12.90 3.39 -9.67
C ILE A 25 -14.28 3.95 -9.29
N HIS A 26 -14.41 4.48 -8.08
CA HIS A 26 -15.66 5.07 -7.61
C HIS A 26 -15.60 6.60 -7.60
N LEU A 27 -14.49 7.19 -8.06
CA LEU A 27 -14.39 8.63 -8.21
C LEU A 27 -13.96 9.00 -9.63
N GLY A 28 -13.79 8.00 -10.51
CA GLY A 28 -13.49 8.24 -11.91
C GLY A 28 -12.09 8.82 -12.14
N HIS A 29 -11.22 8.80 -11.12
CA HIS A 29 -9.89 9.36 -11.24
C HIS A 29 -8.92 8.69 -10.26
N PRO A 30 -7.61 8.70 -10.55
CA PRO A 30 -6.57 8.07 -9.74
C PRO A 30 -6.49 8.64 -8.33
N ILE A 31 -5.92 7.86 -7.42
CA ILE A 31 -5.73 8.22 -6.02
C ILE A 31 -4.32 7.83 -5.59
N TYR A 32 -3.84 8.46 -4.53
CA TYR A 32 -2.45 8.34 -4.13
C TYR A 32 -2.28 7.76 -2.74
N LEU A 33 -1.83 6.50 -2.67
CA LEU A 33 -1.53 5.84 -1.41
C LEU A 33 -0.13 6.27 -0.94
N LEU A 34 -0.08 7.15 0.05
CA LEU A 34 1.16 7.71 0.59
C LEU A 34 1.50 7.06 1.93
N PRO A 35 2.76 7.17 2.39
CA PRO A 35 3.13 6.78 3.74
C PRO A 35 2.49 7.77 4.72
N PHE A 36 2.28 7.35 5.96
CA PHE A 36 1.71 8.22 6.98
C PHE A 36 2.68 9.35 7.33
N GLY A 37 2.35 10.56 6.90
CA GLY A 37 3.19 11.74 7.11
C GLY A 37 4.17 11.95 5.96
N SER A 38 4.70 13.17 5.85
CA SER A 38 5.62 13.56 4.78
C SER A 38 7.05 13.08 5.07
N ASN A 39 7.20 11.77 5.28
CA ASN A 39 8.50 11.16 5.56
C ASN A 39 8.67 9.88 4.74
N GLU A 40 9.89 9.68 4.22
CA GLU A 40 10.24 8.59 3.34
C GLU A 40 10.35 7.23 4.05
N ASN A 41 9.56 7.02 5.10
CA ASN A 41 9.53 5.76 5.84
C ASN A 41 8.09 5.35 6.14
N TRP A 42 7.63 4.26 5.50
CA TRP A 42 6.28 3.75 5.68
C TRP A 42 6.12 3.04 7.02
N SER A 43 6.95 3.38 8.02
CA SER A 43 6.96 2.67 9.30
C SER A 43 6.17 3.42 10.37
N ARG A 44 5.20 4.25 9.96
CA ARG A 44 4.26 4.88 10.85
C ARG A 44 2.85 4.79 10.27
N GLY A 45 2.63 3.80 9.40
CA GLY A 45 1.36 3.60 8.73
C GLY A 45 1.37 4.13 7.31
N MET A 46 0.24 4.02 6.63
CA MET A 46 0.02 4.52 5.28
C MET A 46 -1.33 5.21 5.21
N VAL A 47 -1.48 6.17 4.30
CA VAL A 47 -2.66 7.00 4.17
C VAL A 47 -3.10 7.15 2.73
N LEU A 48 -4.36 6.81 2.45
CA LEU A 48 -4.96 6.99 1.15
C LEU A 48 -5.33 8.47 0.99
N ALA A 49 -4.81 9.15 -0.04
CA ALA A 49 -5.10 10.56 -0.27
C ALA A 49 -5.47 10.82 -1.73
N LYS A 50 -6.70 11.31 -1.94
CA LYS A 50 -7.19 11.66 -3.27
C LYS A 50 -6.98 13.15 -3.54
N LEU A 51 -6.70 13.49 -4.79
CA LEU A 51 -6.56 14.88 -5.19
C LEU A 51 -7.93 15.47 -5.52
N ASN A 52 -8.25 16.63 -4.96
CA ASN A 52 -9.50 17.32 -5.24
C ASN A 52 -9.24 18.33 -6.35
N GLN A 53 -9.68 18.02 -7.57
CA GLN A 53 -9.37 18.83 -8.75
C GLN A 53 -10.16 20.14 -8.80
N THR A 54 -10.60 20.66 -7.65
CA THR A 54 -11.24 21.97 -7.60
C THR A 54 -10.73 22.82 -6.44
N THR A 55 -9.80 22.29 -5.65
CA THR A 55 -9.12 23.05 -4.59
C THR A 55 -7.68 22.58 -4.42
N ASN A 56 -7.10 21.99 -5.48
CA ASN A 56 -5.75 21.43 -5.53
C ASN A 56 -5.20 21.01 -4.15
N LYS A 57 -5.94 20.13 -3.46
CA LYS A 57 -5.52 19.63 -2.14
C LYS A 57 -5.70 18.12 -2.02
N THR A 58 -4.78 17.47 -1.32
CA THR A 58 -4.84 16.03 -1.06
C THR A 58 -5.81 15.74 0.08
N GLU A 59 -6.99 15.23 -0.25
CA GLU A 59 -8.02 14.87 0.71
C GLU A 59 -7.81 13.45 1.21
N LEU A 60 -7.31 13.32 2.43
CA LEU A 60 -7.07 12.03 3.07
C LEU A 60 -8.38 11.26 3.25
N ILE A 61 -8.38 9.99 2.85
CA ILE A 61 -9.57 9.14 2.90
C ILE A 61 -9.49 8.12 4.04
N HIS A 62 -8.32 7.47 4.21
CA HIS A 62 -8.14 6.39 5.18
C HIS A 62 -6.75 6.41 5.80
N GLN A 63 -6.60 5.91 7.03
CA GLN A 63 -5.33 5.84 7.73
C GLN A 63 -5.08 4.44 8.31
N TRP A 64 -4.11 3.71 7.78
CA TRP A 64 -3.70 2.43 8.34
C TRP A 64 -2.48 2.64 9.23
N GLN A 65 -2.68 3.17 10.44
CA GLN A 65 -1.60 3.37 11.41
C GLN A 65 -1.18 2.03 12.02
N TRP A 66 0.12 1.73 11.95
CA TRP A 66 0.66 0.49 12.50
C TRP A 66 0.73 0.57 14.03
N SER A 67 -0.18 -0.10 14.73
CA SER A 67 -0.17 -0.13 16.19
C SER A 67 0.85 -1.15 16.72
N SER A 68 1.88 -1.45 15.91
CA SER A 68 2.98 -2.33 16.28
C SER A 68 4.28 -1.75 15.72
N ASN A 69 4.97 -0.93 16.53
CA ASN A 69 6.17 -0.23 16.09
C ASN A 69 7.40 -1.14 16.16
N SER A 70 7.34 -2.30 15.49
CA SER A 70 8.45 -3.23 15.41
C SER A 70 8.65 -3.75 13.99
N TRP A 71 8.21 -2.99 12.99
CA TRP A 71 8.29 -3.40 11.60
C TRP A 71 8.77 -2.27 10.71
N ASN A 72 10.03 -2.32 10.28
CA ASN A 72 10.57 -1.36 9.33
C ASN A 72 9.97 -1.68 7.95
N ILE A 73 9.01 -0.87 7.51
CA ILE A 73 8.32 -1.09 6.24
C ILE A 73 9.14 -0.48 5.11
N ASN A 74 9.81 -1.31 4.32
CA ASN A 74 10.61 -0.85 3.20
C ASN A 74 9.91 -1.17 1.87
N TRP A 75 9.31 -0.16 1.24
CA TRP A 75 8.67 -0.30 -0.07
C TRP A 75 9.75 -0.29 -1.16
N LYS A 76 10.15 -1.48 -1.63
CA LYS A 76 11.15 -1.60 -2.68
C LYS A 76 10.50 -1.57 -4.06
N GLY A 77 9.73 -0.52 -4.34
CA GLY A 77 9.10 -0.33 -5.64
C GLY A 77 10.13 0.13 -6.68
N VAL A 78 9.79 0.00 -7.97
CA VAL A 78 10.67 0.42 -9.05
C VAL A 78 10.53 1.93 -9.32
N ASP A 79 10.10 2.67 -8.29
CA ASP A 79 9.92 4.11 -8.36
C ASP A 79 10.47 4.77 -7.10
N SER A 80 11.47 5.64 -7.24
CA SER A 80 12.09 6.32 -6.11
C SER A 80 11.19 7.44 -5.57
N ASN A 81 9.88 7.21 -5.58
CA ASN A 81 8.87 8.13 -5.06
C ASN A 81 7.86 7.34 -4.24
N HIS A 82 7.78 7.62 -2.93
CA HIS A 82 6.87 6.91 -2.04
C HIS A 82 5.42 7.35 -2.21
N ARG A 83 4.91 7.25 -3.45
CA ARG A 83 3.53 7.52 -3.79
C ARG A 83 3.02 6.45 -4.74
N ILE A 84 2.21 5.52 -4.25
CA ILE A 84 1.69 4.45 -5.09
C ILE A 84 0.46 4.97 -5.83
N ILE A 85 0.62 5.26 -7.12
CA ILE A 85 -0.45 5.78 -7.96
C ILE A 85 -1.39 4.63 -8.34
N ILE A 86 -2.57 4.58 -7.72
CA ILE A 86 -3.55 3.56 -8.02
C ILE A 86 -4.56 4.12 -9.03
N SER A 87 -4.43 3.68 -10.29
CA SER A 87 -5.31 4.12 -11.38
C SER A 87 -6.73 3.62 -11.17
N ASN A 88 -7.71 4.44 -11.55
CA ASN A 88 -9.12 4.10 -11.36
C ASN A 88 -9.63 3.09 -12.39
N ILE A 89 -8.75 2.21 -12.88
CA ILE A 89 -9.13 1.18 -13.84
C ILE A 89 -8.24 -0.07 -13.62
N PRO A 90 -8.80 -1.26 -13.84
CA PRO A 90 -8.11 -2.53 -13.58
C PRO A 90 -7.01 -2.78 -14.60
N ASN A 91 -5.92 -3.40 -14.15
CA ASN A 91 -4.78 -3.78 -14.96
C ASN A 91 -4.15 -2.59 -15.67
N ARG A 92 -4.30 -1.39 -15.09
CA ARG A 92 -3.71 -0.17 -15.62
C ARG A 92 -3.09 0.65 -14.48
N ALA A 93 -2.52 -0.04 -13.49
CA ALA A 93 -1.89 0.60 -12.34
C ALA A 93 -0.56 -0.09 -12.05
N MET A 94 0.54 0.57 -12.43
CA MET A 94 1.88 0.02 -12.34
C MET A 94 2.46 0.19 -10.94
N SER A 95 1.75 -0.29 -9.93
CA SER A 95 2.23 -0.30 -8.55
C SER A 95 3.20 -1.46 -8.35
N ASN A 96 4.25 -1.51 -9.18
CA ASN A 96 5.24 -2.57 -9.14
C ASN A 96 6.19 -2.37 -7.96
N GLY A 97 6.00 -3.16 -6.91
CA GLY A 97 6.84 -3.10 -5.72
C GLY A 97 6.39 -4.11 -4.66
N LYS A 98 7.24 -4.33 -3.66
CA LYS A 98 6.98 -5.25 -2.56
C LYS A 98 7.43 -4.66 -1.23
N PHE A 99 6.57 -4.74 -0.22
CA PHE A 99 6.86 -4.25 1.12
C PHE A 99 7.72 -5.25 1.89
N ILE A 100 8.99 -4.92 2.13
CA ILE A 100 9.89 -5.71 2.96
C ILE A 100 9.74 -5.25 4.41
N LEU A 101 9.08 -6.06 5.25
CA LEU A 101 8.99 -5.80 6.67
C LEU A 101 10.17 -6.48 7.37
N ASN A 102 10.90 -5.73 8.19
CA ASN A 102 12.04 -6.28 8.91
C ASN A 102 12.03 -5.83 10.37
N ASN A 103 11.91 -6.77 11.30
CA ASN A 103 11.98 -6.45 12.72
C ASN A 103 13.44 -6.35 13.14
N LYS A 104 13.92 -5.12 13.33
CA LYS A 104 15.34 -4.84 13.52
C LYS A 104 15.88 -5.09 14.94
N ARG A 105 15.24 -5.95 15.72
CA ARG A 105 15.81 -6.42 16.99
C ARG A 105 15.67 -7.92 17.18
N THR A 106 15.02 -8.56 16.21
CA THR A 106 14.90 -10.01 16.12
C THR A 106 14.84 -10.40 14.64
N ASN A 107 15.87 -9.95 13.91
CA ASN A 107 15.98 -9.96 12.45
C ASN A 107 15.06 -10.98 11.78
N GLU A 108 13.79 -10.57 11.60
CA GLU A 108 12.77 -11.36 10.95
C GLU A 108 12.25 -10.62 9.71
N LYS A 109 12.69 -11.09 8.54
CA LYS A 109 12.36 -10.51 7.25
C LYS A 109 11.08 -11.11 6.68
N VAL A 110 10.14 -10.25 6.28
CA VAL A 110 8.85 -10.66 5.71
C VAL A 110 8.59 -9.84 4.45
N VAL A 111 8.76 -10.47 3.28
CA VAL A 111 8.64 -9.78 2.00
C VAL A 111 7.25 -10.01 1.37
N VAL A 112 6.41 -8.98 1.44
CA VAL A 112 5.08 -9.02 0.84
C VAL A 112 5.19 -8.77 -0.66
N THR A 113 5.41 -9.85 -1.43
CA THR A 113 5.52 -9.79 -2.87
C THR A 113 4.14 -9.67 -3.50
N LEU A 114 3.79 -8.48 -3.98
CA LEU A 114 2.48 -8.20 -4.58
C LEU A 114 2.38 -8.77 -6.00
N ASN A 115 2.43 -10.10 -6.14
CA ASN A 115 2.24 -10.77 -7.42
C ASN A 115 1.32 -11.98 -7.27
N ARG A 116 0.28 -11.84 -6.43
CA ARG A 116 -0.66 -12.93 -6.18
C ARG A 116 -1.56 -13.13 -7.39
N LEU A 117 -1.31 -14.18 -8.16
CA LEU A 117 -2.09 -14.52 -9.34
C LEU A 117 -3.45 -15.04 -8.91
N GLY A 118 -4.49 -14.21 -9.04
CA GLY A 118 -5.85 -14.63 -8.72
C GLY A 118 -6.43 -15.47 -9.85
N ARG A 119 -6.96 -16.65 -9.50
CA ARG A 119 -7.57 -17.55 -10.47
C ARG A 119 -8.92 -16.99 -10.90
N VAL A 120 -8.98 -16.42 -12.11
CA VAL A 120 -10.20 -15.86 -12.67
C VAL A 120 -11.24 -16.95 -12.90
N ARG A 121 -12.49 -16.67 -12.53
CA ARG A 121 -13.60 -17.61 -12.70
C ARG A 121 -13.87 -17.89 -14.17
N VAL A 122 -13.55 -19.11 -14.62
CA VAL A 122 -13.83 -19.55 -15.97
C VAL A 122 -15.31 -19.95 -16.08
N GLY A 123 -16.20 -19.02 -15.72
CA GLY A 123 -17.63 -19.25 -15.71
C GLY A 123 -18.35 -18.11 -14.98
N GLY A 124 -19.67 -18.24 -14.83
CA GLY A 124 -20.48 -17.24 -14.15
C GLY A 124 -20.16 -17.17 -12.66
N ASN A 125 -20.56 -16.07 -12.02
CA ASN A 125 -20.38 -15.87 -10.59
C ASN A 125 -21.28 -16.79 -9.76
N ILE A 1 0.16 -15.61 26.11
CA ILE A 1 0.95 -14.71 25.25
C ILE A 1 0.86 -15.13 23.78
N GLN A 2 0.08 -14.38 23.00
CA GLN A 2 -0.12 -14.65 21.59
C GLN A 2 -0.04 -13.35 20.78
N ASN A 3 1.09 -12.64 20.93
CA ASN A 3 1.33 -11.37 20.27
C ASN A 3 1.76 -11.58 18.81
N ASN A 4 0.94 -12.30 18.03
CA ASN A 4 1.22 -12.60 16.64
C ASN A 4 0.89 -11.40 15.76
N GLU A 5 1.49 -10.23 16.05
CA GLU A 5 1.24 -9.01 15.31
C GLU A 5 1.97 -8.97 13.97
N ARG A 6 2.30 -10.15 13.43
CA ARG A 6 2.96 -10.24 12.13
C ARG A 6 1.91 -10.30 11.04
N GLU A 7 0.90 -11.15 11.26
CA GLU A 7 -0.23 -11.28 10.36
C GLU A 7 -1.25 -10.17 10.59
N THR A 8 -0.79 -9.05 11.15
CA THR A 8 -1.59 -7.84 11.24
C THR A 8 -0.82 -6.68 10.59
N LEU A 9 0.07 -7.09 9.67
CA LEU A 9 0.78 -6.21 8.76
C LEU A 9 0.57 -6.73 7.35
N VAL A 10 0.66 -8.06 7.17
CA VAL A 10 0.38 -8.64 5.87
C VAL A 10 -1.10 -8.46 5.55
N ASN A 11 -1.96 -8.74 6.54
CA ASN A 11 -3.39 -8.58 6.39
C ASN A 11 -3.82 -7.12 6.58
N SER A 12 -2.86 -6.22 6.73
CA SER A 12 -3.11 -4.80 6.75
C SER A 12 -2.23 -4.02 5.76
N ILE A 13 -1.67 -4.73 4.78
CA ILE A 13 -1.00 -4.11 3.63
C ILE A 13 -1.52 -4.73 2.34
N LYS A 14 -2.14 -5.90 2.41
CA LYS A 14 -2.87 -6.45 1.26
C LYS A 14 -4.35 -6.10 1.39
N THR A 15 -4.68 -5.31 2.41
CA THR A 15 -6.03 -4.79 2.63
C THR A 15 -5.98 -3.31 3.00
N ALA A 16 -4.90 -2.65 2.58
CA ALA A 16 -4.77 -1.22 2.64
C ALA A 16 -4.43 -0.66 1.26
N ILE A 17 -4.52 -1.54 0.26
CA ILE A 17 -4.46 -1.18 -1.15
C ILE A 17 -5.69 -1.73 -1.86
N GLN A 18 -6.39 -2.67 -1.22
CA GLN A 18 -7.62 -3.22 -1.77
C GLN A 18 -8.79 -2.31 -1.46
N TYR A 19 -8.55 -1.33 -0.58
CA TYR A 19 -9.50 -0.26 -0.35
C TYR A 19 -8.97 1.02 -0.99
N SER A 20 -7.86 0.90 -1.74
CA SER A 20 -7.25 2.04 -2.41
C SER A 20 -7.40 1.95 -3.92
N LYS A 21 -8.19 0.99 -4.42
CA LYS A 21 -8.57 0.97 -5.83
C LYS A 21 -10.09 1.03 -6.00
N ILE A 22 -10.83 1.00 -4.88
CA ILE A 22 -12.28 1.19 -4.91
C ILE A 22 -12.60 2.66 -4.73
N GLN A 23 -11.63 3.44 -4.22
CA GLN A 23 -11.74 4.89 -4.16
C GLN A 23 -11.17 5.53 -5.42
N ALA A 24 -10.78 4.69 -6.38
CA ALA A 24 -10.41 5.11 -7.72
C ALA A 24 -11.56 4.85 -8.68
N ILE A 25 -12.06 3.61 -8.71
CA ILE A 25 -13.09 3.21 -9.66
C ILE A 25 -14.42 3.87 -9.30
N HIS A 26 -14.49 4.54 -8.14
CA HIS A 26 -15.70 5.22 -7.72
C HIS A 26 -15.56 6.74 -7.87
N LEU A 27 -14.44 7.24 -8.40
CA LEU A 27 -14.28 8.65 -8.70
C LEU A 27 -13.87 8.85 -10.16
N GLY A 28 -13.76 7.76 -10.93
CA GLY A 28 -13.48 7.82 -12.36
C GLY A 28 -12.08 8.35 -12.66
N HIS A 29 -11.17 8.36 -11.67
CA HIS A 29 -9.82 8.87 -11.87
C HIS A 29 -8.85 8.25 -10.85
N PRO A 30 -7.56 8.21 -11.16
CA PRO A 30 -6.53 7.64 -10.30
C PRO A 30 -6.40 8.34 -8.95
N ILE A 31 -5.87 7.61 -7.98
CA ILE A 31 -5.61 8.09 -6.63
C ILE A 31 -4.22 7.65 -6.19
N TYR A 32 -3.67 8.32 -5.17
CA TYR A 32 -2.28 8.14 -4.81
C TYR A 32 -2.13 7.74 -3.34
N LEU A 33 -1.82 6.46 -3.11
CA LEU A 33 -1.58 5.94 -1.77
C LEU A 33 -0.21 6.40 -1.30
N LEU A 34 -0.17 7.39 -0.41
CA LEU A 34 1.04 7.97 0.14
C LEU A 34 1.42 7.32 1.48
N PRO A 35 2.68 7.45 1.91
CA PRO A 35 3.11 7.07 3.24
C PRO A 35 2.52 8.09 4.24
N PHE A 36 2.32 7.69 5.49
CA PHE A 36 1.71 8.57 6.48
C PHE A 36 2.58 9.80 6.73
N GLY A 37 2.02 10.98 6.44
CA GLY A 37 2.68 12.26 6.66
C GLY A 37 3.59 12.66 5.49
N SER A 38 3.57 11.88 4.40
CA SER A 38 4.38 12.15 3.21
C SER A 38 5.87 12.09 3.54
N ASN A 39 6.32 10.97 4.10
CA ASN A 39 7.70 10.74 4.49
C ASN A 39 8.26 9.52 3.75
N GLU A 40 9.52 9.61 3.33
CA GLU A 40 10.21 8.54 2.61
C GLU A 40 10.46 7.30 3.48
N ASN A 41 9.63 7.09 4.52
CA ASN A 41 9.70 5.94 5.40
C ASN A 41 8.29 5.43 5.63
N TRP A 42 7.94 4.30 5.00
CA TRP A 42 6.62 3.72 5.12
C TRP A 42 6.45 2.96 6.44
N SER A 43 7.23 3.33 7.46
CA SER A 43 7.23 2.63 8.73
C SER A 43 6.52 3.43 9.81
N ARG A 44 5.61 4.32 9.38
CA ARG A 44 4.74 5.07 10.29
C ARG A 44 3.31 5.11 9.75
N GLY A 45 2.94 4.13 8.92
CA GLY A 45 1.61 4.01 8.36
C GLY A 45 1.54 4.52 6.92
N MET A 46 0.35 4.39 6.32
CA MET A 46 0.07 4.84 4.96
C MET A 46 -1.28 5.57 4.92
N VAL A 47 -1.43 6.51 3.97
CA VAL A 47 -2.62 7.32 3.82
C VAL A 47 -3.05 7.42 2.37
N LEU A 48 -4.30 7.06 2.09
CA LEU A 48 -4.90 7.18 0.77
C LEU A 48 -5.18 8.66 0.51
N ALA A 49 -4.69 9.22 -0.60
CA ALA A 49 -4.94 10.63 -0.92
C ALA A 49 -5.33 10.82 -2.38
N LYS A 50 -6.40 11.58 -2.64
CA LYS A 50 -6.87 11.90 -3.98
C LYS A 50 -6.58 13.33 -4.38
N LEU A 51 -6.07 13.52 -5.59
CA LEU A 51 -5.71 14.83 -6.10
C LEU A 51 -6.98 15.65 -6.36
N ASN A 52 -7.23 16.63 -5.51
CA ASN A 52 -8.37 17.53 -5.68
C ASN A 52 -7.97 18.64 -6.66
N GLN A 53 -8.20 18.41 -7.95
CA GLN A 53 -7.81 19.35 -9.00
C GLN A 53 -8.74 20.56 -9.06
N THR A 54 -9.23 21.02 -7.90
CA THR A 54 -9.94 22.29 -7.78
C THR A 54 -9.43 23.07 -6.58
N THR A 55 -8.42 22.52 -5.88
CA THR A 55 -7.67 23.20 -4.82
C THR A 55 -6.23 22.72 -4.85
N ASN A 56 -5.79 22.19 -6.00
CA ASN A 56 -4.48 21.59 -6.24
C ASN A 56 -3.79 21.06 -4.96
N LYS A 57 -4.49 20.18 -4.24
CA LYS A 57 -3.94 19.48 -3.08
C LYS A 57 -4.53 18.07 -3.00
N THR A 58 -3.72 17.10 -2.60
CA THR A 58 -4.16 15.72 -2.50
C THR A 58 -4.88 15.48 -1.17
N GLU A 59 -6.21 15.40 -1.25
CA GLU A 59 -7.11 15.24 -0.11
C GLU A 59 -7.04 13.82 0.46
N LEU A 60 -6.76 13.71 1.76
CA LEU A 60 -6.64 12.45 2.46
C LEU A 60 -8.01 11.78 2.62
N ILE A 61 -8.09 10.49 2.28
CA ILE A 61 -9.34 9.74 2.35
C ILE A 61 -9.33 8.75 3.52
N HIS A 62 -8.23 8.03 3.72
CA HIS A 62 -8.13 6.96 4.71
C HIS A 62 -6.75 6.88 5.34
N GLN A 63 -6.64 6.33 6.56
CA GLN A 63 -5.39 6.21 7.29
C GLN A 63 -5.19 4.82 7.87
N TRP A 64 -3.98 4.26 7.71
CA TRP A 64 -3.59 3.00 8.32
C TRP A 64 -2.26 3.16 9.06
N GLN A 65 -2.29 3.24 10.39
CA GLN A 65 -1.10 3.34 11.20
C GLN A 65 -0.74 1.98 11.80
N TRP A 66 0.55 1.61 11.70
CA TRP A 66 1.04 0.34 12.22
C TRP A 66 1.16 0.38 13.74
N SER A 67 0.22 -0.27 14.43
CA SER A 67 0.22 -0.33 15.89
C SER A 67 1.16 -1.41 16.41
N SER A 68 2.25 -1.69 15.68
CA SER A 68 3.26 -2.66 16.07
C SER A 68 4.66 -2.08 15.82
N ASN A 69 5.34 -1.65 16.89
CA ASN A 69 6.62 -0.99 16.79
C ASN A 69 7.79 -1.97 16.76
N SER A 70 7.66 -3.05 15.98
CA SER A 70 8.73 -4.03 15.81
C SER A 70 8.88 -4.43 14.34
N TRP A 71 8.47 -3.57 13.41
CA TRP A 71 8.54 -3.90 11.99
C TRP A 71 9.02 -2.70 11.18
N ASN A 72 10.28 -2.73 10.74
CA ASN A 72 10.83 -1.70 9.89
C ASN A 72 10.32 -1.92 8.46
N ILE A 73 9.37 -1.10 8.04
CA ILE A 73 8.75 -1.23 6.73
C ILE A 73 9.63 -0.63 5.64
N ASN A 74 10.28 -1.48 4.84
CA ASN A 74 11.13 -1.01 3.75
C ASN A 74 10.46 -1.36 2.41
N TRP A 75 9.76 -0.40 1.81
CA TRP A 75 9.14 -0.57 0.51
C TRP A 75 10.18 -0.43 -0.59
N LYS A 76 10.61 -1.55 -1.17
CA LYS A 76 11.63 -1.56 -2.21
C LYS A 76 11.04 -1.23 -3.58
N GLY A 77 10.36 -0.08 -3.67
CA GLY A 77 9.88 0.44 -4.95
C GLY A 77 11.04 0.98 -5.78
N VAL A 78 10.81 1.21 -7.07
CA VAL A 78 11.85 1.70 -7.98
C VAL A 78 11.27 2.84 -8.84
N ASP A 79 10.75 3.86 -8.15
CA ASP A 79 10.21 5.05 -8.77
C ASP A 79 10.57 6.29 -7.94
N SER A 80 10.95 7.39 -8.60
CA SER A 80 11.31 8.62 -7.92
C SER A 80 10.07 9.39 -7.44
N ASN A 81 8.97 8.66 -7.18
CA ASN A 81 7.72 9.22 -6.69
C ASN A 81 7.19 8.32 -5.57
N HIS A 82 7.31 8.75 -4.31
CA HIS A 82 6.87 7.95 -3.17
C HIS A 82 5.36 7.94 -3.00
N ARG A 83 4.62 7.75 -4.11
CA ARG A 83 3.17 7.62 -4.11
C ARG A 83 2.76 6.47 -5.01
N ILE A 84 2.06 5.48 -4.44
CA ILE A 84 1.64 4.31 -5.19
C ILE A 84 0.43 4.66 -6.04
N ILE A 85 0.64 4.80 -7.35
CA ILE A 85 -0.39 5.21 -8.30
C ILE A 85 -1.38 4.09 -8.54
N ILE A 86 -2.58 4.19 -7.97
CA ILE A 86 -3.64 3.21 -8.19
C ILE A 86 -4.62 3.74 -9.22
N SER A 87 -4.53 3.21 -10.45
CA SER A 87 -5.43 3.59 -11.54
C SER A 87 -6.84 3.13 -11.25
N ASN A 88 -7.84 3.89 -11.73
CA ASN A 88 -9.23 3.59 -11.49
C ASN A 88 -9.77 2.47 -12.38
N ILE A 89 -8.92 1.53 -12.79
CA ILE A 89 -9.34 0.37 -13.56
C ILE A 89 -8.57 -0.88 -13.12
N PRO A 90 -9.18 -2.07 -13.25
CA PRO A 90 -8.68 -3.31 -12.68
C PRO A 90 -7.34 -3.78 -13.23
N ASN A 91 -6.83 -3.19 -14.32
CA ASN A 91 -5.62 -3.69 -14.96
C ASN A 91 -4.58 -2.58 -15.22
N ARG A 92 -4.61 -1.48 -14.47
CA ARG A 92 -3.58 -0.45 -14.55
C ARG A 92 -3.15 0.01 -13.17
N ALA A 93 -3.32 -0.83 -12.14
CA ALA A 93 -2.90 -0.49 -10.80
C ALA A 93 -1.47 -1.00 -10.57
N MET A 94 -0.56 -0.58 -11.45
CA MET A 94 0.83 -1.02 -11.45
C MET A 94 1.62 -0.33 -10.32
N SER A 95 2.28 -1.15 -9.50
CA SER A 95 3.15 -0.66 -8.42
C SER A 95 4.44 -1.47 -8.44
N ASN A 96 5.52 -0.87 -8.93
CA ASN A 96 6.82 -1.53 -9.07
C ASN A 96 7.57 -1.55 -7.75
N GLY A 97 6.96 -2.10 -6.69
CA GLY A 97 7.57 -2.20 -5.39
C GLY A 97 6.79 -3.10 -4.43
N LYS A 98 7.50 -3.67 -3.45
CA LYS A 98 6.94 -4.55 -2.44
C LYS A 98 7.47 -4.19 -1.06
N PHE A 99 6.61 -4.28 -0.03
CA PHE A 99 6.95 -3.95 1.35
C PHE A 99 7.71 -5.09 2.03
N ILE A 100 9.02 -4.90 2.21
CA ILE A 100 9.85 -5.83 2.98
C ILE A 100 9.83 -5.41 4.44
N LEU A 101 9.09 -6.14 5.28
CA LEU A 101 9.08 -5.90 6.71
C LEU A 101 10.29 -6.57 7.34
N ASN A 102 10.99 -5.87 8.23
CA ASN A 102 12.19 -6.39 8.87
C ASN A 102 12.17 -6.10 10.37
N ASN A 103 12.00 -7.13 11.19
CA ASN A 103 12.00 -6.97 12.63
C ASN A 103 13.44 -6.95 13.15
N LYS A 104 13.95 -5.76 13.47
CA LYS A 104 15.34 -5.57 13.87
C LYS A 104 15.61 -5.88 15.34
N ARG A 105 14.94 -6.89 15.90
CA ARG A 105 15.23 -7.40 17.24
C ARG A 105 15.28 -8.93 17.28
N THR A 106 15.05 -9.55 16.12
CA THR A 106 15.16 -10.99 15.94
C THR A 106 15.51 -11.33 14.49
N ASN A 107 16.14 -10.36 13.82
CA ASN A 107 16.54 -10.42 12.42
C ASN A 107 15.55 -11.23 11.56
N GLU A 108 14.27 -10.86 11.60
CA GLU A 108 13.23 -11.55 10.84
C GLU A 108 12.79 -10.71 9.64
N LYS A 109 12.52 -11.36 8.51
CA LYS A 109 12.20 -10.71 7.25
C LYS A 109 10.90 -11.25 6.68
N VAL A 110 9.96 -10.36 6.36
CA VAL A 110 8.63 -10.70 5.85
C VAL A 110 8.26 -9.84 4.65
N VAL A 111 8.32 -10.42 3.45
CA VAL A 111 7.95 -9.71 2.23
C VAL A 111 6.46 -9.94 1.93
N VAL A 112 5.68 -8.86 1.89
CA VAL A 112 4.25 -8.96 1.62
C VAL A 112 4.00 -9.54 0.24
N THR A 113 3.28 -10.66 0.17
CA THR A 113 2.94 -11.32 -1.09
C THR A 113 1.73 -10.63 -1.73
N LEU A 114 1.88 -9.37 -2.12
CA LEU A 114 0.80 -8.60 -2.74
C LEU A 114 0.57 -8.97 -4.21
N ASN A 115 0.93 -10.19 -4.60
CA ASN A 115 0.80 -10.64 -5.98
C ASN A 115 -0.65 -11.02 -6.28
N ARG A 116 -1.35 -10.16 -7.03
CA ARG A 116 -2.70 -10.42 -7.50
C ARG A 116 -2.63 -11.21 -8.80
N LEU A 117 -2.92 -12.51 -8.72
CA LEU A 117 -2.88 -13.39 -9.89
C LEU A 117 -4.12 -14.28 -9.88
N GLY A 118 -5.08 -13.97 -10.76
CA GLY A 118 -6.31 -14.74 -10.88
C GLY A 118 -6.39 -15.50 -12.20
N ARG A 119 -5.42 -15.30 -13.10
CA ARG A 119 -5.39 -15.95 -14.40
C ARG A 119 -5.14 -17.46 -14.24
N VAL A 120 -6.20 -18.24 -14.42
CA VAL A 120 -6.12 -19.69 -14.32
C VAL A 120 -5.22 -20.26 -15.43
N ARG A 121 -4.38 -21.23 -15.06
CA ARG A 121 -3.47 -21.89 -16.00
C ARG A 121 -4.25 -22.72 -17.02
N VAL A 122 -4.35 -22.21 -18.25
CA VAL A 122 -5.04 -22.87 -19.35
C VAL A 122 -4.18 -23.99 -19.93
N GLY A 123 -3.74 -24.93 -19.08
CA GLY A 123 -2.92 -26.06 -19.50
C GLY A 123 -3.71 -27.12 -20.25
N GLY A 124 -5.03 -26.94 -20.37
CA GLY A 124 -5.89 -27.87 -21.09
C GLY A 124 -7.34 -27.38 -21.09
N ASN A 125 -8.22 -28.14 -21.73
CA ASN A 125 -9.65 -27.83 -21.80
C ASN A 125 -10.31 -28.02 -20.44
N ILE A 1 -0.93 -18.10 24.54
CA ILE A 1 -1.47 -16.91 23.85
C ILE A 1 -0.39 -16.25 22.99
N GLN A 2 0.13 -16.99 22.00
CA GLN A 2 1.16 -16.49 21.10
C GLN A 2 0.58 -15.39 20.22
N ASN A 3 0.94 -14.13 20.52
CA ASN A 3 0.49 -12.99 19.74
C ASN A 3 1.15 -12.99 18.37
N ASN A 4 0.39 -13.37 17.34
CA ASN A 4 0.86 -13.37 15.96
C ASN A 4 0.84 -11.94 15.40
N GLU A 5 1.68 -11.06 15.94
CA GLU A 5 1.76 -9.68 15.50
C GLU A 5 2.52 -9.53 14.19
N ARG A 6 2.57 -10.61 13.39
CA ARG A 6 3.21 -10.58 12.10
C ARG A 6 2.14 -10.54 11.02
N GLU A 7 1.16 -11.43 11.13
CA GLU A 7 0.04 -11.49 10.21
C GLU A 7 -0.99 -10.41 10.51
N THR A 8 -0.56 -9.33 11.15
CA THR A 8 -1.39 -8.16 11.31
C THR A 8 -0.71 -6.96 10.64
N LEU A 9 0.51 -7.16 10.12
CA LEU A 9 1.16 -6.17 9.30
C LEU A 9 1.17 -6.61 7.84
N VAL A 10 0.82 -7.87 7.59
CA VAL A 10 0.69 -8.34 6.22
C VAL A 10 -0.79 -8.34 5.81
N ASN A 11 -1.66 -8.29 6.82
CA ASN A 11 -3.10 -8.19 6.61
C ASN A 11 -3.57 -6.75 6.82
N SER A 12 -2.62 -5.85 7.07
CA SER A 12 -2.87 -4.42 7.09
C SER A 12 -2.00 -3.66 6.10
N ILE A 13 -1.34 -4.37 5.17
CA ILE A 13 -0.67 -3.73 4.05
C ILE A 13 -1.07 -4.37 2.73
N LYS A 14 -1.63 -5.57 2.73
CA LYS A 14 -2.23 -6.12 1.51
C LYS A 14 -3.73 -5.84 1.49
N THR A 15 -4.19 -5.04 2.46
CA THR A 15 -5.57 -4.60 2.51
C THR A 15 -5.62 -3.09 2.72
N ALA A 16 -4.54 -2.44 2.31
CA ALA A 16 -4.45 -0.99 2.21
C ALA A 16 -4.07 -0.61 0.78
N ILE A 17 -4.12 -1.61 -0.10
CA ILE A 17 -3.99 -1.46 -1.54
C ILE A 17 -5.25 -1.98 -2.25
N GLN A 18 -6.04 -2.78 -1.54
CA GLN A 18 -7.22 -3.42 -2.10
C GLN A 18 -8.50 -2.77 -1.59
N TYR A 19 -8.32 -1.63 -0.95
CA TYR A 19 -9.41 -0.74 -0.60
C TYR A 19 -9.13 0.60 -1.28
N SER A 20 -8.08 0.62 -2.10
CA SER A 20 -7.68 1.82 -2.82
C SER A 20 -7.86 1.68 -4.33
N LYS A 21 -8.01 0.45 -4.84
CA LYS A 21 -8.32 0.26 -6.26
C LYS A 21 -9.82 0.19 -6.48
N ILE A 22 -10.59 0.66 -5.50
CA ILE A 22 -12.03 0.80 -5.58
C ILE A 22 -12.43 2.26 -5.45
N GLN A 23 -11.81 2.98 -4.50
CA GLN A 23 -12.09 4.41 -4.32
C GLN A 23 -11.59 5.26 -5.48
N ALA A 24 -10.95 4.64 -6.47
CA ALA A 24 -10.63 5.28 -7.73
C ALA A 24 -11.71 4.99 -8.76
N ILE A 25 -12.03 3.71 -8.96
CA ILE A 25 -12.96 3.29 -10.01
C ILE A 25 -14.38 3.78 -9.69
N HIS A 26 -14.60 4.23 -8.45
CA HIS A 26 -15.90 4.72 -8.04
C HIS A 26 -15.98 6.25 -8.07
N LEU A 27 -14.92 6.92 -8.55
CA LEU A 27 -14.94 8.37 -8.70
C LEU A 27 -14.50 8.80 -10.10
N GLY A 28 -14.18 7.84 -10.97
CA GLY A 28 -13.85 8.12 -12.36
C GLY A 28 -12.52 8.87 -12.50
N HIS A 29 -11.69 8.87 -11.46
CA HIS A 29 -10.41 9.57 -11.48
C HIS A 29 -9.42 8.87 -10.54
N PRO A 30 -8.11 8.94 -10.84
CA PRO A 30 -7.07 8.28 -10.07
C PRO A 30 -6.90 8.93 -8.69
N ILE A 31 -6.34 8.16 -7.76
CA ILE A 31 -6.09 8.60 -6.39
C ILE A 31 -4.69 8.20 -5.96
N TYR A 32 -4.16 8.93 -4.97
CA TYR A 32 -2.75 8.83 -4.59
C TYR A 32 -2.56 8.26 -3.18
N LEU A 33 -2.04 7.03 -3.11
CA LEU A 33 -1.76 6.37 -1.84
C LEU A 33 -0.42 6.86 -1.30
N LEU A 34 -0.48 7.73 -0.27
CA LEU A 34 0.70 8.32 0.35
C LEU A 34 1.04 7.62 1.66
N PRO A 35 2.29 7.74 2.13
CA PRO A 35 2.68 7.29 3.46
C PRO A 35 2.10 8.28 4.49
N PHE A 36 1.85 7.81 5.71
CA PHE A 36 1.25 8.65 6.74
C PHE A 36 2.32 9.42 7.53
N GLY A 37 3.16 10.17 6.80
CA GLY A 37 4.24 10.94 7.39
C GLY A 37 5.20 11.44 6.32
N SER A 38 6.45 11.72 6.70
CA SER A 38 7.49 12.14 5.77
C SER A 38 7.58 11.14 4.62
N ASN A 39 7.63 11.63 3.38
CA ASN A 39 7.56 10.79 2.19
C ASN A 39 8.85 10.01 1.93
N GLU A 40 9.56 9.60 2.99
CA GLU A 40 10.73 8.74 2.86
C GLU A 40 10.71 7.62 3.91
N ASN A 41 9.51 7.26 4.40
CA ASN A 41 9.36 6.16 5.35
C ASN A 41 7.95 5.59 5.30
N TRP A 42 7.77 4.43 4.67
CA TRP A 42 6.46 3.76 4.65
C TRP A 42 6.22 2.98 5.93
N SER A 43 6.87 3.37 7.04
CA SER A 43 6.82 2.66 8.29
C SER A 43 6.14 3.49 9.38
N ARG A 44 5.19 4.35 8.99
CA ARG A 44 4.40 5.13 9.93
C ARG A 44 2.92 5.10 9.52
N GLY A 45 2.52 4.05 8.80
CA GLY A 45 1.17 3.91 8.28
C GLY A 45 1.07 4.51 6.87
N MET A 46 -0.09 4.35 6.23
CA MET A 46 -0.35 4.92 4.92
C MET A 46 -1.75 5.55 4.87
N VAL A 47 -1.90 6.55 4.01
CA VAL A 47 -3.13 7.31 3.86
C VAL A 47 -3.50 7.46 2.40
N LEU A 48 -4.70 6.98 2.04
CA LEU A 48 -5.23 7.10 0.71
C LEU A 48 -5.80 8.51 0.51
N ALA A 49 -5.29 9.25 -0.47
CA ALA A 49 -5.67 10.64 -0.67
C ALA A 49 -6.09 10.94 -2.11
N LYS A 50 -7.33 11.43 -2.28
CA LYS A 50 -7.86 11.85 -3.57
C LYS A 50 -7.60 13.34 -3.79
N LEU A 51 -7.79 13.78 -5.02
CA LEU A 51 -7.59 15.17 -5.41
C LEU A 51 -8.84 15.65 -6.15
N ASN A 52 -9.62 16.49 -5.47
CA ASN A 52 -10.88 16.99 -6.01
C ASN A 52 -10.59 18.03 -7.09
N GLN A 53 -10.76 17.65 -8.35
CA GLN A 53 -10.39 18.49 -9.49
C GLN A 53 -11.36 19.66 -9.70
N THR A 54 -12.07 20.11 -8.66
CA THR A 54 -12.91 21.29 -8.74
C THR A 54 -12.75 22.20 -7.52
N THR A 55 -11.85 21.84 -6.60
CA THR A 55 -11.46 22.67 -5.46
C THR A 55 -9.99 22.46 -5.12
N ASN A 56 -9.20 22.03 -6.10
CA ASN A 56 -7.77 21.74 -6.00
C ASN A 56 -7.30 21.43 -4.57
N LYS A 57 -7.91 20.43 -3.92
CA LYS A 57 -7.56 20.05 -2.56
C LYS A 57 -7.43 18.54 -2.38
N THR A 58 -6.38 18.15 -1.67
CA THR A 58 -6.07 16.76 -1.37
C THR A 58 -6.91 16.27 -0.19
N GLU A 59 -7.94 15.47 -0.46
CA GLU A 59 -8.85 14.99 0.56
C GLU A 59 -8.45 13.60 1.06
N LEU A 60 -8.32 13.48 2.38
CA LEU A 60 -7.91 12.23 3.02
C LEU A 60 -9.09 11.26 3.05
N ILE A 61 -8.95 10.10 2.40
CA ILE A 61 -10.05 9.15 2.27
C ILE A 61 -10.04 8.12 3.41
N HIS A 62 -8.87 7.51 3.67
CA HIS A 62 -8.72 6.45 4.66
C HIS A 62 -7.33 6.49 5.31
N GLN A 63 -7.23 6.14 6.59
CA GLN A 63 -5.97 6.18 7.33
C GLN A 63 -5.66 4.82 7.98
N TRP A 64 -4.65 4.13 7.47
CA TRP A 64 -4.14 2.90 8.08
C TRP A 64 -2.92 3.23 8.94
N GLN A 65 -2.99 2.91 10.23
CA GLN A 65 -1.86 3.12 11.13
C GLN A 65 -1.65 1.89 12.01
N TRP A 66 -0.62 1.10 11.69
CA TRP A 66 -0.25 -0.06 12.49
C TRP A 66 0.58 0.39 13.70
N SER A 67 -0.04 0.39 14.88
CA SER A 67 0.62 0.77 16.13
C SER A 67 1.49 -0.36 16.67
N SER A 68 2.42 -0.84 15.84
CA SER A 68 3.35 -1.90 16.20
C SER A 68 4.75 -1.52 15.75
N ASN A 69 5.60 -1.10 16.70
CA ASN A 69 6.94 -0.63 16.39
C ASN A 69 7.97 -1.78 16.41
N SER A 70 7.69 -2.86 15.69
CA SER A 70 8.64 -3.95 15.53
C SER A 70 8.71 -4.43 14.08
N TRP A 71 8.35 -3.57 13.13
CA TRP A 71 8.41 -3.90 11.72
C TRP A 71 8.83 -2.70 10.89
N ASN A 72 10.09 -2.68 10.44
CA ASN A 72 10.58 -1.63 9.57
C ASN A 72 10.05 -1.90 8.16
N ILE A 73 9.04 -1.13 7.74
CA ILE A 73 8.42 -1.29 6.44
C ILE A 73 9.31 -0.65 5.36
N ASN A 74 10.02 -1.48 4.60
CA ASN A 74 10.85 -1.00 3.51
C ASN A 74 10.20 -1.32 2.17
N TRP A 75 9.60 -0.32 1.51
CA TRP A 75 9.04 -0.53 0.19
C TRP A 75 10.20 -0.61 -0.82
N LYS A 76 10.60 -1.84 -1.14
CA LYS A 76 11.72 -2.10 -2.03
C LYS A 76 11.25 -2.03 -3.48
N GLY A 77 10.64 -0.91 -3.85
CA GLY A 77 10.19 -0.63 -5.21
C GLY A 77 11.23 0.16 -5.99
N VAL A 78 10.77 0.87 -7.02
CA VAL A 78 11.60 1.76 -7.81
C VAL A 78 12.30 2.75 -6.89
N ASP A 79 13.56 3.09 -7.20
CA ASP A 79 14.38 3.98 -6.37
C ASP A 79 13.95 5.45 -6.50
N SER A 80 12.64 5.67 -6.56
CA SER A 80 12.03 7.00 -6.59
C SER A 80 10.84 7.00 -5.65
N ASN A 81 10.99 7.62 -4.47
CA ASN A 81 9.92 7.70 -3.48
C ASN A 81 8.79 8.58 -4.04
N HIS A 82 7.76 7.92 -4.57
CA HIS A 82 6.67 8.60 -5.24
C HIS A 82 5.30 8.04 -4.83
N ARG A 83 4.30 8.92 -4.78
CA ARG A 83 2.92 8.54 -4.48
C ARG A 83 2.47 7.43 -5.42
N ILE A 84 1.90 6.36 -4.86
CA ILE A 84 1.47 5.23 -5.67
C ILE A 84 0.17 5.59 -6.38
N ILE A 85 0.26 5.89 -7.68
CA ILE A 85 -0.87 6.32 -8.48
C ILE A 85 -1.79 5.15 -8.80
N ILE A 86 -2.92 5.06 -8.12
CA ILE A 86 -3.91 4.01 -8.33
C ILE A 86 -4.90 4.45 -9.40
N SER A 87 -4.77 3.90 -10.62
CA SER A 87 -5.66 4.22 -11.73
C SER A 87 -7.08 3.77 -11.44
N ASN A 88 -8.07 4.55 -11.89
CA ASN A 88 -9.47 4.25 -11.65
C ASN A 88 -10.03 3.17 -12.58
N ILE A 89 -9.22 2.17 -12.94
CA ILE A 89 -9.70 1.03 -13.72
C ILE A 89 -9.22 -0.28 -13.09
N PRO A 90 -9.97 -1.37 -13.30
CA PRO A 90 -9.78 -2.64 -12.61
C PRO A 90 -8.40 -3.28 -12.75
N ASN A 91 -7.65 -2.98 -13.81
CA ASN A 91 -6.39 -3.67 -14.07
C ASN A 91 -5.26 -2.71 -14.47
N ARG A 92 -5.17 -1.54 -13.81
CA ARG A 92 -4.06 -0.63 -13.99
C ARG A 92 -3.65 -0.05 -12.64
N ALA A 93 -3.47 -0.93 -11.65
CA ALA A 93 -3.15 -0.54 -10.29
C ALA A 93 -2.03 -1.40 -9.73
N MET A 94 -0.90 -1.44 -10.43
CA MET A 94 0.28 -2.19 -10.01
C MET A 94 1.54 -1.34 -10.20
N SER A 95 2.06 -0.84 -9.10
CA SER A 95 3.30 -0.07 -9.07
C SER A 95 4.46 -1.02 -8.76
N ASN A 96 5.53 -0.95 -9.54
CA ASN A 96 6.68 -1.83 -9.37
C ASN A 96 7.30 -1.68 -7.99
N GLY A 97 7.05 -2.64 -7.10
CA GLY A 97 7.64 -2.65 -5.78
C GLY A 97 6.95 -3.63 -4.83
N LYS A 98 7.69 -4.03 -3.79
CA LYS A 98 7.26 -4.98 -2.77
C LYS A 98 7.64 -4.48 -1.37
N PHE A 99 6.74 -4.63 -0.40
CA PHE A 99 6.97 -4.20 0.97
C PHE A 99 7.73 -5.25 1.76
N ILE A 100 9.03 -5.02 1.99
CA ILE A 100 9.87 -5.90 2.79
C ILE A 100 9.83 -5.46 4.25
N LEU A 101 9.10 -6.21 5.08
CA LEU A 101 9.05 -5.96 6.52
C LEU A 101 10.29 -6.56 7.16
N ASN A 102 10.94 -5.81 8.04
CA ASN A 102 12.17 -6.24 8.68
C ASN A 102 12.16 -5.95 10.18
N ASN A 103 12.04 -7.00 10.99
CA ASN A 103 12.06 -6.84 12.43
C ASN A 103 13.52 -6.77 12.90
N LYS A 104 13.99 -5.57 13.24
CA LYS A 104 15.41 -5.31 13.49
C LYS A 104 15.87 -5.58 14.93
N ARG A 105 15.16 -6.44 15.66
CA ARG A 105 15.62 -6.91 16.98
C ARG A 105 15.44 -8.42 17.15
N THR A 106 14.98 -9.06 16.08
CA THR A 106 14.88 -10.50 15.95
C THR A 106 14.99 -10.85 14.47
N ASN A 107 16.08 -10.39 13.86
CA ASN A 107 16.35 -10.38 12.42
C ASN A 107 15.48 -11.35 11.63
N GLU A 108 14.28 -10.87 11.28
CA GLU A 108 13.32 -11.59 10.48
C GLU A 108 12.82 -10.71 9.33
N LYS A 109 12.62 -11.31 8.16
CA LYS A 109 12.27 -10.58 6.94
C LYS A 109 11.05 -11.19 6.28
N VAL A 110 10.00 -10.39 6.13
CA VAL A 110 8.72 -10.82 5.54
C VAL A 110 8.45 -10.04 4.26
N VAL A 111 8.64 -10.69 3.10
CA VAL A 111 8.48 -10.05 1.80
C VAL A 111 7.01 -10.10 1.34
N VAL A 112 6.32 -8.96 1.44
CA VAL A 112 4.97 -8.80 0.91
C VAL A 112 5.04 -8.31 -0.53
N THR A 113 4.79 -9.21 -1.48
CA THR A 113 4.87 -8.90 -2.90
C THR A 113 3.56 -9.21 -3.61
N LEU A 114 2.94 -8.19 -4.20
CA LEU A 114 1.70 -8.32 -4.96
C LEU A 114 1.99 -8.85 -6.36
N ASN A 115 2.65 -10.01 -6.44
CA ASN A 115 3.05 -10.63 -7.69
C ASN A 115 1.87 -11.30 -8.40
N ARG A 116 0.80 -10.53 -8.65
CA ARG A 116 -0.39 -11.00 -9.36
C ARG A 116 -0.02 -11.28 -10.81
N LEU A 117 0.09 -12.57 -11.16
CA LEU A 117 0.43 -13.00 -12.51
C LEU A 117 -0.48 -14.14 -12.93
N GLY A 118 -1.46 -13.83 -13.78
CA GLY A 118 -2.39 -14.83 -14.30
C GLY A 118 -1.84 -15.48 -15.56
N ARG A 119 -2.15 -16.76 -15.76
CA ARG A 119 -1.71 -17.53 -16.92
C ARG A 119 -2.86 -18.36 -17.49
N VAL A 120 -3.95 -17.66 -17.81
CA VAL A 120 -5.16 -18.24 -18.36
C VAL A 120 -4.91 -18.91 -19.70
N ARG A 121 -5.51 -20.09 -19.90
CA ARG A 121 -5.39 -20.84 -21.15
C ARG A 121 -6.02 -20.07 -22.30
N VAL A 122 -5.18 -19.48 -23.15
CA VAL A 122 -5.62 -18.71 -24.31
C VAL A 122 -6.24 -19.64 -25.36
N GLY A 123 -7.57 -19.63 -25.47
CA GLY A 123 -8.30 -20.46 -26.41
C GLY A 123 -8.13 -19.95 -27.85
N GLY A 124 -8.59 -20.75 -28.80
CA GLY A 124 -8.51 -20.40 -30.22
C GLY A 124 -9.58 -19.40 -30.64
N ASN A 125 -10.49 -19.04 -29.72
CA ASN A 125 -11.57 -18.11 -30.00
C ASN A 125 -11.04 -16.70 -30.28
#